data_2AWA
#
_entry.id   2AWA
#
_cell.length_a   94.060
_cell.length_b   70.720
_cell.length_c   135.440
_cell.angle_alpha   90.000
_cell.angle_beta   91.040
_cell.angle_gamma   90.000
#
_symmetry.space_group_name_H-M   'P 1 21 1'
#
loop_
_entity.id
_entity.type
_entity.pdbx_description
1 polymer 'DNA polymerase III, beta chain'
2 non-polymer GLYCEROL
3 water water
#
_entity_poly.entity_id   1
_entity_poly.type   'polypeptide(L)'
_entity_poly.pdbx_seq_one_letter_code
;(MSE)GSDKIHHHHHH(MSE)IHFSINKNLFLQALNTTKRAISSKNAIPILSTVKIDVTNEGITLIGSNGQISIENFISQ
KNEDAGLLITSLGSILLEASFFINVVSSLPDVTLDFKEIEQNQIVLTSGKSEITLKGKDSEQYPRIQEISASTPLILETK
LLKKIINETAFAASTQESRPILTGVHFVLSQHKELKTVATDSHRLSQKKLTLEKNSDDFDVVIPSRSLREFSAVFTDDIE
TVEIFFANNQILFRSENISFYTRLLEGNYPDTDRLIPTDFNTTITFNVVNLRQS(MSE)ERARLLSSATQNGTVKLEIKD
GVVSAHVHSPEVGKVNEEIDTDQVTGEDLTISFNPTYLIDSLKALNSEKVTISFISAVRPFTLVPADTDEDF(MSE)QLI
TPVRTN
;
_entity_poly.pdbx_strand_id   A,B,C,D
#
# COMPACT_ATOMS: atom_id res chain seq x y z
N ILE A 14 -20.48 -27.87 -42.27
CA ILE A 14 -20.09 -27.80 -40.86
C ILE A 14 -21.29 -27.53 -40.02
N HIS A 15 -21.42 -28.24 -38.90
CA HIS A 15 -22.28 -27.84 -37.82
C HIS A 15 -21.77 -28.35 -36.48
N PHE A 16 -21.39 -27.42 -35.60
CA PHE A 16 -21.02 -27.79 -34.23
C PHE A 16 -21.53 -26.73 -33.24
N SER A 17 -21.52 -27.13 -31.97
CA SER A 17 -21.78 -26.21 -30.88
C SER A 17 -20.63 -26.33 -29.89
N ILE A 18 -20.38 -25.24 -29.16
CA ILE A 18 -19.17 -25.18 -28.34
C ILE A 18 -19.29 -24.08 -27.34
N ASN A 19 -18.55 -24.22 -26.25
CA ASN A 19 -18.37 -23.18 -25.27
C ASN A 19 -17.62 -22.03 -25.95
N LYS A 20 -18.18 -20.84 -25.84
CA LYS A 20 -17.66 -19.70 -26.54
C LYS A 20 -16.27 -19.32 -26.05
N ASN A 21 -16.11 -19.18 -24.73
CA ASN A 21 -14.81 -18.82 -24.15
C ASN A 21 -13.60 -19.72 -24.50
N LEU A 22 -13.81 -21.03 -24.55
CA LEU A 22 -12.74 -21.93 -24.98
C LEU A 22 -12.47 -21.79 -26.48
N PHE A 23 -13.52 -21.53 -27.26
CA PHE A 23 -13.38 -21.35 -28.70
C PHE A 23 -12.57 -20.09 -28.88
N LEU A 24 -12.94 -19.03 -28.15
CA LEU A 24 -12.30 -17.74 -28.28
C LEU A 24 -10.84 -17.84 -27.89
N GLN A 25 -10.55 -18.47 -26.76
CA GLN A 25 -9.17 -18.73 -26.35
C GLN A 25 -8.38 -19.46 -27.46
N ALA A 26 -8.96 -20.50 -28.04
CA ALA A 26 -8.29 -21.22 -29.14
C ALA A 26 -8.08 -20.37 -30.39
N LEU A 27 -9.01 -19.49 -30.69
CA LEU A 27 -8.86 -18.64 -31.88
C LEU A 27 -7.76 -17.59 -31.65
N ASN A 28 -7.70 -17.00 -30.44
CA ASN A 28 -6.69 -16.01 -30.10
C ASN A 28 -5.28 -16.58 -30.09
N THR A 29 -5.13 -17.89 -29.87
CA THR A 29 -3.83 -18.53 -29.94
C THR A 29 -3.41 -18.67 -31.40
N THR A 30 -4.30 -19.23 -32.21
CA THR A 30 -4.11 -19.36 -33.65
C THR A 30 -3.82 -17.99 -34.30
N LYS A 31 -4.51 -16.94 -33.83
CA LYS A 31 -4.31 -15.63 -34.40
C LYS A 31 -2.87 -15.20 -34.30
N ARG A 32 -2.15 -15.71 -33.30
CA ARG A 32 -0.78 -15.29 -33.10
C ARG A 32 0.01 -15.39 -34.41
N ALA A 33 -0.38 -16.33 -35.28
CA ALA A 33 0.30 -16.59 -36.55
C ALA A 33 -0.39 -15.99 -37.79
N ILE A 34 -1.41 -15.17 -37.58
CA ILE A 34 -2.15 -14.51 -38.67
C ILE A 34 -1.96 -12.99 -38.60
N SER A 35 -1.40 -12.40 -39.65
CA SER A 35 -1.30 -10.93 -39.80
C SER A 35 -2.43 -10.37 -40.68
N SER A 36 -2.82 -9.11 -40.43
CA SER A 36 -3.88 -8.46 -41.20
C SER A 36 -3.45 -8.17 -42.66
N LYS A 37 -2.24 -7.62 -42.85
CA LYS A 37 -1.65 -7.43 -44.19
C LYS A 37 -0.73 -8.60 -44.56
N ASN A 38 -0.80 -9.04 -45.80
CA ASN A 38 -0.06 -10.21 -46.30
C ASN A 38 0.24 -10.12 -47.77
N ALA A 39 1.43 -10.57 -48.18
CA ALA A 39 1.74 -10.73 -49.60
C ALA A 39 0.76 -11.74 -50.21
N ILE A 40 0.53 -12.86 -49.51
CA ILE A 40 -0.49 -13.84 -49.93
C ILE A 40 -1.81 -13.55 -49.19
N PRO A 41 -2.74 -12.84 -49.84
CA PRO A 41 -3.93 -12.30 -49.15
C PRO A 41 -4.76 -13.29 -48.32
N ILE A 42 -4.85 -14.55 -48.76
CA ILE A 42 -5.67 -15.57 -48.11
C ILE A 42 -5.16 -15.95 -46.70
N LEU A 43 -3.92 -15.58 -46.40
CA LEU A 43 -3.36 -15.85 -45.08
C LEU A 43 -3.87 -14.94 -43.95
N SER A 44 -4.75 -13.99 -44.26
CA SER A 44 -5.40 -13.19 -43.20
C SER A 44 -6.59 -13.93 -42.54
N THR A 45 -6.95 -15.09 -43.10
CA THR A 45 -8.06 -15.90 -42.62
C THR A 45 -7.62 -16.97 -41.66
N VAL A 46 -8.55 -17.41 -40.82
CA VAL A 46 -8.35 -18.64 -40.08
C VAL A 46 -9.10 -19.75 -40.78
N LYS A 47 -8.47 -20.92 -40.88
CA LYS A 47 -9.07 -22.13 -41.48
C LYS A 47 -9.64 -22.97 -40.34
N ILE A 48 -10.91 -23.34 -40.45
CA ILE A 48 -11.59 -24.15 -39.48
C ILE A 48 -11.91 -25.51 -40.13
N ASP A 49 -11.22 -26.58 -39.72
CA ASP A 49 -11.53 -27.96 -40.14
C ASP A 49 -12.28 -28.60 -39.01
N VAL A 50 -13.39 -29.26 -39.34
CA VAL A 50 -14.17 -29.95 -38.36
C VAL A 50 -14.25 -31.39 -38.80
N THR A 51 -13.84 -32.29 -37.92
CA THR A 51 -13.93 -33.74 -38.12
C THR A 51 -14.70 -34.35 -36.97
N ASN A 52 -14.90 -35.66 -37.04
CA ASN A 52 -15.46 -36.44 -35.93
C ASN A 52 -14.67 -36.28 -34.63
N GLU A 53 -13.35 -36.13 -34.76
CA GLU A 53 -12.44 -36.01 -33.61
C GLU A 53 -12.60 -34.72 -32.86
N GLY A 54 -12.83 -33.66 -33.63
CA GLY A 54 -12.76 -32.32 -33.12
C GLY A 54 -12.58 -31.28 -34.20
N ILE A 55 -12.25 -30.08 -33.74
CA ILE A 55 -12.04 -28.94 -34.61
C ILE A 55 -10.56 -28.62 -34.60
N THR A 56 -9.99 -28.42 -35.78
CA THR A 56 -8.63 -27.95 -35.91
C THR A 56 -8.67 -26.52 -36.42
N LEU A 57 -8.09 -25.60 -35.68
CA LEU A 57 -7.91 -24.23 -36.16
C LEU A 57 -6.51 -24.05 -36.75
N ILE A 58 -6.43 -23.50 -37.97
CA ILE A 58 -5.14 -23.27 -38.61
C ILE A 58 -4.97 -21.81 -39.02
N GLY A 59 -3.80 -21.27 -38.69
CA GLY A 59 -3.36 -19.95 -39.16
C GLY A 59 -1.87 -19.99 -39.54
N SER A 60 -1.44 -19.05 -40.37
CA SER A 60 -0.06 -19.00 -40.79
C SER A 60 0.16 -17.73 -41.51
N ASN A 61 1.38 -17.21 -41.42
CA ASN A 61 1.78 -15.94 -42.03
C ASN A 61 2.90 -16.08 -43.02
N GLY A 62 3.29 -17.31 -43.33
CA GLY A 62 4.40 -17.55 -44.25
C GLY A 62 5.70 -17.83 -43.53
N GLN A 63 5.83 -17.39 -42.27
CA GLN A 63 7.04 -17.66 -41.44
C GLN A 63 6.77 -18.72 -40.37
N ILE A 64 5.63 -18.59 -39.72
CA ILE A 64 5.16 -19.54 -38.72
C ILE A 64 3.74 -20.03 -39.04
N SER A 65 3.38 -21.17 -38.48
CA SER A 65 2.05 -21.76 -38.67
C SER A 65 1.62 -22.30 -37.34
N ILE A 66 0.34 -22.17 -37.02
CA ILE A 66 -0.19 -22.76 -35.79
C ILE A 66 -1.37 -23.62 -36.15
N GLU A 67 -1.42 -24.81 -35.59
CA GLU A 67 -2.58 -25.66 -35.68
C GLU A 67 -3.01 -25.89 -34.25
N ASN A 68 -4.24 -25.55 -33.93
CA ASN A 68 -4.77 -25.71 -32.59
C ASN A 68 -5.99 -26.64 -32.65
N PHE A 69 -5.90 -27.78 -31.99
CA PHE A 69 -6.93 -28.82 -32.02
C PHE A 69 -7.78 -28.78 -30.76
N ILE A 70 -9.09 -28.76 -30.94
CA ILE A 70 -10.06 -28.93 -29.86
C ILE A 70 -10.74 -30.27 -30.08
N SER A 71 -10.63 -31.16 -29.11
CA SER A 71 -11.22 -32.49 -29.20
C SER A 71 -12.70 -32.48 -28.75
N GLN A 72 -13.58 -33.23 -29.41
CA GLN A 72 -14.95 -33.43 -28.87
C GLN A 72 -14.95 -34.00 -27.47
N LYS A 73 -13.99 -34.89 -27.20
CA LYS A 73 -13.79 -35.50 -25.88
C LYS A 73 -13.29 -34.50 -24.79
N ASN A 74 -12.76 -33.34 -25.19
CA ASN A 74 -12.39 -32.31 -24.22
C ASN A 74 -13.59 -31.86 -23.38
N GLU A 75 -13.56 -32.14 -22.08
CA GLU A 75 -14.71 -31.89 -21.20
C GLU A 75 -15.04 -30.40 -21.10
N ASP A 76 -14.02 -29.55 -21.16
CA ASP A 76 -14.17 -28.10 -21.01
C ASP A 76 -14.78 -27.39 -22.22
N ALA A 77 -14.71 -28.00 -23.40
CA ALA A 77 -15.11 -27.31 -24.64
C ALA A 77 -16.61 -27.32 -24.84
N GLY A 78 -17.27 -28.33 -24.30
CA GLY A 78 -18.70 -28.52 -24.50
C GLY A 78 -19.03 -28.63 -25.97
N LEU A 79 -18.19 -29.35 -26.69
CA LEU A 79 -18.22 -29.36 -28.15
C LEU A 79 -19.11 -30.51 -28.62
N LEU A 80 -20.12 -30.20 -29.42
CA LEU A 80 -20.92 -31.25 -30.06
C LEU A 80 -20.96 -31.02 -31.54
N ILE A 81 -20.48 -32.01 -32.28
CA ILE A 81 -20.30 -31.91 -33.72
C ILE A 81 -21.34 -32.78 -34.35
N THR A 82 -22.17 -32.21 -35.22
CA THR A 82 -23.23 -32.99 -35.89
C THR A 82 -23.05 -33.00 -37.38
N SER A 83 -22.19 -32.15 -37.91
CA SER A 83 -21.91 -32.22 -39.33
C SER A 83 -20.50 -31.72 -39.66
N LEU A 84 -19.80 -32.39 -40.56
CA LEU A 84 -18.37 -32.09 -40.82
C LEU A 84 -18.13 -31.13 -41.96
N GLY A 85 -16.88 -30.69 -42.10
CA GLY A 85 -16.47 -29.83 -43.20
C GLY A 85 -15.38 -28.86 -42.82
N SER A 86 -15.25 -27.81 -43.61
CA SER A 86 -14.13 -26.90 -43.49
C SER A 86 -14.42 -25.56 -44.16
N ILE A 87 -13.92 -24.47 -43.58
CA ILE A 87 -14.13 -23.14 -44.13
C ILE A 87 -13.06 -22.16 -43.68
N LEU A 88 -12.95 -21.03 -44.39
CA LEU A 88 -12.08 -19.92 -44.01
C LEU A 88 -12.87 -18.73 -43.61
N LEU A 89 -12.46 -18.08 -42.53
CA LEU A 89 -13.02 -16.79 -42.13
C LEU A 89 -11.90 -15.80 -41.90
N GLU A 90 -12.13 -14.54 -42.24
CA GLU A 90 -11.16 -13.49 -41.94
C GLU A 90 -10.98 -13.39 -40.44
N ALA A 91 -9.79 -13.72 -39.96
CA ALA A 91 -9.56 -13.89 -38.52
C ALA A 91 -9.96 -12.70 -37.62
N SER A 92 -9.40 -11.52 -37.84
CA SER A 92 -9.67 -10.42 -36.88
C SER A 92 -11.16 -10.15 -36.72
N PHE A 93 -11.87 -10.02 -37.83
CA PHE A 93 -13.29 -9.73 -37.77
C PHE A 93 -14.05 -10.85 -37.04
N PHE A 94 -13.81 -12.10 -37.43
CA PHE A 94 -14.51 -13.23 -36.88
C PHE A 94 -14.29 -13.31 -35.38
N ILE A 95 -13.04 -13.18 -35.00
CA ILE A 95 -12.67 -13.23 -33.60
C ILE A 95 -13.34 -12.14 -32.82
N ASN A 96 -13.48 -10.96 -33.41
CA ASN A 96 -14.23 -9.87 -32.76
C ASN A 96 -15.71 -10.14 -32.61
N VAL A 97 -16.30 -10.79 -33.59
CA VAL A 97 -17.70 -11.12 -33.56
C VAL A 97 -17.96 -12.16 -32.46
N VAL A 98 -17.18 -13.24 -32.46
CA VAL A 98 -17.35 -14.29 -31.46
C VAL A 98 -17.22 -13.69 -30.05
N SER A 99 -16.11 -12.99 -29.87
CA SER A 99 -15.90 -12.27 -28.62
C SER A 99 -17.13 -11.44 -28.18
N SER A 100 -17.91 -10.90 -29.12
CA SER A 100 -19.05 -10.03 -28.77
C SER A 100 -20.35 -10.75 -28.44
N LEU A 101 -20.41 -12.04 -28.70
CA LEU A 101 -21.64 -12.81 -28.54
C LEU A 101 -22.03 -12.96 -27.06
N PRO A 102 -23.35 -12.95 -26.75
CA PRO A 102 -23.80 -12.84 -25.36
C PRO A 102 -23.83 -14.13 -24.54
N ASP A 103 -24.21 -15.26 -25.13
CA ASP A 103 -24.42 -16.51 -24.37
C ASP A 103 -23.09 -17.27 -24.18
N VAL A 104 -23.08 -18.23 -23.27
CA VAL A 104 -21.88 -19.00 -22.96
C VAL A 104 -21.59 -20.09 -24.00
N THR A 105 -22.59 -20.59 -24.71
CA THR A 105 -22.35 -21.52 -25.82
C THR A 105 -22.74 -20.89 -27.16
N LEU A 106 -22.22 -21.49 -28.22
CA LEU A 106 -22.26 -20.92 -29.54
C LEU A 106 -22.66 -22.02 -30.47
N ASP A 107 -23.56 -21.73 -31.39
CA ASP A 107 -23.89 -22.66 -32.46
C ASP A 107 -23.20 -22.15 -33.72
N PHE A 108 -22.47 -23.01 -34.40
CA PHE A 108 -21.74 -22.67 -35.60
C PHE A 108 -22.28 -23.51 -36.74
N LYS A 109 -23.08 -22.91 -37.63
CA LYS A 109 -23.70 -23.66 -38.72
C LYS A 109 -23.31 -23.08 -40.06
N GLU A 110 -22.72 -23.92 -40.91
CA GLU A 110 -22.46 -23.53 -42.30
C GLU A 110 -23.73 -23.64 -43.14
N ILE A 111 -23.97 -22.64 -43.98
CA ILE A 111 -25.07 -22.65 -44.94
C ILE A 111 -24.57 -22.41 -46.38
N GLU A 112 -25.50 -22.21 -47.31
CA GLU A 112 -25.16 -21.87 -48.69
C GLU A 112 -24.09 -20.77 -48.80
N GLN A 113 -23.19 -20.95 -49.78
CA GLN A 113 -22.24 -19.93 -50.25
C GLN A 113 -21.17 -19.53 -49.24
N ASN A 114 -20.61 -20.55 -48.57
CA ASN A 114 -19.58 -20.35 -47.56
C ASN A 114 -19.91 -19.31 -46.52
N GLN A 115 -21.15 -19.31 -46.07
CA GLN A 115 -21.56 -18.44 -44.98
C GLN A 115 -21.68 -19.25 -43.71
N ILE A 116 -21.38 -18.62 -42.58
CA ILE A 116 -21.50 -19.25 -41.28
C ILE A 116 -22.49 -18.46 -40.51
N VAL A 117 -23.54 -19.12 -40.03
CA VAL A 117 -24.51 -18.55 -39.09
C VAL A 117 -24.00 -18.86 -37.70
N LEU A 118 -23.75 -17.81 -36.91
CA LEU A 118 -23.36 -17.94 -35.51
C LEU A 118 -24.57 -17.60 -34.66
N THR A 119 -25.04 -18.53 -33.85
CA THR A 119 -26.21 -18.24 -33.01
C THR A 119 -25.81 -18.35 -31.55
N SER A 120 -26.09 -17.28 -30.80
CA SER A 120 -25.73 -17.20 -29.40
C SER A 120 -26.86 -16.50 -28.72
N GLY A 121 -27.72 -17.28 -28.09
CA GLY A 121 -28.86 -16.76 -27.42
C GLY A 121 -29.85 -16.20 -28.40
N LYS A 122 -30.32 -14.97 -28.16
CA LYS A 122 -31.27 -14.34 -29.04
C LYS A 122 -30.55 -13.62 -30.21
N SER A 123 -29.24 -13.75 -30.29
CA SER A 123 -28.46 -13.06 -31.31
C SER A 123 -27.99 -14.05 -32.41
N GLU A 124 -28.31 -13.75 -33.66
CA GLU A 124 -27.91 -14.56 -34.81
C GLU A 124 -27.09 -13.68 -35.76
N ILE A 125 -25.85 -14.08 -35.99
CA ILE A 125 -24.94 -13.31 -36.83
C ILE A 125 -24.32 -14.22 -37.90
N THR A 126 -24.55 -13.85 -39.17
CA THR A 126 -24.13 -14.62 -40.34
C THR A 126 -22.89 -13.95 -40.94
N LEU A 127 -21.87 -14.71 -41.25
CA LEU A 127 -20.64 -14.15 -41.81
C LEU A 127 -20.27 -14.81 -43.14
N LYS A 128 -19.88 -14.02 -44.13
CA LYS A 128 -19.40 -14.55 -45.40
C LYS A 128 -17.97 -15.05 -45.20
N GLY A 129 -17.74 -16.32 -45.54
CA GLY A 129 -16.42 -16.91 -45.46
C GLY A 129 -16.01 -17.25 -46.86
N LYS A 130 -15.01 -18.12 -46.98
CA LYS A 130 -14.43 -18.52 -48.24
C LYS A 130 -14.22 -20.05 -48.27
N ASP A 131 -14.29 -20.64 -49.46
CA ASP A 131 -13.93 -22.03 -49.62
C ASP A 131 -12.48 -22.23 -49.21
N SER A 132 -12.21 -23.34 -48.55
CA SER A 132 -10.91 -23.57 -47.95
C SER A 132 -9.92 -24.29 -48.84
N GLU A 133 -10.32 -24.68 -50.05
CA GLU A 133 -9.40 -25.41 -50.94
C GLU A 133 -8.22 -24.52 -51.36
N GLN A 134 -8.42 -23.21 -51.30
CA GLN A 134 -7.39 -22.26 -51.73
C GLN A 134 -6.34 -21.96 -50.65
N TYR A 135 -6.60 -22.35 -49.40
CA TYR A 135 -5.68 -22.13 -48.29
C TYR A 135 -4.54 -23.10 -48.45
N PRO A 136 -3.29 -22.65 -48.20
CA PRO A 136 -2.17 -23.54 -48.46
C PRO A 136 -1.96 -24.54 -47.34
N ARG A 137 -1.51 -25.74 -47.69
CA ARG A 137 -1.27 -26.78 -46.72
C ARG A 137 -0.06 -26.44 -45.89
N ILE A 138 -0.08 -26.80 -44.61
CA ILE A 138 1.11 -26.73 -43.77
C ILE A 138 1.96 -27.94 -44.11
N GLN A 139 3.26 -27.74 -44.31
CA GLN A 139 4.16 -28.82 -44.70
C GLN A 139 4.51 -29.69 -43.48
N GLU A 140 4.24 -30.99 -43.56
CA GLU A 140 4.57 -31.94 -42.49
C GLU A 140 6.09 -32.04 -42.36
N ILE A 141 6.58 -32.07 -41.12
CA ILE A 141 7.98 -32.40 -40.86
C ILE A 141 8.13 -33.91 -40.94
N SER A 142 9.24 -34.36 -41.54
CA SER A 142 9.52 -35.80 -41.73
C SER A 142 9.52 -36.55 -40.39
N ALA A 143 9.13 -37.82 -40.44
CA ALA A 143 9.03 -38.69 -39.26
C ALA A 143 10.35 -38.73 -38.49
N SER A 144 10.27 -38.53 -37.17
CA SER A 144 11.46 -38.51 -36.30
C SER A 144 11.07 -38.58 -34.80
N THR A 145 12.05 -38.90 -33.96
CA THR A 145 11.83 -38.96 -32.52
C THR A 145 12.05 -37.58 -31.92
N PRO A 146 11.25 -37.22 -30.91
CA PRO A 146 11.22 -35.89 -30.41
C PRO A 146 12.29 -35.59 -29.39
N LEU A 147 12.53 -34.29 -29.20
CA LEU A 147 13.32 -33.73 -28.11
C LEU A 147 12.32 -32.99 -27.18
N ILE A 148 12.37 -33.29 -25.89
CA ILE A 148 11.39 -32.74 -24.94
C ILE A 148 12.08 -31.73 -24.05
N LEU A 149 11.61 -30.50 -24.06
CA LEU A 149 12.17 -29.50 -23.16
C LEU A 149 11.06 -28.89 -22.36
N GLU A 150 11.37 -28.55 -21.12
CA GLU A 150 10.45 -27.81 -20.29
C GLU A 150 10.21 -26.49 -21.01
N THR A 151 8.95 -26.10 -21.06
CA THR A 151 8.56 -24.86 -21.64
C THR A 151 9.22 -23.67 -20.93
N LYS A 152 9.30 -23.74 -19.60
CA LYS A 152 9.91 -22.64 -18.85
C LYS A 152 11.42 -22.54 -19.11
N LEU A 153 12.07 -23.65 -19.42
CA LEU A 153 13.48 -23.62 -19.83
C LEU A 153 13.61 -22.82 -21.12
N LEU A 154 12.74 -23.09 -22.09
CA LEU A 154 12.85 -22.42 -23.39
C LEU A 154 12.50 -20.95 -23.33
N LYS A 155 11.41 -20.63 -22.64
CA LYS A 155 11.07 -19.22 -22.39
C LYS A 155 12.24 -18.45 -21.78
N LYS A 156 12.95 -19.08 -20.85
CA LYS A 156 14.02 -18.43 -20.14
C LYS A 156 15.17 -18.14 -21.11
N ILE A 157 15.55 -19.13 -21.90
CA ILE A 157 16.52 -18.90 -22.97
C ILE A 157 16.09 -17.71 -23.86
N ILE A 158 14.83 -17.70 -24.28
CA ILE A 158 14.34 -16.70 -25.19
C ILE A 158 14.46 -15.30 -24.57
N ASN A 159 14.05 -15.12 -23.32
CA ASN A 159 14.26 -13.81 -22.69
C ASN A 159 15.74 -13.43 -22.49
N GLU A 160 16.60 -14.41 -22.31
CA GLU A 160 18.00 -14.16 -22.13
C GLU A 160 18.78 -13.83 -23.42
N THR A 161 18.22 -14.14 -24.60
CA THR A 161 18.98 -14.00 -25.83
C THR A 161 18.32 -13.35 -27.08
N ALA A 162 17.03 -13.56 -27.29
CA ALA A 162 16.40 -13.12 -28.56
C ALA A 162 16.54 -11.60 -28.87
N PHE A 163 16.57 -10.78 -27.83
CA PHE A 163 16.79 -9.34 -27.97
C PHE A 163 18.17 -8.93 -28.50
N ALA A 164 19.16 -9.80 -28.40
CA ALA A 164 20.50 -9.44 -28.88
C ALA A 164 20.62 -9.59 -30.40
N ALA A 165 19.68 -10.32 -30.99
CA ALA A 165 19.63 -10.55 -32.44
C ALA A 165 19.38 -9.28 -33.22
N SER A 166 19.82 -9.26 -34.46
CA SER A 166 19.60 -8.10 -35.30
C SER A 166 18.16 -7.97 -35.79
N THR A 167 17.82 -6.76 -36.20
CA THR A 167 16.56 -6.49 -36.85
C THR A 167 16.80 -6.01 -38.29
N GLN A 168 18.06 -5.91 -38.69
CA GLN A 168 18.43 -5.48 -40.04
C GLN A 168 18.28 -6.67 -40.97
N GLU A 169 17.47 -6.53 -42.02
CA GLU A 169 17.26 -7.68 -42.92
C GLU A 169 18.43 -8.01 -43.88
N SER A 170 19.53 -7.27 -43.83
CA SER A 170 20.59 -7.40 -44.83
C SER A 170 21.57 -8.53 -44.54
N ARG A 171 21.70 -8.90 -43.27
CA ARG A 171 22.37 -10.16 -42.86
C ARG A 171 21.33 -11.01 -42.12
N PRO A 172 20.40 -11.62 -42.86
CA PRO A 172 19.27 -12.34 -42.27
C PRO A 172 19.60 -13.38 -41.19
N ILE A 173 20.71 -14.10 -41.33
CA ILE A 173 21.09 -15.08 -40.35
C ILE A 173 21.29 -14.46 -38.96
N LEU A 174 21.72 -13.21 -38.88
CA LEU A 174 21.87 -12.57 -37.57
C LEU A 174 20.55 -12.23 -36.89
N THR A 175 19.44 -12.22 -37.64
CA THR A 175 18.11 -11.93 -37.06
C THR A 175 17.50 -13.12 -36.30
N GLY A 176 18.21 -14.24 -36.27
CA GLY A 176 17.77 -15.37 -35.50
C GLY A 176 18.63 -15.67 -34.29
N VAL A 177 18.20 -16.69 -33.55
CA VAL A 177 18.98 -17.23 -32.45
C VAL A 177 19.59 -18.59 -32.83
N HIS A 178 20.86 -18.74 -32.50
CA HIS A 178 21.61 -19.92 -32.88
C HIS A 178 21.51 -20.92 -31.74
N PHE A 179 20.99 -22.11 -32.01
CA PHE A 179 20.88 -23.19 -31.03
C PHE A 179 21.76 -24.35 -31.42
N VAL A 180 22.66 -24.77 -30.56
CA VAL A 180 23.52 -25.92 -30.86
C VAL A 180 23.55 -26.90 -29.70
N LEU A 181 23.16 -28.14 -29.98
CA LEU A 181 23.36 -29.22 -29.03
C LEU A 181 24.58 -29.97 -29.49
N SER A 182 25.59 -30.03 -28.63
CA SER A 182 26.77 -30.85 -28.89
C SER A 182 27.04 -31.81 -27.73
N GLN A 183 27.76 -32.89 -28.01
CA GLN A 183 28.02 -33.97 -27.04
C GLN A 183 26.75 -34.52 -26.39
N HIS A 184 25.68 -34.53 -27.18
CA HIS A 184 24.35 -35.04 -26.80
C HIS A 184 23.64 -34.38 -25.62
N LYS A 185 24.31 -33.51 -24.87
CA LYS A 185 23.67 -32.85 -23.73
C LYS A 185 24.07 -31.39 -23.53
N GLU A 186 24.90 -30.85 -24.42
CA GLU A 186 25.47 -29.51 -24.21
C GLU A 186 24.80 -28.48 -25.12
N LEU A 187 23.91 -27.67 -24.55
CA LEU A 187 23.10 -26.72 -25.32
C LEU A 187 23.66 -25.28 -25.25
N LYS A 188 24.06 -24.74 -26.39
CA LYS A 188 24.48 -23.34 -26.47
C LYS A 188 23.45 -22.61 -27.30
N THR A 189 23.00 -21.47 -26.80
CA THR A 189 22.15 -20.57 -27.56
C THR A 189 22.73 -19.16 -27.53
N VAL A 190 22.85 -18.55 -28.70
CA VAL A 190 23.53 -17.29 -28.81
C VAL A 190 22.84 -16.41 -29.85
N ALA A 191 22.85 -15.11 -29.57
CA ALA A 191 22.38 -14.15 -30.53
C ALA A 191 23.31 -12.96 -30.53
N THR A 192 23.43 -12.33 -31.70
CA THR A 192 24.18 -11.10 -31.80
C THR A 192 23.75 -10.30 -33.01
N ASP A 193 23.98 -9.01 -32.94
CA ASP A 193 23.71 -8.10 -34.03
C ASP A 193 25.00 -7.40 -34.49
N SER A 194 26.15 -7.96 -34.09
CA SER A 194 27.50 -7.41 -34.33
C SER A 194 27.94 -6.36 -33.32
N HIS A 195 27.02 -5.76 -32.57
CA HIS A 195 27.41 -4.71 -31.60
C HIS A 195 27.39 -5.22 -30.16
N ARG A 196 26.50 -6.16 -29.90
CA ARG A 196 26.31 -6.77 -28.59
C ARG A 196 25.90 -8.20 -28.83
N LEU A 197 26.19 -9.07 -27.85
CA LEU A 197 25.91 -10.50 -27.95
C LEU A 197 25.38 -11.13 -26.65
N SER A 198 24.57 -12.20 -26.78
CA SER A 198 24.07 -12.93 -25.62
C SER A 198 24.27 -14.41 -25.80
N GLN A 199 24.76 -15.07 -24.76
CA GLN A 199 25.06 -16.49 -24.79
C GLN A 199 24.58 -17.17 -23.52
N LYS A 200 23.72 -18.18 -23.68
CA LYS A 200 23.33 -19.02 -22.57
C LYS A 200 23.69 -20.45 -22.91
N LYS A 201 24.53 -21.07 -22.08
CA LYS A 201 24.88 -22.47 -22.17
C LYS A 201 24.19 -23.27 -21.03
N LEU A 202 23.77 -24.50 -21.34
CA LEU A 202 23.10 -25.39 -20.39
C LEU A 202 23.50 -26.79 -20.65
N THR A 203 23.34 -27.62 -19.62
CA THR A 203 23.47 -29.06 -19.76
C THR A 203 22.08 -29.68 -19.53
N LEU A 204 21.59 -30.42 -20.51
CA LEU A 204 20.33 -31.12 -20.39
C LEU A 204 20.54 -32.31 -19.47
N GLU A 205 19.56 -32.57 -18.61
CA GLU A 205 19.63 -33.72 -17.68
C GLU A 205 19.58 -35.09 -18.37
N LYS A 206 19.13 -35.12 -19.63
CA LYS A 206 19.12 -36.35 -20.45
C LYS A 206 19.74 -36.07 -21.82
N ASN A 207 20.34 -37.09 -22.42
CA ASN A 207 20.96 -36.95 -23.72
C ASN A 207 19.94 -36.85 -24.82
N SER A 208 20.36 -36.34 -25.98
CA SER A 208 19.53 -36.24 -27.18
C SER A 208 20.46 -36.15 -28.40
N ASP A 209 19.90 -36.28 -29.60
CA ASP A 209 20.71 -36.12 -30.82
C ASP A 209 21.15 -34.66 -31.00
N ASP A 210 22.40 -34.47 -31.44
CA ASP A 210 22.96 -33.17 -31.75
C ASP A 210 22.14 -32.50 -32.81
N PHE A 211 22.06 -31.17 -32.72
CA PHE A 211 21.53 -30.35 -33.79
C PHE A 211 22.22 -28.99 -33.83
N ASP A 212 22.02 -28.27 -34.92
CA ASP A 212 22.59 -26.93 -35.11
C ASP A 212 21.61 -26.17 -35.98
N VAL A 213 20.88 -25.22 -35.40
CA VAL A 213 19.84 -24.50 -36.12
C VAL A 213 19.82 -23.00 -35.77
N VAL A 214 19.20 -22.20 -36.64
CA VAL A 214 19.01 -20.80 -36.35
C VAL A 214 17.53 -20.44 -36.50
N ILE A 215 16.93 -20.00 -35.39
CA ILE A 215 15.51 -19.77 -35.33
C ILE A 215 15.22 -18.27 -35.25
N PRO A 216 14.44 -17.75 -36.18
CA PRO A 216 14.16 -16.31 -36.21
C PRO A 216 13.66 -15.82 -34.87
N SER A 217 14.16 -14.70 -34.39
CA SER A 217 13.78 -14.25 -33.06
C SER A 217 12.33 -13.80 -32.93
N ARG A 218 11.66 -13.46 -34.02
CA ARG A 218 10.24 -13.13 -33.96
C ARG A 218 9.46 -14.43 -33.73
N SER A 219 9.93 -15.51 -34.34
CA SER A 219 9.27 -16.79 -34.14
C SER A 219 9.41 -17.19 -32.67
N LEU A 220 10.55 -16.89 -32.07
CA LEU A 220 10.72 -17.24 -30.66
C LEU A 220 9.83 -16.44 -29.77
N ARG A 221 9.61 -15.18 -30.10
CA ARG A 221 8.74 -14.35 -29.27
C ARG A 221 7.31 -14.87 -29.34
N GLU A 222 6.87 -15.32 -30.51
CA GLU A 222 5.58 -15.95 -30.61
C GLU A 222 5.49 -17.27 -29.86
N PHE A 223 6.54 -18.10 -29.89
CA PHE A 223 6.59 -19.32 -29.07
C PHE A 223 6.15 -19.05 -27.65
N SER A 224 6.78 -18.05 -27.07
CA SER A 224 6.51 -17.70 -25.68
C SER A 224 5.06 -17.33 -25.42
N ALA A 225 4.38 -16.75 -26.40
CA ALA A 225 2.95 -16.38 -26.24
C ALA A 225 1.94 -17.47 -26.68
N VAL A 226 2.36 -18.47 -27.43
CA VAL A 226 1.46 -19.53 -27.83
C VAL A 226 1.31 -20.55 -26.74
N PHE A 227 2.43 -20.86 -26.10
CA PHE A 227 2.48 -21.91 -25.09
C PHE A 227 2.50 -21.24 -23.73
N THR A 228 1.31 -21.14 -23.17
CA THR A 228 1.11 -20.63 -21.85
C THR A 228 1.70 -21.59 -20.84
N ASP A 229 1.82 -21.13 -19.60
CA ASP A 229 2.62 -21.77 -18.56
C ASP A 229 2.07 -23.10 -18.10
N ASP A 230 0.76 -23.28 -18.24
CA ASP A 230 0.13 -24.58 -18.01
C ASP A 230 0.61 -25.71 -18.96
N ILE A 231 1.23 -25.38 -20.08
CA ILE A 231 1.91 -26.41 -20.87
C ILE A 231 3.35 -26.51 -20.35
N GLU A 232 3.65 -27.60 -19.64
CA GLU A 232 4.91 -27.74 -18.91
C GLU A 232 6.03 -28.18 -19.83
N THR A 233 5.68 -28.98 -20.83
CA THR A 233 6.66 -29.39 -21.81
C THR A 233 6.13 -29.34 -23.23
N VAL A 234 7.07 -29.39 -24.17
CA VAL A 234 6.76 -29.45 -25.57
C VAL A 234 7.76 -30.43 -26.22
N GLU A 235 7.28 -31.17 -27.23
CA GLU A 235 8.10 -32.02 -28.07
C GLU A 235 8.59 -31.25 -29.29
N ILE A 236 9.89 -31.34 -29.59
CA ILE A 236 10.52 -30.58 -30.65
C ILE A 236 11.02 -31.51 -31.76
N PHE A 237 10.74 -31.16 -33.00
CA PHE A 237 11.16 -31.94 -34.18
C PHE A 237 11.86 -31.02 -35.17
N PHE A 238 12.80 -31.61 -35.90
CA PHE A 238 13.72 -30.89 -36.76
C PHE A 238 13.60 -31.34 -38.21
N ALA A 239 13.50 -30.37 -39.10
CA ALA A 239 13.80 -30.58 -40.50
C ALA A 239 14.93 -29.59 -40.81
N ASN A 240 15.43 -29.61 -42.06
CA ASN A 240 16.49 -28.68 -42.47
C ASN A 240 15.99 -27.26 -42.59
N ASN A 241 14.72 -27.10 -42.96
CA ASN A 241 14.19 -25.76 -43.26
C ASN A 241 13.12 -25.28 -42.29
N GLN A 242 12.73 -26.14 -41.34
CA GLN A 242 11.72 -25.77 -40.37
C GLN A 242 11.83 -26.56 -39.09
N ILE A 243 11.15 -26.06 -38.07
CA ILE A 243 11.14 -26.70 -36.77
C ILE A 243 9.74 -26.66 -36.13
N LEU A 244 9.35 -27.75 -35.48
CA LEU A 244 8.03 -27.92 -34.87
C LEU A 244 8.13 -28.03 -33.34
N PHE A 245 7.48 -27.11 -32.63
CA PHE A 245 7.21 -27.23 -31.21
C PHE A 245 5.77 -27.69 -31.03
N ARG A 246 5.56 -28.83 -30.39
CA ARG A 246 4.24 -29.43 -30.31
C ARG A 246 3.89 -29.85 -28.88
N SER A 247 2.73 -29.39 -28.40
CA SER A 247 2.15 -29.82 -27.11
C SER A 247 0.98 -30.73 -27.38
N GLU A 248 0.11 -30.94 -26.42
CA GLU A 248 -0.93 -31.94 -26.59
C GLU A 248 -1.81 -31.59 -27.79
N ASN A 249 -2.23 -30.34 -27.84
CA ASN A 249 -3.22 -29.85 -28.78
C ASN A 249 -2.73 -28.81 -29.80
N ILE A 250 -1.52 -28.29 -29.60
CA ILE A 250 -1.02 -27.22 -30.44
C ILE A 250 0.21 -27.70 -31.16
N SER A 251 0.23 -27.50 -32.48
CA SER A 251 1.42 -27.60 -33.31
C SER A 251 1.85 -26.21 -33.75
N PHE A 252 3.10 -25.85 -33.48
CA PHE A 252 3.67 -24.55 -33.84
C PHE A 252 4.89 -24.77 -34.73
N TYR A 253 4.75 -24.46 -36.01
CA TYR A 253 5.87 -24.58 -36.92
C TYR A 253 6.53 -23.23 -37.17
N THR A 254 7.86 -23.18 -37.22
CA THR A 254 8.54 -21.99 -37.72
C THR A 254 9.55 -22.37 -38.79
N ARG A 255 9.86 -21.42 -39.67
CA ARG A 255 10.94 -21.61 -40.62
C ARG A 255 12.27 -21.43 -39.93
N LEU A 256 13.29 -22.10 -40.44
CA LEU A 256 14.65 -21.86 -39.99
C LEU A 256 15.40 -20.96 -40.95
N LEU A 257 16.34 -20.20 -40.43
CA LEU A 257 17.31 -19.46 -41.24
C LEU A 257 18.49 -20.34 -41.63
N GLU A 258 18.71 -20.46 -42.91
CA GLU A 258 19.80 -21.28 -43.36
C GLU A 258 20.98 -20.38 -43.72
N GLY A 259 22.16 -20.99 -43.80
CA GLY A 259 23.42 -20.26 -43.88
C GLY A 259 24.31 -20.57 -42.70
N ASN A 260 25.54 -20.05 -42.74
CA ASN A 260 26.49 -20.29 -41.69
C ASN A 260 26.48 -19.18 -40.66
N TYR A 261 26.14 -19.52 -39.42
CA TYR A 261 26.14 -18.55 -38.36
C TYR A 261 27.58 -18.24 -38.02
N PRO A 262 27.89 -16.97 -37.73
CA PRO A 262 29.30 -16.67 -37.46
C PRO A 262 29.85 -17.37 -36.21
N ASP A 263 31.16 -17.63 -36.24
CA ASP A 263 31.92 -18.16 -35.14
C ASP A 263 31.90 -17.16 -33.98
N THR A 264 31.03 -17.43 -33.01
CA THR A 264 30.85 -16.53 -31.88
C THR A 264 31.81 -16.80 -30.73
N ASP A 265 32.35 -18.02 -30.66
CA ASP A 265 33.24 -18.37 -29.55
C ASP A 265 34.52 -17.56 -29.62
N ARG A 266 34.93 -17.18 -30.82
CA ARG A 266 36.16 -16.41 -31.01
C ARG A 266 36.03 -14.99 -30.50
N LEU A 267 34.83 -14.57 -30.11
CA LEU A 267 34.59 -13.17 -29.77
C LEU A 267 34.67 -12.90 -28.27
N ILE A 268 34.63 -13.95 -27.46
CA ILE A 268 34.58 -13.81 -25.99
C ILE A 268 35.98 -13.64 -25.40
N PRO A 269 36.32 -12.43 -24.92
CA PRO A 269 37.65 -12.21 -24.35
C PRO A 269 37.88 -12.94 -23.02
N THR A 270 39.12 -13.35 -22.79
CA THR A 270 39.49 -14.27 -21.67
C THR A 270 40.01 -13.53 -20.43
N ASP A 271 41.11 -12.77 -20.58
CA ASP A 271 41.72 -12.01 -19.47
C ASP A 271 41.30 -10.52 -19.54
N PHE A 272 41.09 -9.93 -18.36
CA PHE A 272 40.56 -8.59 -18.22
C PHE A 272 41.46 -7.73 -17.38
N ASN A 273 41.25 -6.43 -17.44
CA ASN A 273 42.08 -5.45 -16.69
C ASN A 273 41.31 -4.74 -15.61
N THR A 274 40.00 -4.77 -15.70
CA THR A 274 39.12 -4.03 -14.82
C THR A 274 37.82 -4.83 -14.70
N THR A 275 37.30 -4.93 -13.48
CA THR A 275 35.95 -5.45 -13.26
C THR A 275 35.23 -4.56 -12.27
N ILE A 276 33.91 -4.62 -12.30
CA ILE A 276 33.09 -3.83 -11.40
C ILE A 276 31.79 -4.58 -11.17
N THR A 277 31.38 -4.67 -9.91
CA THR A 277 30.16 -5.39 -9.58
C THR A 277 29.11 -4.38 -9.13
N PHE A 278 27.98 -4.37 -9.84
CA PHE A 278 26.94 -3.37 -9.59
C PHE A 278 25.65 -4.03 -9.12
N ASN A 279 24.89 -3.33 -8.27
CA ASN A 279 23.47 -3.63 -8.13
C ASN A 279 22.78 -3.40 -9.51
N VAL A 280 21.96 -4.37 -9.92
CA VAL A 280 21.42 -4.42 -11.27
C VAL A 280 20.39 -3.34 -11.49
N VAL A 281 19.48 -3.19 -10.54
CA VAL A 281 18.42 -2.22 -10.67
C VAL A 281 19.02 -0.82 -10.57
N ASN A 282 19.89 -0.58 -9.60
CA ASN A 282 20.59 0.71 -9.53
C ASN A 282 21.29 1.09 -10.82
N LEU A 283 22.05 0.16 -11.39
CA LEU A 283 22.78 0.47 -12.60
C LEU A 283 21.81 0.79 -13.72
N ARG A 284 20.81 -0.06 -13.93
CA ARG A 284 19.80 0.16 -14.97
C ARG A 284 19.19 1.56 -14.88
N GLN A 285 18.90 2.00 -13.68
CA GLN A 285 18.27 3.30 -13.49
C GLN A 285 19.25 4.44 -13.77
N SER A 286 20.53 4.27 -13.47
CA SER A 286 21.52 5.28 -13.91
C SER A 286 21.64 5.30 -15.43
N GLU A 288 19.36 4.47 -17.69
CA GLU A 288 18.13 5.08 -18.18
C GLU A 288 18.09 6.61 -18.04
N ARG A 289 18.66 7.15 -16.96
CA ARG A 289 18.87 8.59 -16.87
C ARG A 289 19.89 9.05 -17.93
N ALA A 290 21.00 8.34 -18.02
CA ALA A 290 21.99 8.61 -19.05
C ALA A 290 21.40 8.56 -20.48
N ARG A 291 20.40 7.73 -20.72
CA ARG A 291 19.84 7.60 -22.07
C ARG A 291 18.83 8.72 -22.41
N LEU A 292 18.23 9.36 -21.41
CA LEU A 292 17.36 10.48 -21.71
C LEU A 292 18.12 11.58 -22.42
N LEU A 293 19.30 11.88 -21.91
CA LEU A 293 20.11 12.95 -22.47
C LEU A 293 20.83 12.50 -23.72
N SER A 294 21.33 11.27 -23.74
CA SER A 294 22.15 10.82 -24.88
C SER A 294 21.31 10.54 -26.10
N SER A 295 20.07 10.11 -25.92
CA SER A 295 19.21 9.86 -27.07
C SER A 295 19.00 11.14 -27.92
N ALA A 296 19.24 12.31 -27.32
CA ALA A 296 19.23 13.58 -28.07
C ALA A 296 20.40 13.75 -29.06
N THR A 297 21.46 12.93 -28.91
CA THR A 297 22.60 12.95 -29.84
C THR A 297 22.29 12.01 -31.03
N GLN A 298 23.16 12.02 -32.04
CA GLN A 298 23.05 11.09 -33.19
C GLN A 298 23.44 9.66 -32.75
N ASN A 299 24.74 9.47 -32.51
CA ASN A 299 25.28 8.22 -31.97
C ASN A 299 25.41 8.31 -30.45
N GLY A 300 24.29 8.57 -29.78
CA GLY A 300 24.27 8.82 -28.34
C GLY A 300 24.89 7.73 -27.50
N THR A 301 26.05 8.04 -26.92
CA THR A 301 26.72 7.17 -25.98
C THR A 301 26.73 7.77 -24.57
N VAL A 302 27.02 6.92 -23.59
CA VAL A 302 27.35 7.34 -22.24
C VAL A 302 28.81 6.99 -22.02
N LYS A 303 29.51 7.88 -21.30
CA LYS A 303 30.90 7.63 -20.93
C LYS A 303 30.95 7.20 -19.46
N LEU A 304 31.47 5.99 -19.24
CA LEU A 304 31.75 5.53 -17.89
C LEU A 304 33.18 5.91 -17.53
N GLU A 305 33.34 6.70 -16.47
CA GLU A 305 34.65 7.10 -15.98
C GLU A 305 34.92 6.33 -14.69
N ILE A 306 36.01 5.57 -14.68
CA ILE A 306 36.43 4.81 -13.50
C ILE A 306 37.83 5.28 -13.05
N LYS A 307 37.88 6.06 -11.97
CA LYS A 307 39.15 6.60 -11.44
C LYS A 307 39.18 6.41 -9.93
N ASP A 308 40.25 5.77 -9.41
CA ASP A 308 40.22 5.12 -8.08
C ASP A 308 39.02 4.17 -8.03
N GLY A 309 38.41 3.96 -6.84
CA GLY A 309 37.20 3.12 -6.75
C GLY A 309 35.91 3.79 -7.21
N VAL A 310 36.02 4.98 -7.77
CA VAL A 310 34.86 5.81 -8.07
C VAL A 310 34.41 5.63 -9.50
N VAL A 311 33.13 5.32 -9.68
CA VAL A 311 32.54 5.16 -10.98
C VAL A 311 31.52 6.27 -11.23
N SER A 312 31.58 6.86 -12.42
CA SER A 312 30.72 7.96 -12.76
C SER A 312 30.29 7.90 -14.22
N ALA A 313 29.09 8.41 -14.50
CA ALA A 313 28.55 8.39 -15.85
C ALA A 313 28.35 9.80 -16.36
N HIS A 314 28.67 10.01 -17.64
CA HIS A 314 28.66 11.36 -18.25
C HIS A 314 28.04 11.35 -19.64
N VAL A 315 27.20 12.35 -19.89
CA VAL A 315 26.56 12.55 -21.19
C VAL A 315 26.51 14.05 -21.42
N HIS A 316 26.83 14.50 -22.64
CA HIS A 316 26.71 15.92 -22.95
C HIS A 316 25.97 16.09 -24.27
N SER A 317 24.83 16.78 -24.23
CA SER A 317 24.07 17.08 -25.44
C SER A 317 24.01 18.59 -25.63
N PRO A 318 24.91 19.13 -26.48
CA PRO A 318 25.24 20.55 -26.62
C PRO A 318 24.14 21.58 -26.37
N GLU A 319 23.01 21.48 -27.05
CA GLU A 319 21.93 22.47 -26.89
C GLU A 319 20.79 21.99 -25.98
N VAL A 320 20.96 20.81 -25.37
CA VAL A 320 19.90 20.19 -24.58
C VAL A 320 20.26 20.08 -23.10
N GLY A 321 21.36 19.41 -22.77
CA GLY A 321 21.73 19.29 -21.37
C GLY A 321 22.91 18.39 -21.12
N LYS A 322 23.14 18.03 -19.86
CA LYS A 322 24.14 16.99 -19.54
C LYS A 322 23.88 16.25 -18.24
N VAL A 323 24.45 15.06 -18.15
CA VAL A 323 24.33 14.19 -16.99
C VAL A 323 25.70 14.01 -16.38
N ASN A 324 25.75 14.09 -15.06
CA ASN A 324 26.95 13.77 -14.28
C ASN A 324 26.50 12.99 -13.05
N GLU A 325 26.66 11.68 -13.11
CA GLU A 325 26.18 10.81 -12.03
C GLU A 325 27.31 9.95 -11.44
N GLU A 326 27.39 9.91 -10.12
CA GLU A 326 28.24 8.97 -9.39
C GLU A 326 27.39 7.75 -9.12
N ILE A 327 27.84 6.61 -9.63
CA ILE A 327 27.13 5.34 -9.50
C ILE A 327 27.75 4.53 -8.38
N ASP A 328 26.93 4.15 -7.40
CA ASP A 328 27.40 3.31 -6.29
C ASP A 328 27.75 1.93 -6.81
N THR A 329 28.81 1.37 -6.25
CA THR A 329 29.41 0.16 -6.76
C THR A 329 29.56 -0.82 -5.61
N ASP A 330 29.51 -2.11 -5.90
CA ASP A 330 29.69 -3.10 -4.86
C ASP A 330 31.18 -3.42 -4.72
N GLN A 331 31.90 -3.41 -5.83
CA GLN A 331 33.33 -3.76 -5.83
C GLN A 331 33.96 -3.26 -7.14
N VAL A 332 35.18 -2.71 -7.03
CA VAL A 332 35.96 -2.24 -8.17
C VAL A 332 37.38 -2.80 -8.08
N THR A 333 37.88 -3.39 -9.17
CA THR A 333 39.24 -3.93 -9.23
C THR A 333 39.92 -3.64 -10.55
N GLY A 334 41.24 -3.54 -10.50
CA GLY A 334 42.05 -3.37 -11.71
C GLY A 334 42.27 -1.92 -12.10
N GLU A 335 42.66 -1.71 -13.35
CA GLU A 335 43.14 -0.40 -13.83
C GLU A 335 41.99 0.58 -14.03
N ASP A 336 42.30 1.87 -13.88
CA ASP A 336 41.35 2.94 -14.19
C ASP A 336 40.96 2.81 -15.65
N LEU A 337 39.84 3.40 -16.03
CA LEU A 337 39.32 3.20 -17.37
C LEU A 337 38.25 4.21 -17.66
N THR A 338 38.24 4.69 -18.89
CA THR A 338 37.17 5.50 -19.42
C THR A 338 36.71 4.82 -20.68
N ILE A 339 35.43 4.49 -20.74
CA ILE A 339 34.87 3.71 -21.84
C ILE A 339 33.47 4.24 -22.18
N SER A 340 33.12 4.22 -23.46
CA SER A 340 31.84 4.75 -23.92
C SER A 340 31.11 3.71 -24.73
N PHE A 341 29.80 3.79 -24.71
CA PHE A 341 28.97 2.73 -25.28
C PHE A 341 27.52 3.19 -25.34
N ASN A 342 26.72 2.46 -26.09
CA ASN A 342 25.30 2.71 -26.21
C ASN A 342 24.60 2.29 -24.93
N PRO A 343 23.97 3.24 -24.24
CA PRO A 343 23.31 2.89 -22.98
C PRO A 343 22.20 1.84 -23.14
N THR A 344 21.50 1.86 -24.28
CA THR A 344 20.46 0.89 -24.54
C THR A 344 20.97 -0.56 -24.51
N TYR A 345 22.20 -0.79 -24.94
CA TYR A 345 22.75 -2.14 -24.93
C TYR A 345 22.92 -2.62 -23.49
N LEU A 346 23.44 -1.75 -22.63
CA LEU A 346 23.57 -2.07 -21.21
C LEU A 346 22.20 -2.31 -20.57
N ILE A 347 21.25 -1.42 -20.83
CA ILE A 347 19.91 -1.59 -20.28
C ILE A 347 19.30 -2.94 -20.69
N ASP A 348 19.35 -3.26 -21.98
CA ASP A 348 18.88 -4.57 -22.48
C ASP A 348 19.52 -5.74 -21.79
N SER A 349 20.84 -5.65 -21.56
CA SER A 349 21.58 -6.72 -20.87
C SER A 349 21.13 -6.89 -19.43
N LEU A 350 20.83 -5.77 -18.78
CA LEU A 350 20.44 -5.80 -17.36
C LEU A 350 19.02 -6.31 -17.21
N LYS A 351 18.11 -5.83 -18.05
CA LYS A 351 16.74 -6.35 -18.07
C LYS A 351 16.71 -7.86 -18.22
N ALA A 352 17.69 -8.43 -18.92
CA ALA A 352 17.72 -9.86 -19.16
C ALA A 352 18.24 -10.65 -17.99
N LEU A 353 18.86 -10.01 -17.01
CA LEU A 353 19.36 -10.73 -15.84
C LEU A 353 18.24 -10.94 -14.86
N ASN A 354 18.30 -12.06 -14.16
CA ASN A 354 17.39 -12.35 -13.05
C ASN A 354 18.08 -12.30 -11.67
N SER A 355 19.23 -11.67 -11.58
CA SER A 355 20.01 -11.64 -10.32
C SER A 355 20.14 -10.23 -9.76
N GLU A 356 20.44 -10.13 -8.46
CA GLU A 356 20.50 -8.85 -7.79
C GLU A 356 21.73 -8.03 -8.20
N LYS A 357 22.85 -8.70 -8.44
CA LYS A 357 24.09 -8.01 -8.82
C LYS A 357 24.63 -8.50 -10.16
N VAL A 358 25.46 -7.66 -10.77
CA VAL A 358 26.06 -7.95 -12.06
C VAL A 358 27.54 -7.64 -12.03
N THR A 359 28.32 -8.47 -12.71
CA THR A 359 29.75 -8.24 -12.80
C THR A 359 30.15 -8.00 -14.26
N ILE A 360 30.71 -6.82 -14.48
CA ILE A 360 31.09 -6.33 -15.79
C ILE A 360 32.62 -6.26 -15.85
N SER A 361 33.19 -6.72 -16.96
CA SER A 361 34.62 -6.96 -17.06
C SER A 361 35.16 -6.38 -18.35
N PHE A 362 36.17 -5.53 -18.23
CA PHE A 362 36.66 -4.74 -19.36
C PHE A 362 38.10 -5.08 -19.69
N ILE A 363 38.49 -4.85 -20.95
CA ILE A 363 39.89 -4.97 -21.39
C ILE A 363 40.49 -3.58 -21.64
N SER A 364 39.76 -2.76 -22.38
CA SER A 364 40.21 -1.43 -22.77
C SER A 364 39.00 -0.63 -23.22
N ALA A 365 39.23 0.59 -23.64
CA ALA A 365 38.15 1.45 -24.04
C ALA A 365 37.59 1.08 -25.43
N VAL A 366 38.31 0.24 -26.17
CA VAL A 366 37.93 -0.06 -27.56
C VAL A 366 37.53 -1.51 -27.82
N ARG A 367 37.91 -2.42 -26.93
CA ARG A 367 37.51 -3.82 -27.02
C ARG A 367 36.20 -4.09 -26.22
N PRO A 368 35.41 -5.11 -26.65
CA PRO A 368 34.13 -5.39 -26.00
C PRO A 368 34.29 -5.82 -24.57
N PHE A 369 33.28 -5.57 -23.74
CA PHE A 369 33.30 -6.02 -22.35
C PHE A 369 32.18 -7.03 -22.06
N THR A 370 32.36 -7.82 -21.02
CA THR A 370 31.39 -8.88 -20.71
C THR A 370 30.58 -8.52 -19.49
N LEU A 371 29.36 -9.07 -19.40
CA LEU A 371 28.54 -8.99 -18.22
C LEU A 371 28.05 -10.38 -17.87
N VAL A 372 28.22 -10.76 -16.61
CA VAL A 372 27.65 -11.99 -16.11
C VAL A 372 26.86 -11.66 -14.84
N PRO A 373 25.85 -12.49 -14.53
CA PRO A 373 25.18 -12.32 -13.24
C PRO A 373 26.17 -12.67 -12.15
N ALA A 374 26.15 -11.95 -11.04
CA ALA A 374 27.09 -12.20 -9.95
C ALA A 374 26.56 -13.20 -8.92
N ASP A 375 27.46 -14.05 -8.44
CA ASP A 375 27.13 -15.03 -7.41
C ASP A 375 26.02 -16.02 -7.86
N THR A 376 26.19 -16.61 -9.04
CA THR A 376 25.23 -17.60 -9.54
C THR A 376 25.87 -18.79 -10.28
N ASP A 377 25.15 -19.90 -10.34
CA ASP A 377 25.62 -21.10 -11.07
C ASP A 377 25.45 -20.97 -12.61
N GLU A 378 24.70 -19.95 -13.04
CA GLU A 378 24.27 -19.83 -14.45
C GLU A 378 25.41 -19.51 -15.41
N ASP A 379 25.50 -20.28 -16.50
CA ASP A 379 26.51 -20.08 -17.55
C ASP A 379 25.91 -19.12 -18.58
N PHE A 380 25.83 -17.85 -18.20
CA PHE A 380 25.07 -16.82 -18.94
C PHE A 380 25.89 -15.56 -19.09
N GLN A 382 27.20 -12.06 -21.56
CA GLN A 382 26.87 -11.03 -22.58
C GLN A 382 28.06 -10.13 -22.92
N LEU A 383 28.14 -9.73 -24.19
CA LEU A 383 29.14 -8.80 -24.67
C LEU A 383 28.51 -7.57 -25.30
N ILE A 384 29.20 -6.45 -25.09
CA ILE A 384 28.86 -5.17 -25.66
C ILE A 384 30.15 -4.54 -26.21
N THR A 385 30.09 -4.02 -27.44
CA THR A 385 31.23 -3.41 -28.06
C THR A 385 31.15 -1.93 -27.76
N PRO A 386 32.20 -1.37 -27.16
CA PRO A 386 32.19 0.08 -26.90
C PRO A 386 32.41 0.89 -28.15
N VAL A 387 32.29 2.20 -27.99
CA VAL A 387 32.54 3.14 -29.05
C VAL A 387 33.77 3.96 -28.66
N ARG A 388 34.58 4.31 -29.65
CA ARG A 388 35.70 5.22 -29.44
C ARG A 388 35.16 6.65 -29.43
N THR A 389 35.65 7.48 -28.50
CA THR A 389 35.16 8.87 -28.36
C THR A 389 36.31 9.88 -28.16
N HIS B 12 18.35 38.02 -10.25
CA HIS B 12 17.54 37.01 -9.50
C HIS B 12 17.50 35.65 -10.22
N ILE B 14 16.89 31.37 -9.97
CA ILE B 14 16.11 30.38 -9.21
C ILE B 14 16.99 29.46 -8.38
N HIS B 15 16.55 29.18 -7.17
CA HIS B 15 17.04 28.06 -6.39
C HIS B 15 16.03 27.60 -5.35
N PHE B 16 15.53 26.39 -5.51
CA PHE B 16 14.65 25.79 -4.53
C PHE B 16 14.83 24.29 -4.51
N SER B 17 14.26 23.66 -3.48
CA SER B 17 14.20 22.20 -3.40
C SER B 17 12.79 21.77 -3.00
N ILE B 18 12.45 20.53 -3.35
CA ILE B 18 11.07 20.06 -3.31
C ILE B 18 10.99 18.56 -3.36
N ASN B 19 9.87 18.02 -2.90
CA ASN B 19 9.59 16.58 -2.95
C ASN B 19 9.32 16.17 -4.42
N LYS B 20 10.10 15.22 -4.95
CA LYS B 20 9.99 14.86 -6.36
C LYS B 20 8.56 14.52 -6.80
N ASN B 21 7.86 13.71 -6.02
CA ASN B 21 6.49 13.31 -6.42
C ASN B 21 5.44 14.42 -6.42
N LEU B 22 5.40 15.28 -5.41
CA LEU B 22 4.41 16.36 -5.43
C LEU B 22 4.73 17.33 -6.56
N PHE B 23 6.02 17.55 -6.83
CA PHE B 23 6.45 18.38 -7.95
C PHE B 23 5.96 17.75 -9.23
N LEU B 24 6.27 16.47 -9.41
CA LEU B 24 5.93 15.75 -10.64
C LEU B 24 4.43 15.75 -10.91
N GLN B 25 3.63 15.71 -9.84
CA GLN B 25 2.19 15.71 -10.01
C GLN B 25 1.74 17.06 -10.54
N ALA B 26 2.16 18.13 -9.89
CA ALA B 26 1.89 19.47 -10.37
C ALA B 26 2.33 19.69 -11.81
N LEU B 27 3.51 19.18 -12.20
CA LEU B 27 3.94 19.33 -13.61
C LEU B 27 2.98 18.60 -14.57
N ASN B 28 2.48 17.43 -14.15
CA ASN B 28 1.63 16.62 -14.97
C ASN B 28 0.26 17.22 -15.15
N THR B 29 -0.21 17.91 -14.11
CA THR B 29 -1.44 18.65 -14.19
C THR B 29 -1.25 19.80 -15.14
N THR B 30 -0.13 20.51 -15.01
CA THR B 30 0.07 21.70 -15.84
C THR B 30 0.23 21.30 -17.31
N LYS B 31 0.90 20.17 -17.55
CA LYS B 31 1.12 19.69 -18.90
C LYS B 31 -0.18 19.45 -19.67
N ARG B 32 -1.26 19.17 -18.96
CA ARG B 32 -2.53 18.95 -19.63
C ARG B 32 -2.96 20.10 -20.54
N ALA B 33 -2.40 21.29 -20.33
CA ALA B 33 -2.62 22.44 -21.22
C ALA B 33 -1.46 22.70 -22.17
N ILE B 34 -0.56 21.74 -22.34
CA ILE B 34 0.64 21.95 -23.17
C ILE B 34 0.76 20.89 -24.27
N SER B 35 0.62 21.33 -25.53
CA SER B 35 0.78 20.42 -26.68
C SER B 35 2.24 20.26 -27.09
N SER B 36 2.51 19.18 -27.82
CA SER B 36 3.85 18.89 -28.35
C SER B 36 4.21 19.87 -29.49
N LYS B 37 3.38 19.88 -30.54
CA LYS B 37 3.48 20.85 -31.62
C LYS B 37 2.43 21.96 -31.38
N ASN B 38 2.90 23.20 -31.30
CA ASN B 38 2.03 24.37 -31.23
C ASN B 38 2.48 25.37 -32.30
N ALA B 39 1.53 26.08 -32.91
CA ALA B 39 1.82 27.05 -33.98
C ALA B 39 2.66 28.23 -33.50
N ILE B 40 2.52 28.55 -32.21
CA ILE B 40 3.44 29.44 -31.47
C ILE B 40 4.45 28.58 -30.71
N PRO B 41 5.69 28.48 -31.23
CA PRO B 41 6.72 27.57 -30.71
C PRO B 41 6.90 27.53 -29.18
N ILE B 42 6.85 28.69 -28.54
CA ILE B 42 7.25 28.80 -27.14
C ILE B 42 6.24 28.16 -26.21
N LEU B 43 5.05 27.88 -26.72
CA LEU B 43 3.98 27.34 -25.88
C LEU B 43 4.10 25.85 -25.55
N SER B 44 5.13 25.19 -26.12
CA SER B 44 5.53 23.83 -25.70
C SER B 44 6.30 23.80 -24.37
N THR B 45 6.69 24.96 -23.86
CA THR B 45 7.44 25.03 -22.62
C THR B 45 6.48 25.15 -21.46
N VAL B 46 6.91 24.68 -20.29
CA VAL B 46 6.29 25.07 -19.05
C VAL B 46 7.08 26.24 -18.52
N LYS B 47 6.38 27.16 -17.86
CA LYS B 47 6.97 28.35 -17.27
C LYS B 47 6.91 28.17 -15.79
N ILE B 48 8.01 28.52 -15.12
CA ILE B 48 8.20 28.26 -13.70
C ILE B 48 8.57 29.56 -13.00
N ASP B 49 7.59 30.17 -12.34
CA ASP B 49 7.80 31.37 -11.55
C ASP B 49 8.00 30.97 -10.10
N VAL B 50 9.02 31.53 -9.47
CA VAL B 50 9.37 31.17 -8.13
C VAL B 50 9.37 32.43 -7.30
N THR B 51 8.44 32.52 -6.37
CA THR B 51 8.32 33.67 -5.48
C THR B 51 8.51 33.23 -4.04
N ASN B 52 8.53 34.19 -3.12
CA ASN B 52 8.64 33.90 -1.69
C ASN B 52 7.56 32.93 -1.20
N GLU B 53 6.33 33.13 -1.65
CA GLU B 53 5.20 32.34 -1.18
C GLU B 53 5.25 30.92 -1.73
N GLY B 54 5.85 30.73 -2.90
CA GLY B 54 5.91 29.42 -3.52
C GLY B 54 6.25 29.43 -5.01
N ILE B 55 6.04 28.28 -5.64
CA ILE B 55 6.31 28.07 -7.05
C ILE B 55 4.99 28.04 -7.80
N THR B 56 4.98 28.64 -8.99
CA THR B 56 3.81 28.63 -9.87
C THR B 56 4.22 28.00 -11.19
N LEU B 57 3.46 27.02 -11.62
CA LEU B 57 3.66 26.35 -12.91
C LEU B 57 2.63 26.82 -13.90
N ILE B 58 3.07 27.47 -14.97
CA ILE B 58 2.17 27.97 -16.01
C ILE B 58 2.32 27.22 -17.34
N GLY B 59 1.18 26.81 -17.88
CA GLY B 59 1.10 26.17 -19.19
C GLY B 59 -0.12 26.62 -19.98
N SER B 60 0.02 26.61 -21.30
CA SER B 60 -1.06 27.03 -22.17
C SER B 60 -0.84 26.56 -23.59
N ASN B 61 -1.93 26.51 -24.33
CA ASN B 61 -1.88 26.11 -25.71
C ASN B 61 -2.70 27.03 -26.59
N GLY B 62 -3.12 28.17 -26.05
CA GLY B 62 -3.91 29.15 -26.80
C GLY B 62 -5.42 28.97 -26.71
N GLN B 63 -5.87 27.80 -26.24
CA GLN B 63 -7.28 27.54 -25.98
C GLN B 63 -7.55 27.54 -24.48
N ILE B 64 -6.69 26.84 -23.75
CA ILE B 64 -6.78 26.75 -22.30
C ILE B 64 -5.44 27.11 -21.71
N SER B 65 -5.46 27.52 -20.45
CA SER B 65 -4.25 27.81 -19.71
C SER B 65 -4.43 27.29 -18.30
N ILE B 66 -3.35 26.79 -17.72
CA ILE B 66 -3.35 26.30 -16.34
C ILE B 66 -2.26 27.02 -15.55
N GLU B 67 -2.62 27.53 -14.39
CA GLU B 67 -1.66 28.00 -13.40
C GLU B 67 -1.78 27.15 -12.15
N ASN B 68 -0.82 26.26 -11.98
CA ASN B 68 -0.76 25.38 -10.82
C ASN B 68 0.30 25.86 -9.83
N PHE B 69 -0.15 26.30 -8.68
CA PHE B 69 0.70 26.87 -7.64
C PHE B 69 1.01 25.84 -6.53
N ILE B 70 2.29 25.71 -6.19
CA ILE B 70 2.72 24.93 -5.02
C ILE B 70 3.23 25.92 -3.99
N SER B 71 2.54 26.07 -2.86
CA SER B 71 2.99 27.01 -1.82
C SER B 71 4.12 26.43 -0.95
N GLN B 72 5.03 27.31 -0.55
CA GLN B 72 6.11 27.00 0.39
C GLN B 72 5.56 26.31 1.64
N LYS B 73 4.45 26.85 2.17
CA LYS B 73 3.88 26.39 3.44
C LYS B 73 3.16 25.03 3.36
N ASN B 74 3.00 24.48 2.15
CA ASN B 74 2.48 23.13 2.01
C ASN B 74 3.43 22.10 2.60
N GLU B 75 2.95 21.42 3.64
CA GLU B 75 3.75 20.43 4.37
C GLU B 75 4.24 19.28 3.48
N ASP B 76 3.39 18.82 2.56
CA ASP B 76 3.73 17.68 1.69
C ASP B 76 4.77 17.99 0.62
N ALA B 77 4.88 19.28 0.26
CA ALA B 77 5.81 19.69 -0.78
C ALA B 77 7.27 19.58 -0.32
N GLY B 78 7.53 19.72 0.97
CA GLY B 78 8.90 19.89 1.43
C GLY B 78 9.64 20.91 0.57
N LEU B 79 9.05 22.10 0.45
CA LEU B 79 9.52 23.12 -0.48
C LEU B 79 10.35 24.13 0.26
N LEU B 80 11.65 24.19 -0.06
CA LEU B 80 12.56 25.18 0.52
C LEU B 80 13.10 26.08 -0.61
N ILE B 81 12.78 27.38 -0.51
CA ILE B 81 13.09 28.36 -1.55
C ILE B 81 14.22 29.25 -1.08
N THR B 82 15.30 29.31 -1.86
CA THR B 82 16.52 30.05 -1.51
C THR B 82 16.67 31.31 -2.38
N SER B 83 16.38 31.18 -3.68
CA SER B 83 16.43 32.31 -4.59
C SER B 83 15.23 32.35 -5.52
N LEU B 84 14.70 33.55 -5.76
CA LEU B 84 13.55 33.75 -6.64
C LEU B 84 13.96 33.79 -8.12
N GLY B 85 12.98 33.72 -9.02
CA GLY B 85 13.23 33.92 -10.43
C GLY B 85 12.26 33.18 -11.32
N SER B 86 12.52 33.27 -12.62
CA SER B 86 11.64 32.69 -13.63
C SER B 86 12.43 31.99 -14.74
N ILE B 87 11.86 30.91 -15.29
CA ILE B 87 12.52 30.18 -16.37
C ILE B 87 11.49 29.37 -17.20
N LEU B 88 11.87 29.05 -18.43
CA LEU B 88 11.11 28.16 -19.29
C LEU B 88 11.87 26.88 -19.57
N LEU B 89 11.16 25.75 -19.53
CA LEU B 89 11.74 24.47 -19.94
C LEU B 89 10.79 23.75 -20.89
N GLU B 90 11.33 23.01 -21.85
CA GLU B 90 10.47 22.18 -22.69
C GLU B 90 9.82 21.14 -21.81
N ALA B 91 8.49 21.19 -21.79
CA ALA B 91 7.72 20.49 -20.79
C ALA B 91 7.87 18.98 -20.84
N SER B 92 7.61 18.35 -21.98
CA SER B 92 7.72 16.88 -22.06
C SER B 92 9.05 16.39 -21.53
N PHE B 93 10.13 16.91 -22.10
CA PHE B 93 11.46 16.48 -21.73
C PHE B 93 11.71 16.65 -20.23
N PHE B 94 11.47 17.87 -19.73
CA PHE B 94 11.72 18.20 -18.35
C PHE B 94 11.00 17.22 -17.46
N ILE B 95 9.72 17.06 -17.73
CA ILE B 95 8.89 16.13 -16.96
C ILE B 95 9.42 14.71 -16.98
N ASN B 96 9.80 14.21 -18.14
CA ASN B 96 10.47 12.91 -18.22
C ASN B 96 11.72 12.81 -17.34
N VAL B 97 12.49 13.88 -17.31
CA VAL B 97 13.76 13.86 -16.61
C VAL B 97 13.51 13.81 -15.11
N VAL B 98 12.65 14.71 -14.62
CA VAL B 98 12.32 14.71 -13.21
C VAL B 98 11.84 13.33 -12.79
N SER B 99 10.86 12.82 -13.52
CA SER B 99 10.33 11.49 -13.30
C SER B 99 11.42 10.42 -13.21
N SER B 100 12.53 10.58 -13.93
CA SER B 100 13.62 9.62 -13.91
C SER B 100 14.56 9.73 -12.70
N LEU B 101 14.47 10.80 -11.92
CA LEU B 101 15.41 11.03 -10.82
C LEU B 101 15.22 10.02 -9.70
N PRO B 102 16.32 9.64 -9.01
CA PRO B 102 16.27 8.53 -8.05
C PRO B 102 15.70 8.84 -6.67
N ASP B 103 15.88 10.05 -6.17
CA ASP B 103 15.56 10.38 -4.76
C ASP B 103 14.22 11.09 -4.54
N VAL B 104 13.75 11.06 -3.29
CA VAL B 104 12.46 11.60 -2.87
C VAL B 104 12.36 13.14 -3.01
N THR B 105 13.46 13.85 -2.82
CA THR B 105 13.51 15.29 -3.01
C THR B 105 14.51 15.61 -4.10
N LEU B 106 14.46 16.85 -4.57
CA LEU B 106 15.43 17.28 -5.56
C LEU B 106 15.77 18.75 -5.48
N ASP B 107 16.98 19.07 -5.93
CA ASP B 107 17.45 20.44 -5.95
C ASP B 107 17.29 21.02 -7.33
N PHE B 108 16.75 22.23 -7.39
CA PHE B 108 16.50 22.93 -8.64
C PHE B 108 17.27 24.24 -8.57
N LYS B 109 18.42 24.31 -9.26
CA LYS B 109 19.28 25.52 -9.22
C LYS B 109 19.56 26.10 -10.59
N GLU B 110 19.12 27.33 -10.81
CA GLU B 110 19.46 28.06 -12.03
C GLU B 110 20.92 28.53 -11.97
N ILE B 111 21.55 28.53 -13.14
CA ILE B 111 22.90 29.03 -13.31
C ILE B 111 23.05 29.86 -14.59
N GLU B 112 24.28 30.25 -14.91
CA GLU B 112 24.66 30.92 -16.15
C GLU B 112 23.88 30.46 -17.39
N GLN B 113 23.28 31.45 -18.05
CA GLN B 113 22.69 31.28 -19.39
C GLN B 113 21.47 30.36 -19.42
N ASN B 114 20.49 30.66 -18.57
CA ASN B 114 19.20 29.98 -18.60
C ASN B 114 19.28 28.47 -18.45
N GLN B 115 20.27 28.00 -17.70
CA GLN B 115 20.41 26.57 -17.45
C GLN B 115 19.91 26.24 -16.06
N ILE B 116 19.35 25.05 -15.92
CA ILE B 116 18.89 24.55 -14.63
C ILE B 116 19.64 23.26 -14.37
N VAL B 117 20.25 23.17 -13.19
CA VAL B 117 20.91 21.96 -12.73
C VAL B 117 19.92 21.28 -11.81
N LEU B 118 19.66 20.00 -12.05
CA LEU B 118 18.78 19.19 -11.19
C LEU B 118 19.61 18.19 -10.42
N THR B 119 19.76 18.39 -9.12
CA THR B 119 20.48 17.42 -8.31
C THR B 119 19.49 16.59 -7.50
N SER B 120 19.66 15.27 -7.59
CA SER B 120 18.82 14.32 -6.90
C SER B 120 19.67 13.10 -6.60
N GLY B 121 20.13 13.00 -5.36
CA GLY B 121 21.03 11.95 -4.97
C GLY B 121 22.42 12.22 -5.52
N LYS B 122 23.01 11.19 -6.10
CA LYS B 122 24.32 11.30 -6.73
C LYS B 122 24.17 11.60 -8.22
N SER B 123 22.96 11.95 -8.64
CA SER B 123 22.66 12.18 -10.04
C SER B 123 22.42 13.67 -10.29
N GLU B 124 23.27 14.26 -11.13
CA GLU B 124 23.18 15.68 -11.50
C GLU B 124 22.82 15.79 -12.99
N ILE B 125 21.79 16.57 -13.28
CA ILE B 125 21.29 16.71 -14.64
C ILE B 125 20.97 18.18 -14.94
N THR B 126 21.65 18.68 -15.96
CA THR B 126 21.61 20.08 -16.35
C THR B 126 20.82 20.19 -17.62
N LEU B 127 19.79 21.00 -17.63
CA LEU B 127 18.97 21.18 -18.81
C LEU B 127 19.04 22.62 -19.26
N LYS B 128 18.98 22.84 -20.58
CA LYS B 128 18.97 24.17 -21.16
C LYS B 128 17.54 24.72 -21.22
N GLY B 129 17.33 25.88 -20.60
CA GLY B 129 16.03 26.54 -20.62
C GLY B 129 16.04 27.82 -21.43
N LYS B 130 15.01 28.62 -21.26
CA LYS B 130 14.86 29.87 -21.98
C LYS B 130 14.44 30.95 -21.01
N ASP B 131 14.87 32.18 -21.27
CA ASP B 131 14.36 33.33 -20.56
C ASP B 131 12.85 33.42 -20.79
N SER B 132 12.09 33.74 -19.74
CA SER B 132 10.63 33.64 -19.75
C SER B 132 9.90 34.90 -20.15
N GLU B 133 10.64 35.95 -20.49
CA GLU B 133 10.03 37.22 -20.87
C GLU B 133 9.24 37.06 -22.17
N GLN B 134 9.67 36.15 -23.03
CA GLN B 134 8.98 35.89 -24.29
C GLN B 134 7.68 35.11 -24.14
N TYR B 135 7.46 34.49 -22.98
CA TYR B 135 6.25 33.72 -22.73
C TYR B 135 5.09 34.67 -22.64
N PRO B 136 3.98 34.39 -23.32
CA PRO B 136 2.86 35.29 -23.32
C PRO B 136 2.14 35.36 -21.98
N ARG B 137 2.00 36.56 -21.43
CA ARG B 137 1.19 36.79 -20.24
C ARG B 137 -0.26 36.39 -20.48
N ILE B 138 -0.94 35.88 -19.45
CA ILE B 138 -2.34 35.45 -19.56
C ILE B 138 -3.27 36.62 -19.26
N GLN B 139 -4.28 36.84 -20.10
CA GLN B 139 -5.26 37.90 -19.87
C GLN B 139 -6.08 37.57 -18.61
N GLU B 140 -6.18 38.55 -17.70
CA GLU B 140 -6.82 38.35 -16.39
C GLU B 140 -8.33 38.66 -16.42
N ILE B 141 -9.14 37.64 -16.11
CA ILE B 141 -10.58 37.84 -15.90
C ILE B 141 -10.76 38.83 -14.77
N SER B 142 -11.60 39.84 -14.97
CA SER B 142 -11.84 40.89 -13.97
C SER B 142 -12.43 40.35 -12.66
N ALA B 143 -12.06 41.01 -11.56
CA ALA B 143 -12.56 40.68 -10.23
C ALA B 143 -14.10 40.67 -10.25
N SER B 144 -14.67 39.47 -10.13
CA SER B 144 -16.13 39.30 -10.17
C SER B 144 -16.64 38.52 -8.95
N THR B 145 -17.96 38.38 -8.88
CA THR B 145 -18.61 37.45 -7.95
C THR B 145 -18.52 36.04 -8.55
N PRO B 146 -17.90 35.11 -7.79
CA PRO B 146 -17.73 33.76 -8.29
C PRO B 146 -19.03 32.97 -8.25
N LEU B 147 -19.11 31.95 -9.09
CA LEU B 147 -20.17 30.96 -9.01
C LEU B 147 -19.49 29.74 -8.44
N ILE B 148 -20.10 29.12 -7.43
CA ILE B 148 -19.49 27.97 -6.80
C ILE B 148 -20.31 26.72 -7.10
N LEU B 149 -19.66 25.74 -7.73
CA LEU B 149 -20.31 24.47 -8.02
C LEU B 149 -19.46 23.34 -7.47
N GLU B 150 -20.16 22.36 -6.91
CA GLU B 150 -19.56 21.10 -6.54
C GLU B 150 -18.95 20.52 -7.84
N THR B 151 -17.69 20.11 -7.80
CA THR B 151 -17.00 19.63 -8.99
C THR B 151 -17.58 18.31 -9.51
N LYS B 152 -18.09 17.45 -8.63
CA LYS B 152 -18.66 16.19 -9.08
C LYS B 152 -19.92 16.44 -9.94
N LEU B 153 -20.62 17.53 -9.66
CA LEU B 153 -21.77 17.97 -10.45
C LEU B 153 -21.38 18.41 -11.86
N LEU B 154 -20.33 19.23 -11.95
CA LEU B 154 -19.77 19.65 -13.24
C LEU B 154 -19.28 18.47 -14.06
N LYS B 155 -18.44 17.63 -13.46
CA LYS B 155 -17.96 16.40 -14.13
C LYS B 155 -19.13 15.55 -14.62
N LYS B 156 -20.23 15.54 -13.86
CA LYS B 156 -21.42 14.80 -14.23
C LYS B 156 -22.11 15.45 -15.43
N ILE B 157 -22.27 16.77 -15.41
CA ILE B 157 -22.77 17.48 -16.58
C ILE B 157 -21.90 17.24 -17.82
N ILE B 158 -20.59 17.30 -17.64
CA ILE B 158 -19.67 17.11 -18.73
C ILE B 158 -19.85 15.74 -19.33
N ASN B 159 -19.87 14.68 -18.51
CA ASN B 159 -20.03 13.33 -19.06
C ASN B 159 -21.40 13.09 -19.70
N GLU B 160 -22.41 13.79 -19.20
CA GLU B 160 -23.73 13.69 -19.79
C GLU B 160 -23.95 14.51 -21.08
N THR B 161 -23.08 15.46 -21.43
CA THR B 161 -23.37 16.34 -22.58
C THR B 161 -22.26 16.53 -23.65
N ALA B 162 -21.02 16.66 -23.24
CA ALA B 162 -19.93 17.01 -24.18
C ALA B 162 -19.73 16.05 -25.38
N PHE B 163 -20.08 14.79 -25.24
CA PHE B 163 -19.93 13.86 -26.36
C PHE B 163 -20.91 14.18 -27.54
N ALA B 164 -22.00 14.90 -27.25
CA ALA B 164 -23.01 15.19 -28.26
C ALA B 164 -22.63 16.35 -29.17
N ALA B 165 -21.68 17.16 -28.72
CA ALA B 165 -21.18 18.29 -29.49
C ALA B 165 -20.42 17.83 -30.73
N SER B 166 -20.56 18.61 -31.78
CA SER B 166 -19.84 18.37 -32.98
C SER B 166 -18.32 18.37 -32.77
N THR B 167 -17.63 17.74 -33.70
CA THR B 167 -16.17 17.81 -33.80
C THR B 167 -15.74 18.45 -35.14
N GLN B 168 -16.71 18.97 -35.90
CA GLN B 168 -16.43 19.65 -37.14
C GLN B 168 -16.07 21.10 -36.84
N GLU B 169 -14.79 21.45 -37.04
CA GLU B 169 -14.28 22.78 -36.71
C GLU B 169 -14.80 23.88 -37.65
N SER B 170 -15.45 23.49 -38.74
CA SER B 170 -15.99 24.47 -39.67
C SER B 170 -17.29 25.10 -39.18
N ARG B 171 -17.84 24.56 -38.10
CA ARG B 171 -19.02 25.14 -37.45
C ARG B 171 -18.82 25.34 -35.95
N PRO B 172 -17.93 26.27 -35.56
CA PRO B 172 -17.42 26.32 -34.20
C PRO B 172 -18.49 26.27 -33.09
N ILE B 173 -19.58 27.00 -33.24
CA ILE B 173 -20.56 27.13 -32.16
C ILE B 173 -21.05 25.77 -31.63
N LEU B 174 -21.27 24.79 -32.51
CA LEU B 174 -21.69 23.44 -32.10
C LEU B 174 -20.57 22.52 -31.56
N THR B 175 -19.33 22.98 -31.53
CA THR B 175 -18.23 22.22 -30.88
C THR B 175 -18.14 22.48 -29.37
N GLY B 176 -19.02 23.32 -28.86
CA GLY B 176 -19.04 23.66 -27.45
C GLY B 176 -20.32 23.19 -26.78
N VAL B 177 -20.33 23.32 -25.46
CA VAL B 177 -21.51 23.01 -24.69
C VAL B 177 -22.16 24.33 -24.25
N HIS B 178 -23.46 24.41 -24.42
CA HIS B 178 -24.18 25.65 -24.11
C HIS B 178 -24.68 25.59 -22.66
N PHE B 179 -24.29 26.57 -21.86
CA PHE B 179 -24.57 26.63 -20.43
C PHE B 179 -25.41 27.87 -20.15
N VAL B 180 -26.63 27.70 -19.62
CA VAL B 180 -27.50 28.84 -19.39
C VAL B 180 -28.06 28.77 -17.98
N LEU B 181 -27.84 29.83 -17.22
CA LEU B 181 -28.44 29.95 -15.92
C LEU B 181 -29.53 30.99 -16.08
N SER B 182 -30.78 30.59 -15.81
CA SER B 182 -31.91 31.52 -15.80
C SER B 182 -32.59 31.49 -14.44
N GLN B 183 -33.30 32.57 -14.11
CA GLN B 183 -34.08 32.68 -12.89
C GLN B 183 -33.20 32.41 -11.67
N HIS B 184 -31.98 32.90 -11.74
CA HIS B 184 -30.98 32.81 -10.68
C HIS B 184 -30.59 31.39 -10.20
N LYS B 185 -31.38 30.37 -10.51
CA LYS B 185 -31.06 28.99 -10.10
C LYS B 185 -31.31 27.88 -11.14
N GLU B 186 -31.86 28.18 -12.31
CA GLU B 186 -32.14 27.12 -13.31
C GLU B 186 -31.01 26.96 -14.32
N LEU B 187 -30.26 25.87 -14.20
CA LEU B 187 -29.10 25.65 -15.06
C LEU B 187 -29.40 24.66 -16.16
N LYS B 188 -29.25 25.09 -17.41
CA LYS B 188 -29.47 24.22 -18.56
C LYS B 188 -28.14 24.02 -19.28
N THR B 189 -27.83 22.77 -19.61
CA THR B 189 -26.68 22.45 -20.43
C THR B 189 -27.09 21.54 -21.60
N VAL B 190 -26.76 22.00 -22.79
CA VAL B 190 -27.16 21.36 -24.04
C VAL B 190 -25.96 21.26 -24.95
N ALA B 191 -25.91 20.20 -25.72
CA ALA B 191 -24.89 20.04 -26.76
C ALA B 191 -25.51 19.25 -27.88
N THR B 192 -25.23 19.65 -29.13
CA THR B 192 -25.70 18.93 -30.29
C THR B 192 -24.76 19.09 -31.44
N ASP B 193 -24.74 18.10 -32.31
CA ASP B 193 -23.94 18.17 -33.53
C ASP B 193 -24.84 18.20 -34.74
N SER B 194 -26.10 18.58 -34.51
CA SER B 194 -27.15 18.62 -35.53
C SER B 194 -27.73 17.25 -35.85
N HIS B 195 -27.13 16.15 -35.39
CA HIS B 195 -27.69 14.80 -35.64
C HIS B 195 -28.29 14.19 -34.40
N ARG B 196 -27.68 14.46 -33.26
CA ARG B 196 -28.14 14.00 -31.96
C ARG B 196 -27.88 15.10 -30.96
N LEU B 197 -28.56 15.01 -29.81
CA LEU B 197 -28.54 16.10 -28.82
C LEU B 197 -28.59 15.61 -27.38
N SER B 198 -27.91 16.34 -26.50
CA SER B 198 -27.97 16.05 -25.07
C SER B 198 -28.27 17.27 -24.22
N GLN B 199 -29.18 17.09 -23.27
CA GLN B 199 -29.60 18.18 -22.44
C GLN B 199 -29.74 17.71 -21.00
N LYS B 200 -29.10 18.44 -20.09
CA LYS B 200 -29.18 18.18 -18.66
C LYS B 200 -29.59 19.48 -17.98
N LYS B 201 -30.56 19.39 -17.08
CA LYS B 201 -31.06 20.53 -16.33
C LYS B 201 -30.99 20.29 -14.81
N LEU B 202 -30.50 21.28 -14.06
CA LEU B 202 -30.46 21.22 -12.60
C LEU B 202 -31.10 22.46 -12.04
N THR B 203 -31.46 22.39 -10.76
CA THR B 203 -31.72 23.59 -9.97
C THR B 203 -30.59 23.74 -8.95
N LEU B 204 -29.91 24.89 -8.98
CA LEU B 204 -28.82 25.17 -8.05
C LEU B 204 -29.39 25.34 -6.66
N GLU B 205 -28.75 24.73 -5.65
CA GLU B 205 -29.24 24.84 -4.27
C GLU B 205 -29.27 26.30 -3.78
N LYS B 206 -28.29 27.10 -4.24
CA LYS B 206 -28.19 28.53 -3.94
C LYS B 206 -28.24 29.38 -5.22
N ASN B 207 -28.73 30.61 -5.08
CA ASN B 207 -28.93 31.51 -6.23
C ASN B 207 -27.67 32.21 -6.67
N SER B 208 -27.58 32.48 -7.98
CA SER B 208 -26.41 33.10 -8.59
C SER B 208 -26.87 34.02 -9.72
N ASP B 209 -25.99 34.94 -10.12
CA ASP B 209 -26.28 35.84 -11.24
C ASP B 209 -26.32 35.05 -12.56
N ASP B 210 -27.26 35.40 -13.43
CA ASP B 210 -27.46 34.68 -14.70
C ASP B 210 -26.31 34.79 -15.69
N PHE B 211 -26.10 33.75 -16.50
CA PHE B 211 -25.12 33.79 -17.57
C PHE B 211 -25.57 32.96 -18.74
N ASP B 212 -24.87 33.10 -19.86
CA ASP B 212 -25.18 32.37 -21.08
C ASP B 212 -23.88 32.23 -21.86
N VAL B 213 -23.27 31.05 -21.80
CA VAL B 213 -21.96 30.86 -22.42
C VAL B 213 -21.92 29.58 -23.22
N VAL B 214 -20.93 29.48 -24.11
CA VAL B 214 -20.68 28.24 -24.83
C VAL B 214 -19.23 27.88 -24.61
N ILE B 215 -19.00 26.69 -24.06
CA ILE B 215 -17.67 26.27 -23.66
C ILE B 215 -17.15 25.14 -24.54
N PRO B 216 -16.00 25.30 -25.18
CA PRO B 216 -15.53 24.18 -26.02
C PRO B 216 -15.57 22.85 -25.30
N SER B 217 -16.01 21.80 -25.96
CA SER B 217 -16.10 20.48 -25.31
C SER B 217 -14.75 19.93 -24.94
N ARG B 218 -13.73 20.20 -25.75
CA ARG B 218 -12.35 19.79 -25.44
C ARG B 218 -11.85 20.43 -24.15
N SER B 219 -12.19 21.69 -23.93
CA SER B 219 -11.83 22.35 -22.69
C SER B 219 -12.48 21.64 -21.52
N LEU B 220 -13.75 21.28 -21.67
CA LEU B 220 -14.46 20.63 -20.56
C LEU B 220 -13.86 19.26 -20.23
N ARG B 221 -13.42 18.51 -21.24
CA ARG B 221 -12.75 17.23 -20.97
C ARG B 221 -11.47 17.45 -20.16
N GLU B 222 -10.74 18.52 -20.44
CA GLU B 222 -9.56 18.80 -19.64
C GLU B 222 -9.93 19.24 -18.24
N PHE B 223 -11.01 19.98 -18.10
CA PHE B 223 -11.47 20.38 -16.78
C PHE B 223 -11.60 19.15 -15.88
N SER B 224 -12.21 18.10 -16.41
CA SER B 224 -12.40 16.88 -15.60
C SER B 224 -11.09 16.19 -15.25
N ALA B 225 -10.10 16.27 -16.13
CA ALA B 225 -8.75 15.75 -15.86
C ALA B 225 -7.89 16.65 -14.94
N VAL B 226 -8.12 17.95 -14.95
CA VAL B 226 -7.29 18.85 -14.17
C VAL B 226 -7.71 18.84 -12.72
N PHE B 227 -9.01 18.81 -12.50
CA PHE B 227 -9.55 18.87 -11.15
C PHE B 227 -9.91 17.47 -10.67
N THR B 228 -8.99 16.91 -9.91
CA THR B 228 -9.15 15.61 -9.36
C THR B 228 -10.17 15.70 -8.26
N ASP B 229 -10.66 14.54 -7.85
CA ASP B 229 -11.83 14.47 -6.98
C ASP B 229 -11.53 14.98 -5.56
N ASP B 230 -10.26 15.06 -5.19
CA ASP B 230 -9.85 15.69 -3.92
C ASP B 230 -10.39 17.12 -3.78
N ILE B 231 -10.63 17.79 -4.91
CA ILE B 231 -11.14 19.16 -4.91
C ILE B 231 -12.64 19.09 -5.04
N GLU B 232 -13.35 19.41 -3.94
CA GLU B 232 -14.79 19.21 -3.81
C GLU B 232 -15.62 20.30 -4.52
N THR B 233 -15.09 21.52 -4.54
CA THR B 233 -15.74 22.62 -5.24
C THR B 233 -14.71 23.46 -5.98
N VAL B 234 -15.23 24.29 -6.86
CA VAL B 234 -14.43 25.21 -7.66
C VAL B 234 -15.20 26.53 -7.79
N GLU B 235 -14.47 27.63 -7.97
CA GLU B 235 -15.07 28.95 -8.22
C GLU B 235 -14.97 29.31 -9.69
N ILE B 236 -16.08 29.78 -10.28
CA ILE B 236 -16.15 30.10 -11.70
C ILE B 236 -16.33 31.58 -11.92
N PHE B 237 -15.51 32.16 -12.80
CA PHE B 237 -15.64 33.60 -13.10
C PHE B 237 -15.87 33.75 -14.59
N PHE B 238 -16.74 34.69 -14.97
CA PHE B 238 -17.16 34.87 -16.36
C PHE B 238 -16.63 36.17 -16.95
N ALA B 239 -16.09 36.10 -18.16
CA ALA B 239 -15.96 37.26 -19.03
C ALA B 239 -16.62 36.92 -20.37
N ASN B 240 -16.62 37.90 -21.29
CA ASN B 240 -17.24 37.70 -22.60
C ASN B 240 -16.42 36.76 -23.46
N ASN B 241 -15.10 36.89 -23.35
CA ASN B 241 -14.16 36.16 -24.19
C ASN B 241 -13.76 34.81 -23.58
N GLN B 242 -13.87 34.68 -22.26
CA GLN B 242 -13.28 33.57 -21.54
C GLN B 242 -13.94 33.31 -20.19
N ILE B 243 -13.45 32.30 -19.49
CA ILE B 243 -14.04 31.85 -18.24
C ILE B 243 -12.95 31.12 -17.42
N LEU B 244 -12.99 31.27 -16.11
CA LEU B 244 -11.97 30.73 -15.21
C LEU B 244 -12.59 29.83 -14.15
N PHE B 245 -12.03 28.64 -14.00
CA PHE B 245 -12.36 27.75 -12.89
C PHE B 245 -11.17 27.73 -11.91
N ARG B 246 -11.38 28.05 -10.64
CA ARG B 246 -10.28 28.13 -9.68
C ARG B 246 -10.53 27.33 -8.41
N SER B 247 -9.58 26.49 -8.04
CA SER B 247 -9.55 25.84 -6.74
C SER B 247 -8.52 26.58 -5.91
N GLU B 248 -8.17 26.05 -4.75
CA GLU B 248 -7.17 26.71 -3.91
C GLU B 248 -5.90 27.01 -4.69
N ASN B 249 -5.41 26.02 -5.43
CA ASN B 249 -4.09 26.11 -6.08
C ASN B 249 -4.09 26.16 -7.59
N ILE B 250 -5.20 25.85 -8.22
CA ILE B 250 -5.24 25.76 -9.67
C ILE B 250 -6.18 26.81 -10.24
N SER B 251 -5.68 27.51 -11.26
CA SER B 251 -6.49 28.37 -12.08
C SER B 251 -6.49 27.76 -13.48
N PHE B 252 -7.68 27.58 -14.04
CA PHE B 252 -7.87 26.96 -15.34
C PHE B 252 -8.75 27.89 -16.16
N TYR B 253 -8.13 28.53 -17.17
CA TYR B 253 -8.86 29.44 -18.06
C TYR B 253 -9.13 28.74 -19.38
N THR B 254 -10.24 29.09 -20.00
CA THR B 254 -10.57 28.61 -21.33
C THR B 254 -11.26 29.72 -22.09
N ARG B 255 -11.14 29.63 -23.40
CA ARG B 255 -11.87 30.50 -24.29
C ARG B 255 -13.32 30.10 -24.29
N LEU B 256 -14.16 31.07 -24.57
CA LEU B 256 -15.55 30.86 -24.87
C LEU B 256 -15.74 30.97 -26.38
N LEU B 257 -16.77 30.32 -26.87
CA LEU B 257 -17.15 30.46 -28.26
C LEU B 257 -18.12 31.62 -28.46
N GLU B 258 -17.69 32.66 -29.16
CA GLU B 258 -18.57 33.75 -29.55
C GLU B 258 -19.64 33.25 -30.54
N GLY B 259 -20.75 33.98 -30.59
CA GLY B 259 -21.86 33.65 -31.47
C GLY B 259 -23.10 33.16 -30.76
N ASN B 260 -24.22 33.15 -31.48
CA ASN B 260 -25.50 32.69 -30.96
C ASN B 260 -25.75 31.19 -31.11
N TYR B 261 -26.01 30.52 -29.99
CA TYR B 261 -26.25 29.10 -30.01
C TYR B 261 -27.66 28.91 -30.49
N PRO B 262 -27.94 27.84 -31.25
CA PRO B 262 -29.31 27.71 -31.77
C PRO B 262 -30.31 27.40 -30.67
N ASP B 263 -31.54 27.86 -30.83
CA ASP B 263 -32.62 27.54 -29.92
C ASP B 263 -32.92 26.06 -30.05
N THR B 264 -32.58 25.33 -28.99
CA THR B 264 -32.71 23.89 -28.98
C THR B 264 -34.04 23.39 -28.38
N ASP B 265 -34.73 24.23 -27.64
CA ASP B 265 -35.97 23.83 -26.97
C ASP B 265 -37.05 23.33 -27.97
N ARG B 266 -37.16 24.02 -29.12
CA ARG B 266 -38.10 23.62 -30.18
C ARG B 266 -37.84 22.20 -30.68
N LEU B 267 -36.60 21.71 -30.53
CA LEU B 267 -36.21 20.43 -31.12
C LEU B 267 -36.78 19.22 -30.42
N ILE B 268 -37.24 19.41 -29.18
CA ILE B 268 -37.62 18.32 -28.29
C ILE B 268 -39.11 18.02 -28.44
N PRO B 269 -39.48 16.81 -28.90
CA PRO B 269 -40.89 16.44 -28.99
C PRO B 269 -41.52 16.10 -27.64
N THR B 270 -42.85 16.16 -27.58
CA THR B 270 -43.62 16.01 -26.34
C THR B 270 -44.62 14.83 -26.39
N ASP B 271 -45.20 14.58 -27.58
CA ASP B 271 -46.17 13.49 -27.80
C ASP B 271 -45.52 12.33 -28.59
N PHE B 272 -45.94 11.11 -28.31
CA PHE B 272 -45.29 9.93 -28.85
C PHE B 272 -46.28 8.84 -29.19
N ASN B 273 -45.93 8.00 -30.15
CA ASN B 273 -46.78 6.88 -30.54
C ASN B 273 -46.29 5.56 -29.97
N THR B 274 -44.97 5.44 -29.81
CA THR B 274 -44.34 4.23 -29.32
C THR B 274 -43.36 4.59 -28.22
N THR B 275 -43.34 3.80 -27.16
CA THR B 275 -42.23 3.83 -26.21
C THR B 275 -41.71 2.41 -25.95
N ILE B 276 -40.43 2.30 -25.56
CA ILE B 276 -39.84 1.04 -25.17
C ILE B 276 -38.93 1.26 -23.97
N THR B 277 -38.97 0.35 -23.01
CA THR B 277 -38.14 0.49 -21.83
C THR B 277 -37.17 -0.67 -21.74
N PHE B 278 -35.89 -0.33 -21.79
CA PHE B 278 -34.84 -1.31 -21.99
C PHE B 278 -33.93 -1.35 -20.80
N ASN B 279 -33.30 -2.50 -20.59
CA ASN B 279 -32.11 -2.60 -19.77
C ASN B 279 -30.93 -1.96 -20.53
N VAL B 280 -30.28 -0.99 -19.88
CA VAL B 280 -29.31 -0.13 -20.54
C VAL B 280 -28.14 -0.94 -21.05
N VAL B 281 -27.60 -1.77 -20.18
CA VAL B 281 -26.44 -2.59 -20.51
C VAL B 281 -26.75 -3.53 -21.65
N ASN B 282 -27.87 -4.25 -21.55
CA ASN B 282 -28.24 -5.23 -22.57
C ASN B 282 -28.43 -4.58 -23.90
N LEU B 283 -29.06 -3.40 -23.92
CA LEU B 283 -29.23 -2.69 -25.17
C LEU B 283 -27.87 -2.27 -25.71
N ARG B 284 -26.99 -1.73 -24.87
CA ARG B 284 -25.67 -1.36 -25.34
C ARG B 284 -24.98 -2.55 -26.01
N GLN B 285 -25.05 -3.71 -25.40
CA GLN B 285 -24.34 -4.85 -25.97
C GLN B 285 -24.97 -5.28 -27.29
N SER B 286 -26.28 -5.09 -27.42
CA SER B 286 -26.95 -5.39 -28.69
C SER B 286 -26.56 -4.44 -29.80
N GLU B 288 -23.71 -2.71 -30.01
CA GLU B 288 -22.30 -2.93 -30.33
C GLU B 288 -22.09 -4.09 -31.26
N ARG B 289 -22.92 -5.12 -31.10
CA ARG B 289 -22.94 -6.25 -32.01
C ARG B 289 -23.43 -5.78 -33.37
N ALA B 290 -24.59 -5.13 -33.36
CA ALA B 290 -25.10 -4.47 -34.55
C ALA B 290 -24.02 -3.63 -35.24
N ARG B 291 -23.26 -2.88 -34.47
CA ARG B 291 -22.26 -1.97 -35.05
C ARG B 291 -21.08 -2.68 -35.72
N LEU B 292 -20.69 -3.84 -35.22
CA LEU B 292 -19.63 -4.61 -35.88
C LEU B 292 -19.92 -4.81 -37.34
N LEU B 293 -21.18 -5.05 -37.69
CA LEU B 293 -21.49 -5.30 -39.08
C LEU B 293 -21.89 -4.06 -39.83
N SER B 294 -22.54 -3.11 -39.16
CA SER B 294 -23.02 -1.92 -39.84
C SER B 294 -21.87 -0.97 -40.19
N SER B 295 -20.76 -1.05 -39.46
CA SER B 295 -19.62 -0.18 -39.76
C SER B 295 -18.80 -0.63 -40.95
N ALA B 296 -19.04 -1.85 -41.46
CA ALA B 296 -18.51 -2.25 -42.76
C ALA B 296 -19.15 -1.44 -43.92
N THR B 297 -20.36 -0.93 -43.72
CA THR B 297 -21.04 -0.04 -44.69
C THR B 297 -20.72 1.42 -44.38
N GLN B 298 -20.86 2.30 -45.38
CA GLN B 298 -20.81 3.75 -45.12
C GLN B 298 -22.12 4.23 -44.45
N ASN B 299 -23.28 3.90 -45.05
CA ASN B 299 -24.59 4.18 -44.42
C ASN B 299 -24.53 3.84 -42.93
N GLY B 300 -24.03 2.65 -42.63
CA GLY B 300 -23.79 2.21 -41.27
C GLY B 300 -24.93 2.39 -40.31
N THR B 301 -26.09 1.82 -40.65
CA THR B 301 -27.25 1.85 -39.77
C THR B 301 -27.74 0.50 -39.27
N VAL B 302 -28.35 0.54 -38.10
CA VAL B 302 -29.06 -0.59 -37.51
C VAL B 302 -30.55 -0.26 -37.70
N LYS B 303 -31.35 -1.30 -37.90
CA LYS B 303 -32.77 -1.17 -38.11
C LYS B 303 -33.43 -1.86 -36.95
N LEU B 304 -34.18 -1.08 -36.16
CA LEU B 304 -35.03 -1.65 -35.12
C LEU B 304 -36.36 -1.94 -35.75
N GLU B 305 -36.84 -3.16 -35.55
CA GLU B 305 -38.18 -3.54 -35.94
C GLU B 305 -39.00 -3.83 -34.67
N ILE B 306 -40.14 -3.19 -34.54
CA ILE B 306 -41.00 -3.41 -33.38
C ILE B 306 -42.39 -3.88 -33.83
N LYS B 307 -42.67 -5.17 -33.72
CA LYS B 307 -43.96 -5.74 -34.11
C LYS B 307 -44.58 -6.55 -32.97
N ASP B 308 -45.77 -6.13 -32.55
CA ASP B 308 -46.58 -6.80 -31.52
C ASP B 308 -45.82 -7.17 -30.23
N GLY B 309 -45.08 -6.19 -29.69
CA GLY B 309 -44.36 -6.37 -28.42
C GLY B 309 -42.93 -6.88 -28.57
N VAL B 310 -42.62 -7.41 -29.76
CA VAL B 310 -41.31 -7.96 -30.02
C VAL B 310 -40.45 -6.89 -30.68
N VAL B 311 -39.22 -6.77 -30.21
CA VAL B 311 -38.27 -5.78 -30.68
C VAL B 311 -37.08 -6.54 -31.23
N SER B 312 -36.64 -6.16 -32.42
CA SER B 312 -35.51 -6.87 -33.02
C SER B 312 -34.63 -5.93 -33.80
N ALA B 313 -33.34 -6.27 -33.85
CA ALA B 313 -32.32 -5.49 -34.56
C ALA B 313 -31.82 -6.24 -35.79
N HIS B 314 -31.65 -5.49 -36.88
CA HIS B 314 -31.22 -6.04 -38.15
C HIS B 314 -30.20 -5.16 -38.84
N VAL B 315 -29.12 -5.79 -39.29
CA VAL B 315 -28.10 -5.16 -40.09
C VAL B 315 -27.84 -6.08 -41.26
N HIS B 316 -27.77 -5.51 -42.44
CA HIS B 316 -27.35 -6.26 -43.60
C HIS B 316 -26.19 -5.59 -44.26
N SER B 317 -25.01 -6.19 -44.15
CA SER B 317 -23.81 -5.68 -44.79
C SER B 317 -23.41 -6.60 -45.93
N PRO B 318 -23.76 -6.25 -47.18
CA PRO B 318 -23.53 -7.21 -48.23
C PRO B 318 -22.06 -7.50 -48.39
N GLU B 319 -21.75 -8.72 -48.76
CA GLU B 319 -20.37 -9.18 -48.88
C GLU B 319 -19.74 -9.58 -47.53
N VAL B 320 -20.28 -9.07 -46.42
CA VAL B 320 -19.69 -9.29 -45.09
C VAL B 320 -20.56 -10.10 -44.14
N GLY B 321 -21.82 -9.70 -43.96
CA GLY B 321 -22.73 -10.50 -43.14
C GLY B 321 -24.01 -9.83 -42.73
N LYS B 322 -24.64 -10.36 -41.70
CA LYS B 322 -26.00 -9.99 -41.38
C LYS B 322 -26.23 -10.28 -39.89
N VAL B 323 -26.91 -9.37 -39.21
CA VAL B 323 -27.23 -9.51 -37.79
C VAL B 323 -28.74 -9.53 -37.68
N ASN B 324 -29.29 -10.53 -37.01
CA ASN B 324 -30.72 -10.62 -36.72
C ASN B 324 -30.83 -10.95 -35.24
N GLU B 325 -31.19 -9.98 -34.41
CA GLU B 325 -31.20 -10.21 -32.98
C GLU B 325 -32.48 -9.76 -32.32
N GLU B 326 -33.09 -10.62 -31.51
CA GLU B 326 -34.23 -10.21 -30.70
C GLU B 326 -33.71 -9.62 -29.41
N ILE B 327 -34.21 -8.44 -29.07
CA ILE B 327 -33.82 -7.74 -27.86
C ILE B 327 -34.95 -7.84 -26.83
N ASP B 328 -34.59 -8.28 -25.62
CA ASP B 328 -35.52 -8.40 -24.51
C ASP B 328 -35.82 -7.00 -23.93
N THR B 329 -37.06 -6.81 -23.51
CA THR B 329 -37.53 -5.49 -23.06
C THR B 329 -38.35 -5.58 -21.77
N ASP B 330 -38.24 -4.56 -20.93
CA ASP B 330 -39.08 -4.42 -19.75
C ASP B 330 -40.51 -4.14 -20.21
N GLN B 331 -40.69 -3.30 -21.22
CA GLN B 331 -42.03 -2.83 -21.59
C GLN B 331 -42.06 -2.25 -23.01
N VAL B 332 -43.09 -2.59 -23.78
CA VAL B 332 -43.32 -1.94 -25.07
C VAL B 332 -44.75 -1.46 -25.13
N THR B 333 -44.93 -0.16 -25.37
CA THR B 333 -46.25 0.41 -25.55
C THR B 333 -46.34 1.05 -26.91
N GLY B 334 -47.57 1.28 -27.35
CA GLY B 334 -47.83 2.06 -28.55
C GLY B 334 -47.96 1.16 -29.75
N GLU B 335 -47.57 1.68 -30.91
CA GLU B 335 -47.83 0.98 -32.15
C GLU B 335 -46.55 0.45 -32.74
N ASP B 336 -46.70 -0.41 -33.74
CA ASP B 336 -45.54 -1.00 -34.39
C ASP B 336 -44.72 0.11 -35.01
N LEU B 337 -43.46 -0.18 -35.24
CA LEU B 337 -42.56 0.81 -35.81
C LEU B 337 -41.35 0.12 -36.38
N THR B 338 -40.94 0.59 -37.55
CA THR B 338 -39.63 0.24 -38.06
C THR B 338 -38.79 1.48 -38.25
N ILE B 339 -37.61 1.49 -37.64
CA ILE B 339 -36.78 2.69 -37.64
C ILE B 339 -35.29 2.34 -37.71
N SER B 340 -34.53 3.12 -38.47
CA SER B 340 -33.09 2.94 -38.65
C SER B 340 -32.34 4.17 -38.18
N PHE B 341 -31.20 3.95 -37.54
CA PHE B 341 -30.39 5.02 -36.98
C PHE B 341 -28.96 4.55 -36.96
N ASN B 342 -28.09 5.49 -36.63
CA ASN B 342 -26.67 5.21 -36.42
C ASN B 342 -26.51 4.61 -35.02
N PRO B 343 -26.00 3.38 -34.94
CA PRO B 343 -25.92 2.74 -33.64
C PRO B 343 -24.90 3.39 -32.70
N THR B 344 -23.93 4.13 -33.24
CA THR B 344 -22.92 4.75 -32.40
C THR B 344 -23.59 5.79 -31.51
N TYR B 345 -24.55 6.53 -32.07
CA TYR B 345 -25.27 7.54 -31.30
C TYR B 345 -26.05 6.96 -30.14
N LEU B 346 -26.74 5.84 -30.38
CA LEU B 346 -27.48 5.15 -29.34
C LEU B 346 -26.50 4.69 -28.25
N ILE B 347 -25.40 4.06 -28.65
CA ILE B 347 -24.37 3.63 -27.71
C ILE B 347 -23.84 4.80 -26.85
N ASP B 348 -23.55 5.92 -27.49
CA ASP B 348 -23.03 7.09 -26.79
C ASP B 348 -24.04 7.50 -25.73
N SER B 349 -25.29 7.61 -26.15
CA SER B 349 -26.40 7.98 -25.28
C SER B 349 -26.52 7.05 -24.09
N LEU B 350 -26.32 5.76 -24.35
CA LEU B 350 -26.46 4.77 -23.31
C LEU B 350 -25.31 4.87 -22.33
N LYS B 351 -24.08 4.89 -22.85
CA LYS B 351 -22.90 5.09 -22.01
C LYS B 351 -23.02 6.32 -21.14
N ALA B 352 -23.83 7.29 -21.55
CA ALA B 352 -23.99 8.51 -20.76
C ALA B 352 -24.91 8.33 -19.56
N LEU B 353 -25.71 7.28 -19.54
CA LEU B 353 -26.67 7.08 -18.46
C LEU B 353 -26.02 6.42 -17.26
N ASN B 354 -26.47 6.79 -16.06
CA ASN B 354 -26.08 6.11 -14.83
C ASN B 354 -27.17 5.15 -14.30
N SER B 355 -28.25 4.97 -15.05
CA SER B 355 -29.39 4.18 -14.59
C SER B 355 -29.42 2.77 -15.15
N GLU B 356 -30.10 1.88 -14.42
CA GLU B 356 -30.28 0.50 -14.85
C GLU B 356 -31.10 0.40 -16.13
N LYS B 357 -32.06 1.30 -16.30
CA LYS B 357 -33.04 1.18 -17.37
C LYS B 357 -33.17 2.47 -18.13
N VAL B 358 -33.64 2.36 -19.37
CA VAL B 358 -33.78 3.52 -20.26
C VAL B 358 -35.12 3.46 -20.98
N THR B 359 -35.83 4.57 -20.96
CA THR B 359 -37.05 4.69 -21.74
C THR B 359 -36.79 5.48 -23.01
N ILE B 360 -37.01 4.84 -24.16
CA ILE B 360 -36.89 5.49 -25.46
C ILE B 360 -38.26 5.70 -26.07
N SER B 361 -38.52 6.90 -26.56
CA SER B 361 -39.84 7.24 -27.07
C SER B 361 -39.74 7.74 -28.50
N PHE B 362 -40.69 7.32 -29.34
CA PHE B 362 -40.59 7.52 -30.77
C PHE B 362 -41.83 8.20 -31.32
N ILE B 363 -41.70 8.74 -32.52
CA ILE B 363 -42.83 9.31 -33.25
C ILE B 363 -43.08 8.56 -34.54
N SER B 364 -42.04 8.46 -35.37
CA SER B 364 -42.14 7.85 -36.68
C SER B 364 -40.77 7.37 -37.06
N ALA B 365 -40.65 6.79 -38.25
CA ALA B 365 -39.38 6.33 -38.74
C ALA B 365 -38.47 7.50 -39.14
N VAL B 366 -39.05 8.68 -39.34
CA VAL B 366 -38.29 9.83 -39.82
C VAL B 366 -38.13 10.97 -38.83
N ARG B 367 -38.87 10.97 -37.73
CA ARG B 367 -38.69 12.03 -36.74
C ARG B 367 -37.74 11.60 -35.61
N PRO B 368 -36.97 12.56 -35.09
CA PRO B 368 -36.08 12.28 -33.96
C PRO B 368 -36.78 11.59 -32.83
N PHE B 369 -36.07 10.71 -32.12
CA PHE B 369 -36.64 10.06 -30.96
C PHE B 369 -35.92 10.45 -29.64
N THR B 370 -36.57 10.29 -28.49
CA THR B 370 -35.96 10.71 -27.21
C THR B 370 -35.53 9.51 -26.35
N LEU B 371 -34.51 9.71 -25.51
CA LEU B 371 -34.10 8.71 -24.52
C LEU B 371 -33.91 9.38 -23.17
N VAL B 372 -34.53 8.81 -22.14
CA VAL B 372 -34.35 9.28 -20.75
C VAL B 372 -34.03 8.09 -19.84
N PRO B 373 -33.36 8.35 -18.72
CA PRO B 373 -33.25 7.31 -17.72
C PRO B 373 -34.60 7.03 -17.11
N ALA B 374 -34.92 5.74 -16.98
CA ALA B 374 -36.21 5.31 -16.47
C ALA B 374 -36.23 5.30 -14.94
N ASP B 375 -37.38 5.68 -14.40
CA ASP B 375 -37.65 5.67 -12.96
C ASP B 375 -36.66 6.57 -12.17
N THR B 376 -36.63 7.86 -12.50
CA THR B 376 -35.65 8.78 -11.90
C THR B 376 -36.12 10.25 -11.87
N ASP B 377 -35.65 10.99 -10.85
CA ASP B 377 -35.93 12.44 -10.73
C ASP B 377 -35.18 13.27 -11.78
N GLU B 378 -34.09 12.73 -12.30
CA GLU B 378 -33.15 13.45 -13.16
C GLU B 378 -33.76 14.04 -14.44
N ASP B 379 -33.48 15.31 -14.71
CA ASP B 379 -33.96 15.98 -15.92
C ASP B 379 -32.88 15.90 -17.02
N PHE B 380 -32.67 14.67 -17.48
CA PHE B 380 -31.60 14.34 -18.40
C PHE B 380 -32.26 13.71 -19.62
N GLN B 382 -32.17 13.17 -24.04
CA GLN B 382 -31.38 13.07 -25.25
C GLN B 382 -32.27 12.84 -26.45
N LEU B 383 -31.74 13.18 -27.63
CA LEU B 383 -32.43 13.09 -28.92
C LEU B 383 -31.50 12.49 -29.96
N ILE B 384 -32.07 11.68 -30.85
CA ILE B 384 -31.34 11.07 -31.93
C ILE B 384 -32.20 11.12 -33.18
N THR B 385 -31.61 11.64 -34.25
CA THR B 385 -32.31 11.77 -35.51
C THR B 385 -32.11 10.48 -36.24
N PRO B 386 -33.19 9.86 -36.68
CA PRO B 386 -33.07 8.65 -37.47
C PRO B 386 -32.71 8.93 -38.92
N VAL B 387 -32.50 7.85 -39.65
CA VAL B 387 -32.10 7.88 -41.03
C VAL B 387 -33.23 7.35 -41.91
N ARG B 388 -33.61 8.13 -42.90
CA ARG B 388 -34.65 7.72 -43.86
C ARG B 388 -34.14 6.57 -44.71
N THR B 389 -35.00 5.58 -44.97
CA THR B 389 -34.63 4.41 -45.80
C THR B 389 -35.80 3.97 -46.70
N ILE C 14 -9.31 -11.81 -10.92
CA ILE C 14 -9.46 -12.65 -9.76
C ILE C 14 -10.90 -12.70 -9.28
N HIS C 15 -11.35 -13.89 -8.93
CA HIS C 15 -12.55 -14.08 -8.13
C HIS C 15 -12.40 -15.36 -7.32
N PHE C 16 -12.28 -15.18 -6.00
CA PHE C 16 -12.31 -16.30 -5.05
C PHE C 16 -13.07 -15.88 -3.83
N SER C 17 -13.59 -16.85 -3.09
CA SER C 17 -14.19 -16.60 -1.77
C SER C 17 -13.46 -17.48 -0.74
N ILE C 18 -13.34 -16.98 0.48
CA ILE C 18 -12.50 -17.64 1.45
C ILE C 18 -13.02 -17.40 2.86
N ASN C 19 -12.66 -18.27 3.80
CA ASN C 19 -12.88 -17.97 5.22
C ASN C 19 -12.00 -16.77 5.63
N LYS C 20 -12.62 -15.78 6.28
CA LYS C 20 -11.92 -14.54 6.59
C LYS C 20 -10.77 -14.80 7.53
N ASN C 21 -10.99 -15.62 8.54
CA ASN C 21 -9.97 -15.84 9.56
C ASN C 21 -8.66 -16.50 9.08
N LEU C 22 -8.76 -17.61 8.35
CA LEU C 22 -7.55 -18.28 7.80
C LEU C 22 -6.79 -17.32 6.90
N PHE C 23 -7.54 -16.64 6.03
CA PHE C 23 -6.98 -15.65 5.09
C PHE C 23 -6.19 -14.59 5.87
N LEU C 24 -6.85 -14.01 6.86
CA LEU C 24 -6.23 -13.00 7.71
C LEU C 24 -5.00 -13.53 8.45
N GLN C 25 -5.05 -14.78 8.93
CA GLN C 25 -3.88 -15.42 9.55
C GLN C 25 -2.72 -15.53 8.57
N ALA C 26 -3.00 -15.97 7.34
CA ALA C 26 -1.97 -16.02 6.30
C ALA C 26 -1.49 -14.63 5.89
N LEU C 27 -2.40 -13.67 5.78
CA LEU C 27 -1.94 -12.32 5.47
C LEU C 27 -1.01 -11.77 6.57
N ASN C 28 -1.30 -12.06 7.83
CA ASN C 28 -0.43 -11.60 8.91
C ASN C 28 0.93 -12.34 8.93
N THR C 29 0.97 -13.54 8.38
CA THR C 29 2.24 -14.24 8.26
C THR C 29 3.08 -13.59 7.18
N THR C 30 2.45 -13.29 6.05
CA THR C 30 3.17 -12.69 4.94
C THR C 30 3.63 -11.26 5.29
N LYS C 31 2.82 -10.51 6.04
CA LYS C 31 3.17 -9.13 6.41
C LYS C 31 4.47 -9.09 7.19
N ARG C 32 4.80 -10.18 7.86
CA ARG C 32 6.06 -10.29 8.61
C ARG C 32 7.28 -9.88 7.76
N ALA C 33 7.22 -10.10 6.44
CA ALA C 33 8.32 -9.75 5.52
C ALA C 33 8.08 -8.45 4.73
N ILE C 34 7.07 -7.68 5.09
CA ILE C 34 6.72 -6.41 4.44
C ILE C 34 6.81 -5.26 5.43
N SER C 35 7.51 -4.18 5.06
CA SER C 35 7.50 -2.95 5.87
C SER C 35 6.90 -1.76 5.09
N SER C 36 6.23 -0.86 5.83
CA SER C 36 5.59 0.33 5.26
C SER C 36 6.63 1.36 4.82
N LYS C 37 7.65 1.57 5.65
CA LYS C 37 8.82 2.37 5.25
C LYS C 37 9.75 1.46 4.43
N ASN C 38 9.99 1.81 3.17
CA ASN C 38 10.79 0.93 2.27
C ASN C 38 11.44 1.68 1.10
N ALA C 39 12.75 1.49 0.92
CA ALA C 39 13.53 2.19 -0.12
C ALA C 39 13.09 1.86 -1.55
N ILE C 40 12.65 0.61 -1.79
CA ILE C 40 12.03 0.22 -3.06
C ILE C 40 10.49 0.22 -2.85
N PRO C 41 9.82 1.32 -3.27
CA PRO C 41 8.46 1.65 -2.79
C PRO C 41 7.40 0.57 -2.94
N ILE C 42 7.50 -0.24 -4.00
CA ILE C 42 6.50 -1.27 -4.33
C ILE C 42 6.48 -2.38 -3.29
N LEU C 43 7.59 -2.55 -2.58
CA LEU C 43 7.72 -3.62 -1.60
C LEU C 43 6.81 -3.48 -0.38
N SER C 44 6.10 -2.36 -0.24
CA SER C 44 5.08 -2.23 0.81
C SER C 44 3.82 -3.01 0.48
N THR C 45 3.66 -3.38 -0.80
CA THR C 45 2.50 -4.14 -1.23
C THR C 45 2.68 -5.63 -0.95
N VAL C 46 1.56 -6.30 -0.63
CA VAL C 46 1.51 -7.75 -0.65
C VAL C 46 1.11 -8.14 -2.06
N LYS C 47 1.61 -9.28 -2.53
CA LYS C 47 1.28 -9.78 -3.85
C LYS C 47 0.43 -11.04 -3.75
N ILE C 48 -0.77 -10.97 -4.33
CA ILE C 48 -1.75 -12.06 -4.34
C ILE C 48 -1.80 -12.74 -5.73
N ASP C 49 -1.28 -13.97 -5.80
CA ASP C 49 -1.37 -14.81 -7.01
C ASP C 49 -2.44 -15.84 -6.75
N VAL C 50 -3.31 -16.04 -7.74
CA VAL C 50 -4.47 -16.91 -7.61
C VAL C 50 -4.43 -17.88 -8.79
N THR C 51 -4.06 -19.12 -8.48
CA THR C 51 -3.99 -20.18 -9.46
C THR C 51 -5.11 -21.17 -9.22
N ASN C 52 -5.28 -22.10 -10.17
CA ASN C 52 -6.23 -23.20 -10.01
C ASN C 52 -6.07 -23.94 -8.69
N GLU C 53 -4.83 -24.09 -8.23
CA GLU C 53 -4.51 -24.98 -7.13
C GLU C 53 -4.62 -24.30 -5.75
N GLY C 54 -4.69 -22.98 -5.72
CA GLY C 54 -4.75 -22.26 -4.44
C GLY C 54 -4.36 -20.80 -4.55
N ILE C 55 -4.10 -20.17 -3.42
CA ILE C 55 -3.63 -18.79 -3.42
C ILE C 55 -2.23 -18.71 -2.83
N THR C 56 -1.33 -18.00 -3.49
CA THR C 56 -0.04 -17.68 -2.92
C THR C 56 0.01 -16.19 -2.51
N LEU C 57 0.43 -15.93 -1.29
CA LEU C 57 0.63 -14.57 -0.83
C LEU C 57 2.14 -14.32 -0.74
N ILE C 58 2.67 -13.45 -1.59
CA ILE C 58 4.09 -13.07 -1.52
C ILE C 58 4.31 -11.70 -0.86
N GLY C 59 5.34 -11.62 -0.02
CA GLY C 59 5.79 -10.35 0.57
C GLY C 59 7.30 -10.34 0.81
N SER C 60 7.92 -9.17 0.72
CA SER C 60 9.35 -9.05 0.91
C SER C 60 9.74 -7.63 1.22
N ASN C 61 10.92 -7.48 1.82
CA ASN C 61 11.46 -6.21 2.22
C ASN C 61 12.89 -5.98 1.72
N GLY C 62 13.36 -6.87 0.84
CA GLY C 62 14.72 -6.82 0.35
C GLY C 62 15.74 -7.60 1.17
N GLN C 63 15.37 -8.08 2.36
CA GLN C 63 16.25 -8.92 3.22
C GLN C 63 15.69 -10.31 3.37
N ILE C 64 14.39 -10.37 3.71
CA ILE C 64 13.65 -11.61 3.79
C ILE C 64 12.52 -11.61 2.76
N SER C 65 12.06 -12.81 2.40
CA SER C 65 10.91 -12.99 1.50
C SER C 65 10.05 -14.11 2.03
N ILE C 66 8.73 -13.90 2.01
CA ILE C 66 7.78 -14.93 2.47
C ILE C 66 6.82 -15.28 1.35
N GLU C 67 6.48 -16.56 1.27
CA GLU C 67 5.60 -17.07 0.24
C GLU C 67 4.61 -17.98 0.93
N ASN C 68 3.40 -17.49 1.16
CA ASN C 68 2.41 -18.24 1.93
C ASN C 68 1.31 -18.80 1.02
N PHE C 69 1.28 -20.12 0.89
CA PHE C 69 0.30 -20.78 0.04
C PHE C 69 -0.91 -21.31 0.81
N ILE C 70 -2.10 -20.91 0.37
CA ILE C 70 -3.35 -21.52 0.85
C ILE C 70 -3.93 -22.42 -0.24
N SER C 71 -4.07 -23.71 0.09
CA SER C 71 -4.60 -24.69 -0.87
C SER C 71 -6.12 -24.61 -1.02
N GLN C 72 -6.61 -24.96 -2.21
CA GLN C 72 -8.05 -25.09 -2.48
C GLN C 72 -8.61 -26.44 -1.97
N LYS C 73 -7.74 -27.34 -1.51
CA LYS C 73 -8.19 -28.60 -0.89
C LYS C 73 -8.25 -28.51 0.64
N ASN C 74 -7.87 -27.36 1.20
CA ASN C 74 -7.94 -27.15 2.65
C ASN C 74 -9.38 -26.91 3.10
N GLU C 75 -9.98 -27.93 3.72
CA GLU C 75 -11.36 -27.84 4.22
C GLU C 75 -11.52 -26.65 5.19
N ASP C 76 -10.47 -26.39 5.97
CA ASP C 76 -10.47 -25.32 6.97
C ASP C 76 -10.51 -23.89 6.35
N ALA C 77 -10.09 -23.76 5.08
CA ALA C 77 -10.00 -22.45 4.43
C ALA C 77 -11.32 -21.95 3.85
N GLY C 78 -12.22 -22.86 3.53
CA GLY C 78 -13.46 -22.52 2.83
C GLY C 78 -13.20 -21.77 1.52
N LEU C 79 -12.30 -22.31 0.70
CA LEU C 79 -11.77 -21.60 -0.46
C LEU C 79 -12.38 -22.06 -1.77
N LEU C 80 -13.37 -21.30 -2.26
CA LEU C 80 -13.94 -21.49 -3.60
C LEU C 80 -13.31 -20.45 -4.54
N ILE C 81 -12.85 -20.89 -5.73
CA ILE C 81 -12.19 -19.99 -6.68
C ILE C 81 -12.85 -20.07 -8.06
N THR C 82 -13.41 -18.96 -8.52
CA THR C 82 -14.03 -18.89 -9.85
C THR C 82 -12.97 -18.55 -10.91
N SER C 83 -12.35 -17.38 -10.75
CA SER C 83 -11.49 -16.79 -11.79
C SER C 83 -10.07 -16.50 -11.26
N LEU C 84 -9.05 -16.79 -12.08
CA LEU C 84 -7.64 -16.67 -11.69
C LEU C 84 -7.12 -15.26 -11.93
N GLY C 85 -5.94 -14.98 -11.38
CA GLY C 85 -5.27 -13.71 -11.63
C GLY C 85 -4.24 -13.33 -10.59
N SER C 86 -3.59 -12.21 -10.82
CA SER C 86 -2.56 -11.69 -9.93
C SER C 86 -2.77 -10.20 -9.65
N ILE C 87 -2.64 -9.78 -8.39
CA ILE C 87 -2.68 -8.35 -8.07
C ILE C 87 -1.83 -7.94 -6.86
N LEU C 88 -1.44 -6.67 -6.83
CA LEU C 88 -0.77 -6.06 -5.68
C LEU C 88 -1.74 -5.21 -4.86
N LEU C 89 -1.60 -5.29 -3.53
CA LEU C 89 -2.35 -4.44 -2.62
C LEU C 89 -1.44 -3.92 -1.54
N GLU C 90 -1.56 -2.64 -1.23
CA GLU C 90 -0.84 -2.04 -0.12
C GLU C 90 -1.20 -2.75 1.19
N ALA C 91 -0.22 -3.43 1.79
CA ALA C 91 -0.51 -4.52 2.73
C ALA C 91 -1.06 -4.10 4.11
N SER C 92 -0.40 -3.18 4.80
CA SER C 92 -0.96 -2.69 6.07
C SER C 92 -2.46 -2.43 5.92
N PHE C 93 -2.82 -1.58 4.96
CA PHE C 93 -4.21 -1.16 4.76
C PHE C 93 -5.15 -2.32 4.42
N PHE C 94 -4.77 -3.11 3.42
CA PHE C 94 -5.55 -4.28 3.00
C PHE C 94 -5.84 -5.18 4.20
N ILE C 95 -4.80 -5.50 4.96
CA ILE C 95 -4.97 -6.39 6.10
C ILE C 95 -5.88 -5.78 7.17
N ASN C 96 -5.70 -4.51 7.49
CA ASN C 96 -6.63 -3.80 8.37
C ASN C 96 -8.08 -3.86 7.89
N VAL C 97 -8.25 -3.80 6.57
CA VAL C 97 -9.57 -3.83 5.98
C VAL C 97 -10.15 -5.24 6.12
N VAL C 98 -9.42 -6.25 5.69
CA VAL C 98 -9.93 -7.62 5.79
C VAL C 98 -10.32 -7.87 7.24
N SER C 99 -9.43 -7.47 8.15
CA SER C 99 -9.64 -7.64 9.58
C SER C 99 -10.99 -7.08 10.08
N SER C 100 -11.46 -6.00 9.45
CA SER C 100 -12.62 -5.25 9.91
C SER C 100 -13.95 -5.77 9.34
N LEU C 101 -13.85 -6.65 8.36
CA LEU C 101 -15.02 -7.19 7.68
C LEU C 101 -15.86 -8.00 8.66
N PRO C 102 -17.20 -7.93 8.54
CA PRO C 102 -18.11 -8.44 9.57
C PRO C 102 -18.36 -9.93 9.60
N ASP C 103 -18.24 -10.59 8.45
CA ASP C 103 -18.73 -11.97 8.32
C ASP C 103 -17.65 -13.03 8.33
N VAL C 104 -18.08 -14.28 8.39
CA VAL C 104 -17.18 -15.41 8.47
C VAL C 104 -16.37 -15.56 7.19
N THR C 105 -16.97 -15.23 6.05
CA THR C 105 -16.35 -15.44 4.75
C THR C 105 -16.36 -14.18 3.89
N LEU C 106 -15.40 -14.15 2.97
CA LEU C 106 -15.07 -12.98 2.17
C LEU C 106 -15.26 -13.32 0.69
N ASP C 107 -15.79 -12.38 -0.09
CA ASP C 107 -15.73 -12.46 -1.56
C ASP C 107 -14.68 -11.47 -2.06
N PHE C 108 -13.74 -11.96 -2.86
CA PHE C 108 -12.64 -11.17 -3.43
C PHE C 108 -12.81 -11.14 -4.96
N LYS C 109 -13.25 -10.02 -5.51
CA LYS C 109 -13.46 -9.90 -6.96
C LYS C 109 -12.65 -8.75 -7.54
N GLU C 110 -11.79 -9.06 -8.51
CA GLU C 110 -11.15 -8.03 -9.34
C GLU C 110 -12.16 -7.52 -10.35
N ILE C 111 -12.21 -6.19 -10.46
CA ILE C 111 -12.94 -5.50 -11.52
C ILE C 111 -11.92 -4.65 -12.29
N GLU C 112 -12.41 -3.79 -13.19
CA GLU C 112 -11.53 -2.93 -13.99
C GLU C 112 -10.57 -2.05 -13.19
N GLN C 113 -9.51 -1.65 -13.86
CA GLN C 113 -8.56 -0.66 -13.35
C GLN C 113 -7.83 -1.06 -12.05
N ASN C 114 -7.46 -2.34 -11.96
CA ASN C 114 -6.70 -2.89 -10.82
C ASN C 114 -7.38 -2.68 -9.45
N GLN C 115 -8.72 -2.69 -9.48
CA GLN C 115 -9.53 -2.50 -8.28
C GLN C 115 -10.01 -3.85 -7.77
N ILE C 116 -9.96 -4.04 -6.45
CA ILE C 116 -10.51 -5.22 -5.81
C ILE C 116 -11.70 -4.87 -4.93
N VAL C 117 -12.79 -5.58 -5.14
CA VAL C 117 -14.00 -5.43 -4.33
C VAL C 117 -14.04 -6.56 -3.33
N LEU C 118 -14.05 -6.18 -2.05
CA LEU C 118 -14.25 -7.12 -0.95
C LEU C 118 -15.71 -7.06 -0.53
N THR C 119 -16.38 -8.21 -0.52
CA THR C 119 -17.77 -8.28 -0.08
C THR C 119 -17.91 -9.30 1.02
N SER C 120 -18.45 -8.85 2.14
CA SER C 120 -18.54 -9.60 3.37
C SER C 120 -19.77 -9.08 4.09
N GLY C 121 -20.86 -9.83 4.05
CA GLY C 121 -22.13 -9.38 4.65
C GLY C 121 -22.81 -8.31 3.82
N LYS C 122 -23.47 -7.37 4.50
CA LYS C 122 -24.08 -6.23 3.81
C LYS C 122 -23.03 -5.14 3.60
N SER C 123 -21.78 -5.55 3.40
CA SER C 123 -20.66 -4.60 3.37
C SER C 123 -19.68 -4.88 2.23
N GLU C 124 -19.60 -3.89 1.33
CA GLU C 124 -18.80 -3.95 0.12
C GLU C 124 -17.77 -2.83 0.18
N ILE C 125 -16.49 -3.20 0.11
CA ILE C 125 -15.40 -2.23 0.20
C ILE C 125 -14.47 -2.43 -0.99
N THR C 126 -14.26 -1.35 -1.73
CA THR C 126 -13.50 -1.39 -2.96
C THR C 126 -12.12 -0.79 -2.68
N LEU C 127 -11.06 -1.48 -3.11
CA LEU C 127 -9.69 -1.07 -2.86
C LEU C 127 -8.91 -0.94 -4.15
N LYS C 128 -8.25 0.21 -4.33
CA LYS C 128 -7.40 0.44 -5.49
C LYS C 128 -6.12 -0.37 -5.33
N GLY C 129 -5.85 -1.27 -6.27
CA GLY C 129 -4.63 -2.08 -6.23
C GLY C 129 -3.67 -1.76 -7.36
N LYS C 130 -2.76 -2.67 -7.65
CA LYS C 130 -1.71 -2.43 -8.67
C LYS C 130 -1.38 -3.66 -9.50
N ASP C 131 -1.18 -3.42 -10.80
CA ASP C 131 -0.71 -4.44 -11.71
C ASP C 131 0.54 -5.04 -11.11
N SER C 132 0.61 -6.37 -11.14
CA SER C 132 1.65 -7.08 -10.42
C SER C 132 2.95 -7.24 -11.19
N GLU C 133 2.92 -7.13 -12.51
CA GLU C 133 4.14 -7.29 -13.33
C GLU C 133 5.35 -6.55 -12.75
N GLN C 134 5.12 -5.42 -12.11
CA GLN C 134 6.20 -4.58 -11.57
C GLN C 134 6.82 -5.10 -10.28
N TYR C 135 6.18 -6.08 -9.63
CA TYR C 135 6.69 -6.64 -8.38
C TYR C 135 7.86 -7.57 -8.70
N PRO C 136 9.01 -7.39 -8.01
CA PRO C 136 10.20 -8.17 -8.29
C PRO C 136 10.04 -9.64 -7.98
N ARG C 137 10.50 -10.48 -8.90
CA ARG C 137 10.48 -11.93 -8.75
C ARG C 137 11.57 -12.35 -7.77
N ILE C 138 11.31 -13.45 -7.04
CA ILE C 138 12.22 -13.93 -6.01
C ILE C 138 13.20 -14.91 -6.66
N GLN C 139 14.49 -14.64 -6.55
CA GLN C 139 15.52 -15.55 -7.09
C GLN C 139 15.38 -16.94 -6.45
N GLU C 140 15.02 -17.93 -7.27
CA GLU C 140 14.88 -19.32 -6.81
C GLU C 140 16.23 -19.87 -6.35
N ILE C 141 16.21 -20.63 -5.26
CA ILE C 141 17.40 -21.34 -4.81
C ILE C 141 17.59 -22.55 -5.72
N SER C 142 18.78 -22.66 -6.33
CA SER C 142 19.12 -23.80 -7.19
C SER C 142 19.02 -25.09 -6.37
N ALA C 143 18.22 -26.04 -6.85
CA ALA C 143 17.77 -27.18 -6.01
C ALA C 143 18.93 -28.06 -5.50
N SER C 144 18.76 -28.60 -4.30
CA SER C 144 19.76 -29.43 -3.65
C SER C 144 19.06 -30.41 -2.70
N THR C 145 19.85 -31.16 -1.92
CA THR C 145 19.30 -32.01 -0.85
C THR C 145 18.86 -31.13 0.32
N PRO C 146 17.66 -31.37 0.87
CA PRO C 146 17.25 -30.56 2.02
C PRO C 146 17.97 -30.97 3.31
N LEU C 147 18.04 -30.04 4.26
CA LEU C 147 18.39 -30.36 5.62
C LEU C 147 17.10 -30.21 6.42
N ILE C 148 16.76 -31.21 7.20
CA ILE C 148 15.51 -31.20 7.97
C ILE C 148 15.83 -31.01 9.46
N LEU C 149 15.26 -29.99 10.09
CA LEU C 149 15.43 -29.78 11.52
C LEU C 149 14.09 -29.51 12.18
N GLU C 150 13.95 -29.96 13.42
CA GLU C 150 12.80 -29.63 14.22
C GLU C 150 12.80 -28.12 14.36
N THR C 151 11.62 -27.53 14.20
CA THR C 151 11.40 -26.12 14.42
C THR C 151 11.74 -25.69 15.85
N LYS C 152 11.40 -26.53 16.83
CA LYS C 152 11.74 -26.23 18.23
C LYS C 152 13.24 -26.02 18.42
N LEU C 153 14.05 -26.85 17.77
CA LEU C 153 15.51 -26.79 17.88
C LEU C 153 16.06 -25.43 17.41
N LEU C 154 15.60 -24.96 16.26
CA LEU C 154 16.03 -23.69 15.74
C LEU C 154 15.57 -22.54 16.59
N LYS C 155 14.29 -22.56 16.96
CA LYS C 155 13.75 -21.52 17.81
C LYS C 155 14.56 -21.39 19.11
N LYS C 156 15.06 -22.53 19.60
CA LYS C 156 15.84 -22.54 20.83
C LYS C 156 17.24 -21.99 20.58
N ILE C 157 17.95 -22.55 19.59
CA ILE C 157 19.21 -22.00 19.12
C ILE C 157 19.10 -20.48 18.93
N ILE C 158 18.02 -20.02 18.31
CA ILE C 158 17.85 -18.61 18.04
C ILE C 158 17.70 -17.82 19.33
N ASN C 159 16.86 -18.31 20.24
CA ASN C 159 16.72 -17.68 21.55
C ASN C 159 18.02 -17.66 22.37
N GLU C 160 18.83 -18.69 22.22
CA GLU C 160 20.09 -18.77 22.96
C GLU C 160 21.25 -17.91 22.41
N THR C 161 21.15 -17.43 21.18
CA THR C 161 22.28 -16.77 20.51
C THR C 161 21.99 -15.39 19.86
N ALA C 162 20.87 -15.23 19.19
CA ALA C 162 20.61 -14.03 18.38
C ALA C 162 20.85 -12.67 19.09
N PHE C 163 20.57 -12.62 20.38
CA PHE C 163 20.67 -11.38 21.12
C PHE C 163 22.13 -10.89 21.30
N ALA C 164 23.09 -11.82 21.24
CA ALA C 164 24.52 -11.51 21.35
C ALA C 164 25.13 -10.82 20.11
N ALA C 165 24.51 -11.02 18.95
CA ALA C 165 24.94 -10.35 17.73
C ALA C 165 24.79 -8.85 17.83
N SER C 166 25.70 -8.15 17.19
CA SER C 166 25.70 -6.72 17.13
C SER C 166 24.50 -6.15 16.38
N THR C 167 24.23 -4.89 16.63
CA THR C 167 23.22 -4.15 15.92
C THR C 167 23.83 -2.93 15.17
N GLN C 168 25.12 -2.67 15.37
CA GLN C 168 25.87 -1.68 14.59
C GLN C 168 26.06 -2.16 13.14
N GLU C 169 25.58 -1.37 12.18
CA GLU C 169 25.74 -1.68 10.75
C GLU C 169 27.20 -1.56 10.25
N SER C 170 28.07 -0.92 11.02
CA SER C 170 29.45 -0.64 10.58
C SER C 170 30.24 -1.89 10.15
N ARG C 171 29.94 -3.01 10.79
CA ARG C 171 30.65 -4.28 10.59
C ARG C 171 29.60 -5.39 10.45
N PRO C 172 28.99 -5.50 9.25
CA PRO C 172 27.82 -6.31 8.94
C PRO C 172 27.86 -7.73 9.45
N ILE C 173 28.98 -8.40 9.25
CA ILE C 173 29.08 -9.83 9.50
C ILE C 173 28.66 -10.20 10.93
N LEU C 174 28.98 -9.34 11.89
CA LEU C 174 28.58 -9.53 13.29
C LEU C 174 27.08 -9.29 13.61
N THR C 175 26.32 -8.71 12.68
CA THR C 175 24.88 -8.56 12.85
C THR C 175 24.15 -9.88 12.63
N GLY C 176 24.86 -10.92 12.19
CA GLY C 176 24.24 -12.21 11.97
C GLY C 176 24.77 -13.28 12.91
N VAL C 177 24.16 -14.47 12.81
CA VAL C 177 24.55 -15.60 13.62
C VAL C 177 25.26 -16.62 12.76
N HIS C 178 26.34 -17.19 13.27
CA HIS C 178 27.24 -18.03 12.49
C HIS C 178 26.85 -19.50 12.73
N PHE C 179 26.46 -20.21 11.66
CA PHE C 179 26.01 -21.58 11.74
C PHE C 179 26.99 -22.47 11.01
N VAL C 180 27.62 -23.36 11.76
CA VAL C 180 28.64 -24.25 11.24
C VAL C 180 28.29 -25.69 11.59
N LEU C 181 28.12 -26.49 10.55
CA LEU C 181 27.96 -27.91 10.68
C LEU C 181 29.24 -28.55 10.17
N SER C 182 29.92 -29.26 11.06
CA SER C 182 31.10 -30.04 10.72
C SER C 182 30.92 -31.47 11.20
N GLN C 183 31.68 -32.39 10.62
CA GLN C 183 31.60 -33.81 10.93
C GLN C 183 30.21 -34.39 10.67
N HIS C 184 29.51 -33.81 9.70
CA HIS C 184 28.17 -34.22 9.32
C HIS C 184 27.07 -34.16 10.39
N LYS C 185 27.44 -33.97 11.65
CA LYS C 185 26.50 -34.10 12.77
C LYS C 185 26.69 -33.06 13.88
N GLU C 186 27.82 -32.37 13.92
CA GLU C 186 28.10 -31.41 15.00
C GLU C 186 27.81 -29.96 14.57
N LEU C 187 26.78 -29.37 15.19
CA LEU C 187 26.29 -28.07 14.80
C LEU C 187 26.64 -27.03 15.85
N LYS C 188 27.31 -25.97 15.43
CA LYS C 188 27.73 -24.92 16.31
C LYS C 188 27.14 -23.63 15.80
N THR C 189 26.57 -22.86 16.71
CA THR C 189 26.05 -21.57 16.38
C THR C 189 26.63 -20.54 17.35
N VAL C 190 27.09 -19.42 16.81
CA VAL C 190 27.77 -18.39 17.58
C VAL C 190 27.26 -17.03 17.18
N ALA C 191 27.08 -16.16 18.15
CA ALA C 191 26.87 -14.73 17.89
C ALA C 191 27.68 -13.86 18.85
N THR C 192 28.23 -12.79 18.32
CA THR C 192 28.98 -11.86 19.13
C THR C 192 28.93 -10.45 18.55
N ASP C 193 29.27 -9.49 19.40
CA ASP C 193 29.30 -8.11 19.01
C ASP C 193 30.61 -7.46 19.46
N SER C 194 31.62 -8.29 19.73
CA SER C 194 32.96 -7.90 20.20
C SER C 194 33.07 -7.81 21.71
N HIS C 195 31.95 -7.61 22.38
CA HIS C 195 31.92 -7.41 23.84
C HIS C 195 31.43 -8.63 24.59
N ARG C 196 30.45 -9.32 24.01
CA ARG C 196 29.92 -10.52 24.59
C ARG C 196 29.58 -11.50 23.50
N LEU C 197 29.42 -12.75 23.91
CA LEU C 197 29.32 -13.82 22.96
C LEU C 197 28.41 -14.93 23.50
N SER C 198 27.68 -15.56 22.60
CA SER C 198 26.88 -16.73 22.95
C SER C 198 27.19 -17.81 21.96
N GLN C 199 27.29 -19.03 22.43
CA GLN C 199 27.58 -20.18 21.59
C GLN C 199 26.81 -21.42 22.04
N LYS C 200 26.03 -22.00 21.13
CA LYS C 200 25.30 -23.23 21.40
C LYS C 200 25.83 -24.30 20.48
N LYS C 201 26.16 -25.46 21.04
CA LYS C 201 26.59 -26.61 20.25
C LYS C 201 25.64 -27.81 20.41
N LEU C 202 25.35 -28.49 19.31
CA LEU C 202 24.48 -29.67 19.28
C LEU C 202 25.11 -30.76 18.44
N THR C 203 24.61 -31.97 18.67
CA THR C 203 24.78 -33.05 17.74
C THR C 203 23.42 -33.42 17.15
N LEU C 204 23.35 -33.45 15.83
CA LEU C 204 22.14 -33.84 15.13
C LEU C 204 22.05 -35.34 15.15
N GLU C 205 20.84 -35.87 15.23
CA GLU C 205 20.65 -37.33 15.19
C GLU C 205 21.06 -37.94 13.83
N LYS C 206 20.83 -37.20 12.75
CA LYS C 206 21.12 -37.66 11.38
C LYS C 206 22.34 -36.93 10.76
N ASN C 207 23.21 -37.68 10.10
CA ASN C 207 24.30 -37.10 9.30
C ASN C 207 23.73 -36.27 8.15
N SER C 208 24.31 -35.11 7.89
CA SER C 208 23.93 -34.26 6.75
C SER C 208 25.19 -33.61 6.21
N ASP C 209 25.06 -32.89 5.12
CA ASP C 209 26.20 -32.21 4.52
C ASP C 209 26.60 -30.99 5.33
N ASP C 210 27.91 -30.81 5.49
CA ASP C 210 28.52 -29.71 6.22
C ASP C 210 28.21 -28.37 5.56
N PHE C 211 28.22 -27.31 6.37
CA PHE C 211 28.03 -25.96 5.86
C PHE C 211 28.57 -24.91 6.83
N ASP C 212 28.65 -23.69 6.34
CA ASP C 212 29.18 -22.58 7.11
C ASP C 212 28.53 -21.32 6.57
N VAL C 213 27.64 -20.72 7.37
CA VAL C 213 26.85 -19.60 6.95
C VAL C 213 26.69 -18.61 8.09
N VAL C 214 26.28 -17.40 7.76
CA VAL C 214 25.95 -16.38 8.74
C VAL C 214 24.58 -15.83 8.39
N ILE C 215 23.59 -16.11 9.21
CA ILE C 215 22.23 -15.71 8.93
C ILE C 215 21.94 -14.46 9.76
N PRO C 216 21.52 -13.35 9.10
CA PRO C 216 21.21 -12.12 9.85
C PRO C 216 20.32 -12.39 11.04
N SER C 217 20.61 -11.77 12.17
CA SER C 217 19.84 -12.04 13.39
C SER C 217 18.40 -11.58 13.25
N ARG C 218 18.18 -10.46 12.56
CA ARG C 218 16.82 -10.06 12.21
C ARG C 218 15.99 -11.14 11.47
N SER C 219 16.64 -11.87 10.56
CA SER C 219 15.96 -12.91 9.80
C SER C 219 15.56 -14.05 10.70
N LEU C 220 16.41 -14.36 11.67
CA LEU C 220 16.14 -15.47 12.58
C LEU C 220 14.97 -15.15 13.47
N ARG C 221 14.88 -13.91 13.95
CA ARG C 221 13.74 -13.48 14.77
C ARG C 221 12.44 -13.65 14.01
N GLU C 222 12.50 -13.37 12.72
CA GLU C 222 11.30 -13.41 11.92
C GLU C 222 10.97 -14.88 11.57
N PHE C 223 12.01 -15.70 11.38
CA PHE C 223 11.85 -17.14 11.17
C PHE C 223 11.02 -17.70 12.30
N SER C 224 11.34 -17.27 13.52
CA SER C 224 10.60 -17.74 14.69
C SER C 224 9.12 -17.34 14.73
N ALA C 225 8.80 -16.18 14.17
CA ALA C 225 7.42 -15.69 14.14
C ALA C 225 6.63 -16.31 12.99
N VAL C 226 7.29 -16.58 11.88
CA VAL C 226 6.63 -17.17 10.73
C VAL C 226 6.23 -18.62 10.96
N PHE C 227 7.09 -19.37 11.64
CA PHE C 227 6.86 -20.78 11.80
C PHE C 227 6.35 -21.07 13.18
N THR C 228 5.03 -21.12 13.28
CA THR C 228 4.35 -21.41 14.53
C THR C 228 4.57 -22.87 14.85
N ASP C 229 4.25 -23.23 16.09
CA ASP C 229 4.72 -24.50 16.67
C ASP C 229 3.98 -25.73 16.18
N ASP C 230 2.92 -25.55 15.41
CA ASP C 230 2.26 -26.69 14.75
C ASP C 230 3.11 -27.23 13.60
N ILE C 231 4.05 -26.43 13.12
CA ILE C 231 4.96 -26.85 12.09
C ILE C 231 6.18 -27.41 12.81
N GLU C 232 6.22 -28.73 12.93
CA GLU C 232 7.25 -29.44 13.72
C GLU C 232 8.62 -29.38 13.09
N THR C 233 8.69 -29.50 11.78
CA THR C 233 9.95 -29.40 11.07
C THR C 233 9.89 -28.47 9.87
N VAL C 234 11.08 -28.16 9.37
CA VAL C 234 11.21 -27.39 8.18
C VAL C 234 12.36 -27.97 7.33
N GLU C 235 12.19 -27.94 6.00
CA GLU C 235 13.27 -28.27 5.08
C GLU C 235 14.13 -27.01 4.85
N ILE C 236 15.45 -27.19 4.80
CA ILE C 236 16.40 -26.07 4.63
C ILE C 236 17.28 -26.27 3.40
N PHE C 237 17.45 -25.20 2.63
CA PHE C 237 18.21 -25.25 1.39
C PHE C 237 19.25 -24.13 1.37
N PHE C 238 20.46 -24.49 0.92
CA PHE C 238 21.61 -23.59 0.94
C PHE C 238 22.00 -23.13 -0.44
N ALA C 239 22.15 -21.82 -0.60
CA ALA C 239 22.96 -21.25 -1.67
C ALA C 239 24.06 -20.45 -0.98
N ASN C 240 24.93 -19.84 -1.76
CA ASN C 240 26.01 -19.03 -1.21
C ASN C 240 25.50 -17.64 -0.83
N ASN C 241 24.49 -17.19 -1.57
CA ASN C 241 23.91 -15.85 -1.42
C ASN C 241 22.72 -15.80 -0.45
N GLN C 242 21.98 -16.91 -0.40
CA GLN C 242 20.74 -16.97 0.36
C GLN C 242 20.44 -18.35 0.90
N ILE C 243 19.32 -18.46 1.61
CA ILE C 243 18.96 -19.70 2.26
C ILE C 243 17.44 -19.75 2.44
N LEU C 244 16.85 -20.91 2.15
CA LEU C 244 15.39 -21.11 2.19
C LEU C 244 14.96 -22.08 3.30
N PHE C 245 14.07 -21.63 4.17
CA PHE C 245 13.40 -22.56 5.08
C PHE C 245 12.00 -22.80 4.52
N ARG C 246 11.62 -24.07 4.31
CA ARG C 246 10.34 -24.39 3.69
C ARG C 246 9.55 -25.45 4.47
N SER C 247 8.31 -25.11 4.82
CA SER C 247 7.32 -26.07 5.35
C SER C 247 6.33 -26.42 4.24
N GLU C 248 5.18 -27.02 4.56
CA GLU C 248 4.27 -27.50 3.53
C GLU C 248 3.70 -26.36 2.70
N ASN C 249 3.46 -25.23 3.37
CA ASN C 249 2.75 -24.12 2.75
C ASN C 249 3.55 -22.81 2.65
N ILE C 250 4.54 -22.65 3.54
CA ILE C 250 5.31 -21.41 3.64
C ILE C 250 6.74 -21.60 3.14
N SER C 251 7.18 -20.67 2.29
CA SER C 251 8.58 -20.60 1.89
C SER C 251 9.14 -19.31 2.46
N PHE C 252 10.26 -19.43 3.18
CA PHE C 252 10.89 -18.33 3.86
C PHE C 252 12.30 -18.18 3.35
N TYR C 253 12.57 -17.08 2.65
CA TYR C 253 13.89 -16.82 2.08
C TYR C 253 14.60 -15.73 2.86
N THR C 254 15.86 -15.95 3.20
CA THR C 254 16.69 -14.90 3.80
C THR C 254 18.01 -14.80 3.10
N ARG C 255 18.52 -13.58 3.04
CA ARG C 255 19.82 -13.43 2.44
C ARG C 255 20.85 -13.73 3.50
N LEU C 256 22.03 -14.12 3.06
CA LEU C 256 23.14 -14.50 3.95
C LEU C 256 24.17 -13.39 4.02
N LEU C 257 24.80 -13.24 5.17
CA LEU C 257 25.92 -12.32 5.29
C LEU C 257 27.21 -12.98 4.82
N GLU C 258 27.81 -12.45 3.76
CA GLU C 258 29.08 -12.95 3.23
C GLU C 258 30.26 -12.22 3.89
N GLY C 259 31.42 -12.87 3.91
CA GLY C 259 32.61 -12.34 4.61
C GLY C 259 33.15 -13.36 5.61
N ASN C 260 34.29 -13.05 6.23
CA ASN C 260 34.94 -13.97 7.15
C ASN C 260 34.47 -13.69 8.54
N TYR C 261 33.84 -14.67 9.18
CA TYR C 261 33.33 -14.47 10.52
C TYR C 261 34.54 -14.68 11.42
N PRO C 262 34.65 -13.95 12.53
CA PRO C 262 35.87 -14.09 13.33
C PRO C 262 36.02 -15.47 13.94
N ASP C 263 37.27 -15.91 14.10
CA ASP C 263 37.57 -17.18 14.76
C ASP C 263 37.27 -17.07 16.26
N THR C 264 36.05 -17.45 16.61
CA THR C 264 35.55 -17.26 17.96
C THR C 264 36.01 -18.32 18.95
N ASP C 265 36.50 -19.46 18.43
CA ASP C 265 37.01 -20.54 19.28
C ASP C 265 38.24 -20.09 20.03
N ARG C 266 39.07 -19.30 19.36
CA ARG C 266 40.30 -18.82 19.97
C ARG C 266 40.02 -17.87 21.14
N LEU C 267 38.76 -17.42 21.29
CA LEU C 267 38.38 -16.50 22.36
C LEU C 267 37.93 -17.19 23.64
N ILE C 268 37.60 -18.47 23.57
CA ILE C 268 37.06 -19.17 24.73
C ILE C 268 38.18 -19.68 25.63
N PRO C 269 38.27 -19.19 26.87
CA PRO C 269 39.32 -19.65 27.80
C PRO C 269 38.97 -20.98 28.49
N THR C 270 39.96 -21.60 29.14
CA THR C 270 39.76 -22.89 29.83
C THR C 270 40.24 -22.92 31.30
N ASP C 271 41.38 -22.31 31.61
CA ASP C 271 41.85 -22.19 33.00
C ASP C 271 41.15 -21.00 33.69
N PHE C 272 40.70 -21.22 34.92
CA PHE C 272 40.00 -20.21 35.70
C PHE C 272 40.54 -20.17 37.10
N ASN C 273 40.38 -19.03 37.76
CA ASN C 273 40.88 -18.82 39.13
C ASN C 273 39.77 -18.57 40.11
N THR C 274 38.52 -18.67 39.67
CA THR C 274 37.36 -18.33 40.47
C THR C 274 36.10 -18.84 39.76
N THR C 275 35.24 -19.53 40.49
CA THR C 275 33.89 -19.85 40.00
C THR C 275 32.86 -19.52 41.08
N ILE C 276 31.66 -19.18 40.65
CA ILE C 276 30.57 -18.89 41.58
C ILE C 276 29.31 -19.42 40.94
N THR C 277 28.48 -20.08 41.75
CA THR C 277 27.30 -20.74 41.23
C THR C 277 26.05 -20.15 41.85
N PHE C 278 25.28 -19.43 41.03
CA PHE C 278 24.15 -18.63 41.46
C PHE C 278 22.82 -19.24 41.09
N ASN C 279 21.79 -18.96 41.88
CA ASN C 279 20.41 -19.08 41.41
C ASN C 279 20.13 -18.01 40.30
N VAL C 280 19.64 -18.47 39.15
CA VAL C 280 19.53 -17.62 37.96
C VAL C 280 18.53 -16.49 38.14
N VAL C 281 17.37 -16.82 38.70
CA VAL C 281 16.38 -15.81 39.02
C VAL C 281 17.00 -14.80 39.97
N ASN C 282 17.46 -15.27 41.14
CA ASN C 282 18.07 -14.40 42.17
C ASN C 282 19.04 -13.40 41.58
N LEU C 283 20.04 -13.91 40.87
CA LEU C 283 21.08 -13.07 40.31
C LEU C 283 20.49 -12.02 39.37
N ARG C 284 19.64 -12.44 38.44
CA ARG C 284 18.97 -11.50 37.53
C ARG C 284 18.33 -10.34 38.28
N GLN C 285 17.65 -10.63 39.37
CA GLN C 285 17.01 -9.55 40.11
C GLN C 285 18.03 -8.64 40.76
N SER C 286 19.14 -9.19 41.26
CA SER C 286 20.24 -8.38 41.80
C SER C 286 20.82 -7.45 40.76
N GLU C 288 19.29 -6.37 38.04
CA GLU C 288 18.31 -5.40 37.58
C GLU C 288 18.24 -4.19 38.51
N ARG C 289 18.44 -4.42 39.80
CA ARG C 289 18.59 -3.33 40.78
C ARG C 289 19.84 -2.51 40.53
N ALA C 290 20.94 -3.23 40.41
CA ALA C 290 22.22 -2.62 40.10
C ALA C 290 22.05 -1.73 38.88
N ARG C 291 21.43 -2.30 37.84
CA ARG C 291 21.27 -1.56 36.61
C ARG C 291 20.46 -0.29 36.82
N LEU C 292 19.48 -0.31 37.72
CA LEU C 292 18.70 0.91 37.99
C LEU C 292 19.56 2.11 38.33
N LEU C 293 20.64 1.89 39.08
CA LEU C 293 21.51 2.99 39.48
C LEU C 293 22.68 3.21 38.55
N SER C 294 23.16 2.14 37.93
CA SER C 294 24.34 2.22 37.09
C SER C 294 24.01 2.89 35.77
N SER C 295 22.75 2.79 35.36
CA SER C 295 22.33 3.42 34.11
C SER C 295 22.41 4.95 34.18
N ALA C 296 22.44 5.53 35.38
CA ALA C 296 22.77 6.96 35.53
C ALA C 296 24.28 7.28 35.40
N THR C 297 25.15 6.32 35.76
CA THR C 297 26.60 6.57 35.83
C THR C 297 27.23 6.83 34.46
N GLN C 298 28.48 7.30 34.47
CA GLN C 298 29.32 7.38 33.27
C GLN C 298 29.50 5.97 32.72
N ASN C 299 30.48 5.22 33.21
CA ASN C 299 30.79 3.90 32.62
C ASN C 299 29.63 2.90 32.58
N GLY C 300 28.61 3.09 33.41
CA GLY C 300 27.40 2.27 33.36
C GLY C 300 27.54 0.87 33.93
N THR C 301 28.49 0.69 34.84
CA THR C 301 28.89 -0.63 35.30
C THR C 301 28.48 -1.00 36.72
N VAL C 302 28.35 -2.30 36.95
CA VAL C 302 28.20 -2.87 38.30
C VAL C 302 29.52 -3.51 38.68
N LYS C 303 29.78 -3.61 39.98
CA LYS C 303 31.03 -4.15 40.52
C LYS C 303 30.68 -5.32 41.42
N LEU C 304 31.37 -6.45 41.22
CA LEU C 304 31.20 -7.59 42.11
C LEU C 304 32.41 -7.72 43.00
N GLU C 305 32.20 -7.63 44.31
CA GLU C 305 33.27 -7.88 45.27
C GLU C 305 33.15 -9.37 45.63
N ILE C 306 34.26 -10.08 45.61
CA ILE C 306 34.28 -11.48 46.06
C ILE C 306 35.41 -11.58 47.08
N LYS C 307 35.05 -11.77 48.35
CA LYS C 307 36.04 -11.84 49.43
C LYS C 307 35.58 -12.93 50.39
N ASP C 308 36.50 -13.84 50.75
CA ASP C 308 36.13 -15.13 51.36
C ASP C 308 35.09 -15.80 50.44
N GLY C 309 34.02 -16.36 51.01
CA GLY C 309 32.92 -16.91 50.20
C GLY C 309 31.81 -15.92 49.92
N VAL C 310 32.04 -14.63 50.20
CA VAL C 310 30.97 -13.64 50.22
C VAL C 310 30.99 -12.85 48.93
N VAL C 311 29.84 -12.73 48.30
CA VAL C 311 29.74 -12.06 47.02
C VAL C 311 28.79 -10.87 47.16
N SER C 312 29.21 -9.72 46.67
CA SER C 312 28.40 -8.52 46.80
C SER C 312 28.51 -7.58 45.60
N ALA C 313 27.40 -6.91 45.29
CA ALA C 313 27.32 -6.00 44.13
C ALA C 313 27.29 -4.55 44.57
N HIS C 314 28.01 -3.68 43.87
CA HIS C 314 28.09 -2.26 44.22
C HIS C 314 28.05 -1.36 43.01
N VAL C 315 27.33 -0.26 43.16
CA VAL C 315 27.16 0.77 42.16
C VAL C 315 27.27 2.08 42.93
N HIS C 316 27.90 3.11 42.35
CA HIS C 316 27.91 4.44 42.94
C HIS C 316 27.62 5.48 41.88
N SER C 317 26.50 6.20 42.04
CA SER C 317 26.12 7.32 41.16
C SER C 317 26.15 8.60 41.96
N PRO C 318 27.26 9.35 41.88
CA PRO C 318 27.58 10.45 42.81
C PRO C 318 26.43 11.41 43.18
N GLU C 319 25.53 11.68 42.23
CA GLU C 319 24.44 12.63 42.48
C GLU C 319 23.09 11.93 42.80
N VAL C 320 23.05 10.61 42.70
CA VAL C 320 21.79 9.88 42.79
C VAL C 320 21.74 8.91 43.98
N GLY C 321 22.67 7.97 44.05
CA GLY C 321 22.69 7.08 45.19
C GLY C 321 23.66 5.96 45.00
N LYS C 322 23.62 4.98 45.89
CA LYS C 322 24.40 3.76 45.69
C LYS C 322 23.59 2.52 46.02
N VAL C 323 24.08 1.42 45.50
CA VAL C 323 23.56 0.10 45.74
C VAL C 323 24.65 -0.68 46.45
N ASN C 324 24.30 -1.34 47.54
CA ASN C 324 25.20 -2.27 48.20
C ASN C 324 24.43 -3.53 48.57
N GLU C 325 24.64 -4.60 47.83
CA GLU C 325 23.84 -5.81 47.98
C GLU C 325 24.69 -7.06 48.12
N GLU C 326 24.34 -7.91 49.07
CA GLU C 326 24.95 -9.23 49.19
C GLU C 326 24.06 -10.23 48.45
N ILE C 327 24.69 -11.10 47.67
CA ILE C 327 23.97 -12.03 46.79
C ILE C 327 24.25 -13.44 47.28
N ASP C 328 23.19 -14.15 47.68
CA ASP C 328 23.34 -15.53 48.14
C ASP C 328 23.85 -16.40 47.00
N THR C 329 24.69 -17.38 47.33
CA THR C 329 25.30 -18.25 46.32
C THR C 329 25.26 -19.71 46.74
N ASP C 330 25.17 -20.62 45.77
CA ASP C 330 25.22 -22.05 46.07
C ASP C 330 26.65 -22.51 46.33
N GLN C 331 27.61 -21.94 45.62
CA GLN C 331 29.03 -22.28 45.79
C GLN C 331 29.96 -21.15 45.37
N VAL C 332 31.10 -21.03 46.04
CA VAL C 332 32.17 -20.12 45.65
C VAL C 332 33.52 -20.80 45.81
N THR C 333 34.28 -20.92 44.72
CA THR C 333 35.61 -21.51 44.73
C THR C 333 36.64 -20.48 44.28
N GLY C 334 37.91 -20.87 44.33
CA GLY C 334 38.99 -20.07 43.76
C GLY C 334 39.42 -18.91 44.62
N GLU C 335 40.10 -17.94 44.00
CA GLU C 335 40.61 -16.77 44.72
C GLU C 335 39.59 -15.63 44.71
N ASP C 336 39.84 -14.65 45.57
CA ASP C 336 39.03 -13.44 45.66
C ASP C 336 39.14 -12.66 44.35
N LEU C 337 38.13 -11.83 44.07
CA LEU C 337 38.04 -11.06 42.82
C LEU C 337 37.15 -9.84 42.96
N THR C 338 37.62 -8.72 42.45
CA THR C 338 36.77 -7.57 42.22
C THR C 338 36.72 -7.35 40.71
N ILE C 339 35.52 -7.32 40.15
CA ILE C 339 35.39 -7.23 38.70
C ILE C 339 34.16 -6.38 38.38
N SER C 340 34.25 -5.61 37.29
CA SER C 340 33.17 -4.75 36.88
C SER C 340 32.73 -5.05 35.45
N PHE C 341 31.45 -4.85 35.18
CA PHE C 341 30.90 -5.15 33.87
C PHE C 341 29.56 -4.47 33.69
N ASN C 342 29.16 -4.36 32.43
CA ASN C 342 27.82 -3.93 32.05
C ASN C 342 26.78 -4.94 32.53
N PRO C 343 25.89 -4.51 33.42
CA PRO C 343 24.91 -5.44 33.96
C PRO C 343 23.91 -5.92 32.91
N THR C 344 23.66 -5.11 31.88
CA THR C 344 22.77 -5.49 30.81
C THR C 344 23.24 -6.79 30.15
N TYR C 345 24.55 -6.93 29.95
CA TYR C 345 25.09 -8.15 29.36
C TYR C 345 24.82 -9.33 30.29
N LEU C 346 24.96 -9.14 31.59
CA LEU C 346 24.67 -10.24 32.51
C LEU C 346 23.18 -10.59 32.45
N ILE C 347 22.32 -9.58 32.54
CA ILE C 347 20.88 -9.78 32.47
C ILE C 347 20.48 -10.55 31.20
N ASP C 348 20.94 -10.07 30.05
CA ASP C 348 20.70 -10.77 28.78
C ASP C 348 21.11 -12.25 28.85
N SER C 349 22.30 -12.52 29.38
CA SER C 349 22.89 -13.86 29.42
C SER C 349 22.07 -14.82 30.27
N LEU C 350 21.54 -14.28 31.36
CA LEU C 350 20.71 -15.03 32.30
C LEU C 350 19.31 -15.26 31.75
N LYS C 351 18.76 -14.26 31.06
CA LYS C 351 17.46 -14.40 30.44
C LYS C 351 17.44 -15.55 29.45
N ALA C 352 18.57 -15.86 28.83
CA ALA C 352 18.62 -16.93 27.82
C ALA C 352 18.80 -18.31 28.42
N LEU C 353 19.05 -18.39 29.71
CA LEU C 353 19.18 -19.68 30.37
C LEU C 353 17.80 -20.28 30.73
N ASN C 354 17.72 -21.61 30.69
CA ASN C 354 16.60 -22.39 31.22
C ASN C 354 16.83 -22.97 32.61
N SER C 355 18.10 -23.11 32.98
CA SER C 355 18.49 -23.76 34.22
C SER C 355 18.07 -22.94 35.42
N GLU C 356 17.88 -23.60 36.57
CA GLU C 356 17.62 -22.88 37.82
C GLU C 356 18.90 -22.18 38.31
N LYS C 357 20.06 -22.75 37.99
CA LYS C 357 21.33 -22.21 38.46
C LYS C 357 22.25 -21.94 37.30
N VAL C 358 23.22 -21.05 37.53
CA VAL C 358 24.25 -20.73 36.54
C VAL C 358 25.65 -20.76 37.17
N THR C 359 26.60 -21.31 36.44
CA THR C 359 27.99 -21.24 36.86
C THR C 359 28.76 -20.17 36.07
N ILE C 360 29.32 -19.19 36.79
CA ILE C 360 30.13 -18.14 36.19
C ILE C 360 31.60 -18.28 36.60
N SER C 361 32.46 -18.60 35.64
CA SER C 361 33.89 -18.79 35.89
C SER C 361 34.73 -17.58 35.42
N PHE C 362 35.68 -17.13 36.25
CA PHE C 362 36.50 -15.95 35.93
C PHE C 362 38.01 -16.26 35.86
N ILE C 363 38.73 -15.48 35.06
CA ILE C 363 40.19 -15.49 34.99
C ILE C 363 40.80 -14.32 35.78
N SER C 364 40.23 -13.12 35.57
CA SER C 364 40.71 -11.91 36.23
C SER C 364 39.68 -10.79 36.10
N ALA C 365 40.02 -9.61 36.61
CA ALA C 365 39.17 -8.45 36.51
C ALA C 365 39.15 -7.85 35.13
N VAL C 366 40.01 -8.35 34.24
CA VAL C 366 40.26 -7.73 32.94
C VAL C 366 39.95 -8.63 31.75
N ARG C 367 40.03 -9.95 31.91
CA ARG C 367 39.74 -10.88 30.80
C ARG C 367 38.26 -11.32 30.82
N PRO C 368 37.72 -11.69 29.64
CA PRO C 368 36.33 -12.18 29.53
C PRO C 368 36.04 -13.39 30.45
N PHE C 369 34.80 -13.51 30.90
CA PHE C 369 34.40 -14.58 31.80
C PHE C 369 33.22 -15.35 31.24
N THR C 370 33.08 -16.60 31.67
CA THR C 370 32.16 -17.55 31.06
C THR C 370 30.94 -17.72 31.94
N LEU C 371 29.81 -18.07 31.34
CA LEU C 371 28.59 -18.50 32.06
C LEU C 371 28.07 -19.74 31.37
N VAL C 372 27.80 -20.78 32.12
CA VAL C 372 27.12 -21.94 31.58
C VAL C 372 26.01 -22.29 32.53
N PRO C 373 25.02 -23.05 32.06
CA PRO C 373 24.03 -23.56 33.00
C PRO C 373 24.63 -24.68 33.82
N ALA C 374 24.40 -24.64 35.14
CA ALA C 374 24.87 -25.68 36.05
C ALA C 374 23.85 -26.81 36.14
N ASP C 375 24.38 -28.02 36.35
CA ASP C 375 23.61 -29.30 36.39
C ASP C 375 22.99 -29.69 35.03
N THR C 376 23.50 -29.08 33.96
CA THR C 376 22.81 -29.07 32.67
C THR C 376 23.27 -30.17 31.74
N ASP C 377 24.59 -30.30 31.55
CA ASP C 377 25.16 -31.15 30.46
C ASP C 377 24.93 -30.55 29.04
N GLU C 378 24.32 -29.37 28.96
CA GLU C 378 23.98 -28.72 27.68
C GLU C 378 25.20 -27.90 27.24
N ASP C 379 25.58 -28.02 25.97
CA ASP C 379 26.80 -27.37 25.48
C ASP C 379 26.49 -25.95 25.07
N PHE C 380 26.24 -25.14 26.10
CA PHE C 380 25.74 -23.80 25.93
C PHE C 380 26.59 -22.87 26.76
N GLN C 382 28.63 -18.88 27.24
CA GLN C 382 28.56 -17.43 27.02
C GLN C 382 29.80 -16.73 27.57
N LEU C 383 30.21 -15.66 26.88
CA LEU C 383 31.34 -14.83 27.32
C LEU C 383 30.88 -13.39 27.47
N ILE C 384 31.40 -12.74 28.50
CA ILE C 384 31.19 -11.32 28.75
C ILE C 384 32.54 -10.71 29.10
N THR C 385 32.93 -9.70 28.33
CA THR C 385 34.14 -8.96 28.62
C THR C 385 33.85 -7.96 29.72
N PRO C 386 34.66 -7.94 30.79
CA PRO C 386 34.47 -6.95 31.84
C PRO C 386 35.13 -5.62 31.49
N VAL C 387 34.99 -4.64 32.37
CA VAL C 387 35.49 -3.28 32.15
C VAL C 387 36.53 -2.96 33.21
N ARG C 388 37.68 -2.43 32.82
CA ARG C 388 38.66 -2.03 33.82
C ARG C 388 38.16 -0.74 34.50
N THR C 389 38.17 -0.73 35.84
CA THR C 389 37.75 0.44 36.63
C THR C 389 38.92 0.93 37.49
N HIS D 12 14.04 15.07 63.98
CA HIS D 12 14.79 15.55 62.77
C HIS D 12 14.89 14.50 61.65
N ILE D 14 13.93 10.58 59.79
CA ILE D 14 12.87 9.59 59.60
C ILE D 14 13.36 8.18 59.80
N HIS D 15 12.60 7.37 60.51
CA HIS D 15 12.73 5.92 60.40
C HIS D 15 11.41 5.21 60.61
N PHE D 16 10.97 4.47 59.60
CA PHE D 16 9.85 3.58 59.73
C PHE D 16 10.13 2.30 58.96
N SER D 17 9.45 1.22 59.33
CA SER D 17 9.36 0.04 58.49
C SER D 17 7.92 -0.08 57.99
N ILE D 18 7.74 -0.72 56.84
CA ILE D 18 6.43 -0.78 56.20
C ILE D 18 6.36 -1.95 55.21
N ASN D 19 5.16 -2.46 55.01
CA ASN D 19 4.89 -3.44 53.97
C ASN D 19 5.18 -2.79 52.63
N LYS D 20 6.05 -3.42 51.84
CA LYS D 20 6.46 -2.86 50.57
C LYS D 20 5.30 -2.63 49.65
N ASN D 21 4.50 -3.67 49.39
CA ASN D 21 3.43 -3.57 48.41
C ASN D 21 2.43 -2.42 48.66
N LEU D 22 1.97 -2.29 49.90
CA LEU D 22 1.06 -1.20 50.24
C LEU D 22 1.73 0.16 50.09
N PHE D 23 2.98 0.25 50.50
CA PHE D 23 3.74 1.50 50.36
C PHE D 23 3.81 1.86 48.89
N LEU D 24 4.13 0.88 48.04
CA LEU D 24 4.24 1.07 46.60
C LEU D 24 2.91 1.45 45.93
N GLN D 25 1.82 0.84 46.37
CA GLN D 25 0.45 1.25 46.02
C GLN D 25 0.20 2.72 46.34
N ALA D 26 0.51 3.12 47.57
CA ALA D 26 0.34 4.49 48.00
C ALA D 26 1.18 5.46 47.19
N LEU D 27 2.42 5.10 46.85
CA LEU D 27 3.29 5.97 46.07
C LEU D 27 2.78 6.10 44.64
N ASN D 28 2.26 5.00 44.07
CA ASN D 28 1.80 4.98 42.68
C ASN D 28 0.53 5.83 42.56
N THR D 29 -0.29 5.84 43.60
CA THR D 29 -1.42 6.74 43.66
C THR D 29 -0.97 8.19 43.67
N THR D 30 0.00 8.51 44.53
CA THR D 30 0.48 9.88 44.69
C THR D 30 1.10 10.38 43.40
N LYS D 31 1.74 9.46 42.67
CA LYS D 31 2.51 9.78 41.48
C LYS D 31 1.61 10.22 40.34
N ARG D 32 0.35 9.84 40.39
CA ARG D 32 -0.61 10.28 39.38
C ARG D 32 -0.64 11.81 39.22
N ALA D 33 -0.16 12.52 40.24
CA ALA D 33 -0.14 13.99 40.28
C ALA D 33 1.28 14.57 40.16
N ILE D 34 2.25 13.74 39.74
CA ILE D 34 3.64 14.18 39.61
C ILE D 34 4.14 13.98 38.20
N SER D 35 4.58 15.07 37.57
CA SER D 35 5.12 15.03 36.21
C SER D 35 6.65 15.00 36.23
N SER D 36 7.22 14.18 35.35
CA SER D 36 8.67 14.18 35.06
C SER D 36 9.17 15.59 34.67
N LYS D 37 8.47 16.22 33.73
CA LYS D 37 8.77 17.59 33.30
C LYS D 37 7.92 18.60 34.09
N ASN D 38 8.56 19.68 34.55
CA ASN D 38 7.88 20.76 35.28
C ASN D 38 8.56 22.10 35.05
N ALA D 39 7.75 23.16 35.03
CA ALA D 39 8.27 24.52 35.13
C ALA D 39 8.90 24.67 36.52
N ILE D 40 8.15 24.34 37.57
CA ILE D 40 8.67 24.37 38.94
C ILE D 40 9.37 23.03 39.24
N PRO D 41 10.71 22.98 39.16
CA PRO D 41 11.38 21.69 39.00
C PRO D 41 11.31 20.77 40.24
N ILE D 42 11.12 21.36 41.42
CA ILE D 42 11.01 20.58 42.64
C ILE D 42 9.73 19.73 42.65
N LEU D 43 8.86 19.95 41.67
CA LEU D 43 7.58 19.22 41.62
C LEU D 43 7.68 17.82 41.04
N SER D 44 8.86 17.40 40.62
CA SER D 44 9.09 16.00 40.26
C SER D 44 9.31 15.12 41.49
N THR D 45 9.45 15.76 42.66
CA THR D 45 9.66 15.02 43.90
C THR D 45 8.34 14.63 44.52
N VAL D 46 8.41 13.57 45.33
CA VAL D 46 7.35 13.22 46.26
C VAL D 46 7.83 13.65 47.64
N LYS D 47 6.96 14.37 48.35
CA LYS D 47 7.23 14.76 49.71
C LYS D 47 6.74 13.64 50.61
N ILE D 48 7.60 13.19 51.51
CA ILE D 48 7.27 12.18 52.52
C ILE D 48 7.30 12.83 53.91
N ASP D 49 6.13 13.03 54.51
CA ASP D 49 6.03 13.53 55.89
C ASP D 49 5.74 12.39 56.84
N VAL D 50 6.48 12.32 57.94
CA VAL D 50 6.33 11.23 58.88
C VAL D 50 6.04 11.79 60.26
N THR D 51 4.91 11.37 60.79
CA THR D 51 4.43 11.80 62.09
C THR D 51 4.13 10.55 62.86
N ASN D 52 3.74 10.69 64.12
CA ASN D 52 3.36 9.54 64.94
C ASN D 52 2.05 8.90 64.44
N GLU D 53 1.21 9.69 63.76
CA GLU D 53 -0.10 9.20 63.37
C GLU D 53 0.03 8.30 62.16
N GLY D 54 1.03 8.59 61.33
CA GLY D 54 1.35 7.79 60.15
C GLY D 54 2.24 8.53 59.15
N ILE D 55 2.21 8.07 57.89
CA ILE D 55 2.90 8.73 56.80
C ILE D 55 1.94 9.41 55.82
N THR D 56 2.32 10.59 55.34
CA THR D 56 1.61 11.30 54.31
C THR D 56 2.49 11.48 53.08
N LEU D 57 2.00 10.99 51.94
CA LEU D 57 2.71 11.13 50.68
C LEU D 57 2.10 12.27 49.87
N ILE D 58 2.87 13.32 49.61
CA ILE D 58 2.41 14.44 48.76
C ILE D 58 3.06 14.53 47.37
N GLY D 59 2.20 14.76 46.38
CA GLY D 59 2.64 15.14 45.04
C GLY D 59 1.73 16.18 44.43
N SER D 60 2.28 16.98 43.54
CA SER D 60 1.50 17.99 42.86
C SER D 60 2.20 18.33 41.58
N ASN D 61 1.44 18.85 40.63
CA ASN D 61 1.96 19.24 39.32
C ASN D 61 1.56 20.64 38.89
N GLY D 62 0.97 21.42 39.80
CA GLY D 62 0.52 22.78 39.50
C GLY D 62 -0.95 22.90 39.14
N GLN D 63 -1.55 21.79 38.71
CA GLN D 63 -2.96 21.75 38.33
C GLN D 63 -3.75 20.90 39.32
N ILE D 64 -3.20 19.75 39.68
CA ILE D 64 -3.77 18.89 40.72
C ILE D 64 -2.71 18.54 41.76
N SER D 65 -3.17 18.14 42.94
CA SER D 65 -2.26 17.61 43.90
C SER D 65 -2.92 16.52 44.72
N ILE D 66 -2.10 15.61 45.25
CA ILE D 66 -2.60 14.46 46.00
C ILE D 66 -1.84 14.33 47.30
N GLU D 67 -2.59 14.11 48.37
CA GLU D 67 -2.05 13.84 49.69
C GLU D 67 -2.55 12.45 50.05
N ASN D 68 -1.66 11.49 50.15
CA ASN D 68 -2.07 10.12 50.45
C ASN D 68 -1.59 9.71 51.84
N PHE D 69 -2.51 9.42 52.73
CA PHE D 69 -2.18 9.11 54.11
C PHE D 69 -2.17 7.59 54.34
N ILE D 70 -1.10 7.11 54.97
CA ILE D 70 -1.02 5.75 55.50
C ILE D 70 -0.96 5.86 57.01
N SER D 71 -1.93 5.25 57.70
CA SER D 71 -2.01 5.29 59.16
C SER D 71 -1.14 4.18 59.78
N GLN D 72 -0.49 4.48 60.90
CA GLN D 72 0.19 3.43 61.70
C GLN D 72 -0.74 2.28 62.09
N LYS D 73 -2.02 2.60 62.31
CA LYS D 73 -2.99 1.65 62.83
C LYS D 73 -3.63 0.78 61.73
N ASN D 74 -3.27 0.99 60.47
CA ASN D 74 -3.67 0.10 59.39
C ASN D 74 -2.84 -1.19 59.39
N GLU D 75 -3.50 -2.30 59.73
CA GLU D 75 -2.83 -3.60 59.93
C GLU D 75 -2.11 -4.13 58.68
N ASP D 76 -2.65 -3.82 57.49
CA ASP D 76 -2.08 -4.26 56.23
C ASP D 76 -0.77 -3.52 55.93
N ALA D 77 -0.67 -2.28 56.39
CA ALA D 77 0.50 -1.44 56.16
C ALA D 77 1.77 -1.96 56.84
N GLY D 78 1.63 -2.70 57.94
CA GLY D 78 2.78 -3.19 58.70
C GLY D 78 3.76 -2.07 59.02
N LEU D 79 3.21 -0.93 59.45
CA LEU D 79 3.97 0.30 59.55
C LEU D 79 4.39 0.59 60.97
N LEU D 80 5.69 0.52 61.24
CA LEU D 80 6.24 0.87 62.54
C LEU D 80 7.15 2.08 62.39
N ILE D 81 6.88 3.11 63.15
CA ILE D 81 7.60 4.37 63.04
C ILE D 81 8.39 4.54 64.30
N THR D 82 9.68 4.83 64.17
CA THR D 82 10.53 5.03 65.36
C THR D 82 11.13 6.43 65.47
N SER D 83 11.08 7.21 64.39
CA SER D 83 11.53 8.59 64.45
C SER D 83 10.87 9.39 63.34
N LEU D 84 10.51 10.64 63.65
CA LEU D 84 9.73 11.48 62.78
C LEU D 84 10.60 12.28 61.80
N GLY D 85 9.97 12.84 60.77
CA GLY D 85 10.67 13.71 59.83
C GLY D 85 9.95 13.94 58.51
N SER D 86 10.69 14.46 57.56
CA SER D 86 10.15 14.86 56.27
C SER D 86 11.28 14.88 55.24
N ILE D 87 11.03 14.34 54.05
CA ILE D 87 12.02 14.43 53.00
C ILE D 87 11.39 14.50 51.61
N LEU D 88 12.18 14.99 50.64
CA LEU D 88 11.83 14.90 49.22
C LEU D 88 12.70 13.88 48.50
N LEU D 89 12.08 13.03 47.69
CA LEU D 89 12.81 12.15 46.79
C LEU D 89 12.22 12.29 45.42
N GLU D 90 13.06 12.13 44.39
CA GLU D 90 12.58 12.12 43.01
C GLU D 90 11.66 10.92 42.75
N ALA D 91 10.40 11.19 42.44
CA ALA D 91 9.33 10.20 42.50
C ALA D 91 9.50 9.04 41.52
N SER D 92 9.71 9.34 40.26
CA SER D 92 9.93 8.26 39.27
C SER D 92 10.95 7.26 39.77
N PHE D 93 12.18 7.73 39.96
CA PHE D 93 13.32 6.87 40.36
C PHE D 93 13.07 6.04 41.63
N PHE D 94 12.61 6.71 42.70
CA PHE D 94 12.38 6.13 44.02
C PHE D 94 11.38 5.02 43.95
N ILE D 95 10.28 5.31 43.28
CA ILE D 95 9.24 4.32 43.06
C ILE D 95 9.79 3.12 42.30
N ASN D 96 10.65 3.33 41.32
CA ASN D 96 11.23 2.17 40.62
C ASN D 96 12.13 1.35 41.53
N VAL D 97 12.81 2.02 42.44
CA VAL D 97 13.71 1.34 43.35
C VAL D 97 12.88 0.44 44.27
N VAL D 98 11.87 1.02 44.91
CA VAL D 98 11.03 0.30 45.86
C VAL D 98 10.43 -0.89 45.17
N SER D 99 9.86 -0.63 44.01
CA SER D 99 9.28 -1.71 43.22
C SER D 99 10.26 -2.90 43.00
N SER D 100 11.56 -2.64 42.98
CA SER D 100 12.56 -3.67 42.64
C SER D 100 13.13 -4.44 43.84
N LEU D 101 12.87 -3.92 45.05
CA LEU D 101 13.37 -4.50 46.29
C LEU D 101 12.78 -5.90 46.57
N PRO D 102 13.55 -6.81 47.19
CA PRO D 102 13.18 -8.23 47.20
C PRO D 102 12.21 -8.68 48.27
N ASP D 103 12.30 -8.11 49.47
CA ASP D 103 11.49 -8.55 50.61
C ASP D 103 10.12 -7.88 50.73
N VAL D 104 9.25 -8.57 51.46
CA VAL D 104 7.91 -8.11 51.75
C VAL D 104 7.90 -6.82 52.56
N THR D 105 8.88 -6.61 53.43
CA THR D 105 8.91 -5.40 54.25
C THR D 105 10.15 -4.57 53.99
N LEU D 106 10.11 -3.32 54.43
CA LEU D 106 11.03 -2.32 53.95
C LEU D 106 11.44 -1.42 55.09
N ASP D 107 12.74 -1.29 55.32
CA ASP D 107 13.23 -0.32 56.28
C ASP D 107 13.54 0.99 55.55
N PHE D 108 13.04 2.09 56.07
CA PHE D 108 13.25 3.41 55.47
C PHE D 108 13.91 4.25 56.54
N LYS D 109 15.18 4.59 56.33
CA LYS D 109 16.04 5.16 57.38
C LYS D 109 16.80 6.40 56.86
N GLU D 110 16.41 7.59 57.31
CA GLU D 110 17.19 8.81 57.01
C GLU D 110 18.53 8.79 57.71
N ILE D 111 19.55 9.29 57.01
CA ILE D 111 20.87 9.52 57.56
C ILE D 111 21.32 10.92 57.14
N GLU D 112 22.57 11.26 57.40
CA GLU D 112 23.05 12.63 57.19
C GLU D 112 22.87 13.10 55.75
N GLN D 113 22.70 14.41 55.60
CA GLN D 113 22.66 15.09 54.30
C GLN D 113 21.52 14.59 53.41
N ASN D 114 20.34 14.46 54.01
CA ASN D 114 19.10 14.13 53.29
C ASN D 114 19.14 12.87 52.45
N GLN D 115 19.72 11.81 52.97
CA GLN D 115 19.80 10.55 52.23
C GLN D 115 18.89 9.53 52.91
N ILE D 116 18.24 8.66 52.15
CA ILE D 116 17.50 7.59 52.80
C ILE D 116 18.06 6.26 52.39
N VAL D 117 18.49 5.51 53.40
CA VAL D 117 18.86 4.12 53.25
C VAL D 117 17.57 3.30 53.24
N LEU D 118 17.40 2.51 52.18
CA LEU D 118 16.32 1.53 52.07
C LEU D 118 16.95 0.15 52.20
N THR D 119 16.35 -0.71 53.03
CA THR D 119 16.89 -2.02 53.33
C THR D 119 15.78 -3.04 53.21
N SER D 120 15.90 -3.97 52.27
CA SER D 120 14.92 -5.01 52.07
C SER D 120 15.73 -6.26 51.96
N GLY D 121 15.62 -7.12 52.95
CA GLY D 121 16.44 -8.34 52.98
C GLY D 121 17.93 -8.02 53.03
N LYS D 122 18.71 -8.67 52.16
CA LYS D 122 20.16 -8.43 52.04
C LYS D 122 20.51 -7.22 51.15
N SER D 123 19.50 -6.61 50.53
CA SER D 123 19.72 -5.43 49.67
C SER D 123 19.59 -4.11 50.43
N GLU D 124 20.49 -3.19 50.13
CA GLU D 124 20.52 -1.88 50.75
C GLU D 124 20.86 -0.88 49.65
N ILE D 125 19.94 0.03 49.42
CA ILE D 125 20.06 1.02 48.38
C ILE D 125 19.88 2.37 49.06
N THR D 126 20.87 3.25 48.89
CA THR D 126 20.83 4.57 49.50
C THR D 126 20.51 5.58 48.42
N LEU D 127 19.49 6.41 48.64
CA LEU D 127 19.09 7.41 47.68
C LEU D 127 19.35 8.79 48.23
N LYS D 128 19.71 9.72 47.36
CA LYS D 128 19.93 11.11 47.72
C LYS D 128 18.60 11.83 47.59
N GLY D 129 18.17 12.53 48.62
CA GLY D 129 16.95 13.31 48.56
C GLY D 129 17.22 14.77 48.88
N LYS D 130 16.17 15.51 49.24
CA LYS D 130 16.26 16.96 49.45
C LYS D 130 15.42 17.39 50.66
N ASP D 131 15.87 18.46 51.33
CA ASP D 131 15.12 19.04 52.44
C ASP D 131 13.77 19.53 51.92
N SER D 132 12.71 19.23 52.67
CA SER D 132 11.36 19.44 52.19
C SER D 132 10.87 20.85 52.38
N GLU D 133 11.52 21.66 53.21
CA GLU D 133 11.09 23.05 53.40
C GLU D 133 10.92 23.77 52.06
N GLN D 134 11.65 23.35 51.04
CA GLN D 134 11.53 24.00 49.72
C GLN D 134 10.28 23.65 48.93
N TYR D 135 9.58 22.58 49.31
CA TYR D 135 8.40 22.09 48.59
C TYR D 135 7.26 23.03 48.89
N PRO D 136 6.48 23.39 47.85
CA PRO D 136 5.44 24.37 48.04
C PRO D 136 4.27 23.85 48.87
N ARG D 137 3.84 24.65 49.84
CA ARG D 137 2.66 24.36 50.66
C ARG D 137 1.41 24.34 49.80
N ILE D 138 0.58 23.32 49.97
CA ILE D 138 -0.71 23.22 49.26
C ILE D 138 -1.73 24.19 49.86
N GLN D 139 -2.39 24.97 48.98
CA GLN D 139 -3.41 25.95 49.40
C GLN D 139 -4.67 25.22 49.90
N GLU D 140 -5.01 25.41 51.18
CA GLU D 140 -6.15 24.73 51.80
C GLU D 140 -7.48 25.31 51.29
N ILE D 141 -8.45 24.45 51.01
CA ILE D 141 -9.81 24.90 50.68
C ILE D 141 -10.48 25.43 51.98
N SER D 142 -11.22 26.53 51.86
CA SER D 142 -11.81 27.21 53.02
C SER D 142 -13.04 26.48 53.58
N ALA D 143 -13.22 26.57 54.91
CA ALA D 143 -14.30 25.93 55.68
C ALA D 143 -15.65 25.87 54.96
N SER D 144 -16.06 24.65 54.57
CA SER D 144 -17.19 24.44 53.67
C SER D 144 -18.06 23.26 54.11
N THR D 145 -19.26 23.18 53.54
CA THR D 145 -20.16 22.03 53.72
C THR D 145 -20.02 21.12 52.51
N PRO D 146 -19.62 19.85 52.71
CA PRO D 146 -19.26 19.00 51.57
C PRO D 146 -20.46 18.42 50.83
N LEU D 147 -20.26 18.08 49.58
CA LEU D 147 -21.24 17.32 48.81
C LEU D 147 -20.72 15.91 48.81
N ILE D 148 -21.56 14.94 49.16
CA ILE D 148 -21.16 13.54 49.17
C ILE D 148 -21.72 12.85 47.95
N LEU D 149 -20.87 12.22 47.16
CA LEU D 149 -21.33 11.44 46.02
C LEU D 149 -20.70 10.07 46.06
N GLU D 150 -21.48 9.09 45.60
CA GLU D 150 -20.98 7.76 45.36
C GLU D 150 -19.88 7.87 44.34
N THR D 151 -18.75 7.23 44.63
CA THR D 151 -17.64 7.18 43.72
C THR D 151 -18.01 6.63 42.35
N LYS D 152 -18.77 5.54 42.30
CA LYS D 152 -19.07 4.92 41.01
C LYS D 152 -20.01 5.79 40.20
N LEU D 153 -20.78 6.61 40.89
CA LEU D 153 -21.64 7.58 40.22
C LEU D 153 -20.77 8.58 39.46
N LEU D 154 -19.79 9.15 40.15
CA LEU D 154 -18.89 10.11 39.51
C LEU D 154 -18.13 9.46 38.38
N LYS D 155 -17.61 8.27 38.61
CA LYS D 155 -16.85 7.56 37.60
C LYS D 155 -17.68 7.35 36.33
N LYS D 156 -18.96 7.08 36.50
CA LYS D 156 -19.87 6.89 35.40
C LYS D 156 -20.08 8.21 34.65
N ILE D 157 -20.38 9.29 35.40
CA ILE D 157 -20.53 10.63 34.80
C ILE D 157 -19.26 10.99 33.97
N ILE D 158 -18.09 10.70 34.53
CA ILE D 158 -16.82 10.98 33.87
C ILE D 158 -16.65 10.13 32.60
N ASN D 159 -16.99 8.85 32.63
CA ASN D 159 -16.86 8.06 31.41
C ASN D 159 -17.84 8.48 30.31
N GLU D 160 -18.97 9.05 30.70
CA GLU D 160 -20.00 9.41 29.76
C GLU D 160 -19.81 10.81 29.16
N THR D 161 -19.01 11.67 29.79
CA THR D 161 -18.93 13.06 29.34
C THR D 161 -17.54 13.59 29.01
N ALA D 162 -16.51 13.16 29.75
CA ALA D 162 -15.20 13.83 29.71
C ALA D 162 -14.53 13.81 28.35
N PHE D 163 -14.76 12.76 27.57
CA PHE D 163 -14.19 12.64 26.23
C PHE D 163 -14.76 13.68 25.22
N ALA D 164 -15.88 14.31 25.54
CA ALA D 164 -16.46 15.30 24.64
C ALA D 164 -15.79 16.69 24.78
N ALA D 165 -15.00 16.88 25.82
CA ALA D 165 -14.35 18.16 26.03
C ALA D 165 -13.20 18.27 25.07
N SER D 166 -12.83 19.52 24.79
CA SER D 166 -11.76 19.81 23.89
C SER D 166 -10.40 19.39 24.43
N THR D 167 -9.53 19.01 23.52
CA THR D 167 -8.18 18.63 23.85
C THR D 167 -7.16 19.61 23.25
N GLN D 168 -7.60 20.77 22.76
CA GLN D 168 -6.65 21.81 22.39
C GLN D 168 -6.51 22.76 23.58
N GLU D 169 -5.33 22.80 24.17
CA GLU D 169 -5.11 23.55 25.42
C GLU D 169 -5.16 25.06 25.22
N SER D 170 -5.23 25.50 23.96
CA SER D 170 -5.40 26.93 23.65
C SER D 170 -6.79 27.47 24.02
N ARG D 171 -7.78 26.59 24.05
CA ARG D 171 -9.15 26.97 24.33
C ARG D 171 -9.51 26.52 25.75
N PRO D 172 -9.28 27.39 26.75
CA PRO D 172 -9.20 26.90 28.10
C PRO D 172 -10.52 26.24 28.53
N ILE D 173 -11.59 27.05 28.56
CA ILE D 173 -12.85 26.66 29.18
C ILE D 173 -13.42 25.33 28.68
N LEU D 174 -13.31 25.05 27.39
CA LEU D 174 -13.88 23.82 26.83
C LEU D 174 -13.02 22.58 27.06
N THR D 175 -11.83 22.71 27.63
CA THR D 175 -11.07 21.53 28.09
C THR D 175 -11.63 20.95 29.39
N GLY D 176 -12.58 21.65 30.01
CA GLY D 176 -13.23 21.18 31.21
C GLY D 176 -14.63 20.66 31.04
N VAL D 177 -15.14 20.02 32.09
CA VAL D 177 -16.48 19.54 32.14
C VAL D 177 -17.27 20.47 33.07
N HIS D 178 -18.44 20.88 32.62
CA HIS D 178 -19.26 21.81 33.35
C HIS D 178 -20.19 21.02 34.27
N PHE D 179 -20.14 21.33 35.57
CA PHE D 179 -20.96 20.66 36.58
C PHE D 179 -21.86 21.70 37.20
N VAL D 180 -23.16 21.52 37.07
CA VAL D 180 -24.13 22.44 37.65
C VAL D 180 -25.12 21.71 38.55
N LEU D 181 -25.11 22.06 39.83
CA LEU D 181 -26.20 21.65 40.72
C LEU D 181 -27.18 22.79 40.75
N SER D 182 -28.43 22.49 40.42
CA SER D 182 -29.48 23.47 40.32
C SER D 182 -30.70 22.98 41.11
N GLN D 183 -31.39 23.90 41.79
CA GLN D 183 -32.58 23.54 42.57
C GLN D 183 -32.28 22.49 43.65
N HIS D 184 -31.10 22.60 44.25
CA HIS D 184 -30.63 21.73 45.33
C HIS D 184 -30.44 20.23 45.02
N LYS D 185 -31.02 19.72 43.94
CA LYS D 185 -30.95 18.26 43.67
C LYS D 185 -30.63 17.90 42.21
N GLU D 186 -30.70 18.87 41.30
CA GLU D 186 -30.62 18.60 39.88
C GLU D 186 -29.19 18.82 39.34
N LEU D 187 -28.47 17.72 39.15
CA LEU D 187 -27.09 17.79 38.72
C LEU D 187 -27.00 17.56 37.22
N LYS D 188 -26.50 18.55 36.50
CA LYS D 188 -26.24 18.45 35.08
C LYS D 188 -24.72 18.45 34.87
N THR D 189 -24.22 17.57 34.03
CA THR D 189 -22.82 17.62 33.64
C THR D 189 -22.74 17.67 32.12
N VAL D 190 -22.03 18.67 31.60
CA VAL D 190 -21.89 18.84 30.15
C VAL D 190 -20.43 18.99 29.74
N ALA D 191 -20.10 18.38 28.59
CA ALA D 191 -18.83 18.68 27.92
C ALA D 191 -19.01 18.83 26.40
N THR D 192 -18.24 19.74 25.79
CA THR D 192 -18.23 19.89 24.36
C THR D 192 -16.92 20.49 23.87
N ASP D 193 -16.57 20.14 22.65
CA ASP D 193 -15.39 20.68 21.99
C ASP D 193 -15.83 21.55 20.81
N SER D 194 -17.07 22.03 20.89
CA SER D 194 -17.74 22.82 19.83
C SER D 194 -18.12 22.04 18.55
N HIS D 195 -17.76 20.76 18.47
CA HIS D 195 -18.18 19.92 17.34
C HIS D 195 -19.17 18.85 17.75
N ARG D 196 -18.97 18.34 18.95
CA ARG D 196 -19.81 17.33 19.55
C ARG D 196 -19.91 17.59 21.03
N LEU D 197 -20.96 17.02 21.63
CA LEU D 197 -21.33 17.33 23.00
C LEU D 197 -21.87 16.10 23.73
N SER D 198 -21.70 16.10 25.04
CA SER D 198 -22.20 15.02 25.88
C SER D 198 -22.83 15.62 27.13
N GLN D 199 -24.00 15.13 27.49
CA GLN D 199 -24.76 15.66 28.62
C GLN D 199 -25.41 14.52 29.37
N LYS D 200 -25.07 14.41 30.65
CA LYS D 200 -25.79 13.55 31.58
C LYS D 200 -26.42 14.43 32.64
N LYS D 201 -27.71 14.20 32.90
CA LYS D 201 -28.44 14.85 33.98
C LYS D 201 -28.90 13.82 35.01
N LEU D 202 -28.91 14.22 36.28
CA LEU D 202 -29.26 13.35 37.41
C LEU D 202 -30.07 14.09 38.43
N THR D 203 -30.83 13.33 39.23
CA THR D 203 -31.41 13.86 40.45
C THR D 203 -30.68 13.20 41.62
N LEU D 204 -30.07 14.03 42.46
CA LEU D 204 -29.44 13.55 43.67
C LEU D 204 -30.55 13.13 44.64
N GLU D 205 -30.26 12.13 45.45
CA GLU D 205 -31.25 11.63 46.42
C GLU D 205 -31.55 12.66 47.51
N LYS D 206 -30.49 13.33 47.98
CA LYS D 206 -30.58 14.35 49.03
C LYS D 206 -30.14 15.72 48.47
N ASN D 207 -30.70 16.78 49.05
CA ASN D 207 -30.45 18.15 48.62
C ASN D 207 -29.03 18.56 48.94
N SER D 208 -28.58 19.64 48.31
CA SER D 208 -27.27 20.23 48.60
C SER D 208 -27.28 21.66 48.09
N ASP D 209 -26.30 22.46 48.51
CA ASP D 209 -26.20 23.82 47.99
C ASP D 209 -25.89 23.84 46.48
N ASP D 210 -26.64 24.64 45.73
CA ASP D 210 -26.41 24.86 44.30
C ASP D 210 -24.95 25.21 44.04
N PHE D 211 -24.43 24.80 42.88
CA PHE D 211 -23.07 25.17 42.46
C PHE D 211 -22.94 25.14 40.93
N ASP D 212 -21.91 25.81 40.43
CA ASP D 212 -21.68 25.93 39.00
C ASP D 212 -20.19 26.04 38.80
N VAL D 213 -19.56 24.95 38.38
CA VAL D 213 -18.10 24.91 38.28
C VAL D 213 -17.70 24.31 36.95
N VAL D 214 -16.43 24.43 36.59
CA VAL D 214 -15.90 23.79 35.38
C VAL D 214 -14.59 23.10 35.72
N ILE D 215 -14.61 21.78 35.81
CA ILE D 215 -13.45 20.99 36.22
C ILE D 215 -12.66 20.49 35.02
N PRO D 216 -11.33 20.70 34.98
CA PRO D 216 -10.54 20.23 33.83
C PRO D 216 -10.75 18.77 33.58
N SER D 217 -10.88 18.38 32.32
CA SER D 217 -11.13 16.96 32.00
C SER D 217 -10.02 16.02 32.41
N ARG D 218 -8.76 16.45 32.36
CA ARG D 218 -7.67 15.52 32.71
C ARG D 218 -7.63 15.32 34.22
N SER D 219 -8.11 16.31 34.97
CA SER D 219 -8.27 16.14 36.42
C SER D 219 -9.34 15.10 36.72
N LEU D 220 -10.42 15.11 35.95
CA LEU D 220 -11.47 14.09 36.14
C LEU D 220 -10.95 12.71 35.75
N ARG D 221 -10.11 12.62 34.75
CA ARG D 221 -9.53 11.32 34.37
C ARG D 221 -8.61 10.80 35.48
N GLU D 222 -7.90 11.70 36.16
CA GLU D 222 -7.10 11.28 37.30
C GLU D 222 -7.94 10.89 38.51
N PHE D 223 -9.08 11.55 38.71
CA PHE D 223 -9.98 11.20 39.82
C PHE D 223 -10.32 9.71 39.75
N SER D 224 -10.66 9.24 38.56
CA SER D 224 -11.03 7.85 38.33
C SER D 224 -9.89 6.85 38.60
N ALA D 225 -8.65 7.31 38.49
CA ALA D 225 -7.49 6.47 38.78
C ALA D 225 -7.06 6.54 40.26
N VAL D 226 -7.22 7.70 40.90
CA VAL D 226 -6.90 7.83 42.32
C VAL D 226 -7.87 7.08 43.23
N PHE D 227 -9.15 7.20 42.96
CA PHE D 227 -10.17 6.63 43.83
C PHE D 227 -10.63 5.32 43.26
N THR D 228 -10.00 4.26 43.75
CA THR D 228 -10.36 2.89 43.44
C THR D 228 -11.72 2.52 44.05
N ASP D 229 -12.26 1.39 43.65
CA ASP D 229 -13.66 1.05 43.96
C ASP D 229 -13.97 0.64 45.41
N ASP D 230 -12.96 0.44 46.23
CA ASP D 230 -13.18 0.21 47.66
C ASP D 230 -13.62 1.48 48.41
N ILE D 231 -13.41 2.64 47.79
CA ILE D 231 -13.81 3.93 48.36
C ILE D 231 -15.18 4.27 47.79
N GLU D 232 -16.24 3.96 48.54
CA GLU D 232 -17.60 4.03 48.00
C GLU D 232 -18.11 5.45 47.82
N THR D 233 -17.78 6.33 48.75
CA THR D 233 -18.14 7.73 48.63
C THR D 233 -16.92 8.62 48.77
N VAL D 234 -17.09 9.84 48.30
CA VAL D 234 -16.11 10.87 48.49
C VAL D 234 -16.84 12.17 48.93
N GLU D 235 -16.19 12.93 49.80
CA GLU D 235 -16.63 14.25 50.19
C GLU D 235 -16.04 15.27 49.22
N ILE D 236 -16.87 16.16 48.70
CA ILE D 236 -16.43 17.19 47.76
C ILE D 236 -16.61 18.57 48.39
N PHE D 237 -15.53 19.34 48.45
CA PHE D 237 -15.56 20.72 48.95
C PHE D 237 -15.26 21.71 47.83
N PHE D 238 -16.05 22.78 47.74
CA PHE D 238 -15.92 23.77 46.68
C PHE D 238 -15.25 25.03 47.20
N ALA D 239 -14.41 25.62 46.37
CA ALA D 239 -13.97 27.02 46.48
C ALA D 239 -14.06 27.70 45.10
N ASN D 240 -13.76 29.00 45.03
CA ASN D 240 -13.83 29.70 43.74
C ASN D 240 -12.86 29.13 42.71
N ASN D 241 -11.64 28.80 43.17
CA ASN D 241 -10.52 28.46 42.30
C ASN D 241 -10.17 26.97 42.30
N GLN D 242 -10.80 26.19 43.19
CA GLN D 242 -10.46 24.78 43.30
C GLN D 242 -11.51 23.91 43.96
N ILE D 243 -11.44 22.61 43.69
CA ILE D 243 -12.33 21.61 44.29
C ILE D 243 -11.44 20.59 45.01
N LEU D 244 -11.92 20.06 46.14
CA LEU D 244 -11.27 18.97 46.84
C LEU D 244 -12.21 17.76 46.86
N PHE D 245 -11.75 16.62 46.34
CA PHE D 245 -12.41 15.33 46.55
C PHE D 245 -11.63 14.61 47.63
N ARG D 246 -12.26 14.25 48.74
CA ARG D 246 -11.54 13.69 49.88
C ARG D 246 -12.18 12.40 50.33
N SER D 247 -11.38 11.36 50.48
CA SER D 247 -11.83 10.11 51.10
C SER D 247 -11.14 10.02 52.44
N GLU D 248 -11.19 8.87 53.07
CA GLU D 248 -10.64 8.78 54.40
C GLU D 248 -9.14 9.01 54.36
N ASN D 249 -8.47 8.42 53.38
CA ASN D 249 -6.99 8.45 53.35
C ASN D 249 -6.36 9.33 52.28
N ILE D 250 -7.15 9.81 51.34
CA ILE D 250 -6.66 10.56 50.21
C ILE D 250 -7.39 11.90 50.09
N SER D 251 -6.62 12.97 49.87
CA SER D 251 -7.18 14.27 49.44
C SER D 251 -6.68 14.62 48.05
N PHE D 252 -7.60 14.91 47.14
CA PHE D 252 -7.30 15.15 45.74
C PHE D 252 -7.77 16.54 45.43
N TYR D 253 -6.84 17.48 45.32
CA TYR D 253 -7.24 18.86 44.91
C TYR D 253 -7.05 19.10 43.42
N THR D 254 -7.92 19.89 42.84
CA THR D 254 -7.74 20.32 41.47
C THR D 254 -8.08 21.78 41.31
N ARG D 255 -7.40 22.43 40.38
CA ARG D 255 -7.75 23.77 39.95
C ARG D 255 -9.04 23.69 39.17
N LEU D 256 -9.82 24.75 39.27
CA LEU D 256 -10.99 24.94 38.43
C LEU D 256 -10.65 25.87 37.27
N LEU D 257 -11.31 25.66 36.14
CA LEU D 257 -11.29 26.66 35.06
C LEU D 257 -12.31 27.72 35.39
N GLU D 258 -11.86 28.95 35.50
CA GLU D 258 -12.75 30.08 35.58
C GLU D 258 -12.98 30.60 34.17
N GLY D 259 -14.02 31.41 34.03
CA GLY D 259 -14.53 31.78 32.73
C GLY D 259 -15.98 31.34 32.63
N ASN D 260 -16.70 31.90 31.67
CA ASN D 260 -18.09 31.54 31.45
C ASN D 260 -18.15 30.37 30.48
N TYR D 261 -18.69 29.25 30.95
CA TYR D 261 -18.96 28.13 30.07
C TYR D 261 -20.16 28.51 29.16
N PRO D 262 -20.17 28.10 27.87
CA PRO D 262 -21.27 28.52 26.98
C PRO D 262 -22.65 27.96 27.37
N ASP D 263 -23.72 28.67 27.01
CA ASP D 263 -25.11 28.21 27.22
C ASP D 263 -25.39 27.09 26.23
N THR D 264 -25.09 25.87 26.68
CA THR D 264 -25.28 24.65 25.90
C THR D 264 -26.74 24.27 25.78
N ASP D 265 -27.57 24.62 26.76
CA ASP D 265 -28.97 24.20 26.77
C ASP D 265 -29.73 24.75 25.58
N ARG D 266 -29.24 25.82 24.99
CA ARG D 266 -29.82 26.37 23.77
C ARG D 266 -29.08 25.86 22.54
N LEU D 267 -28.55 24.63 22.57
CA LEU D 267 -27.89 24.05 21.39
C LEU D 267 -28.49 22.72 20.96
N ILE D 268 -29.36 22.16 21.80
CA ILE D 268 -29.94 20.85 21.58
C ILE D 268 -31.35 21.02 21.04
N PRO D 269 -31.60 20.57 19.80
CA PRO D 269 -32.92 20.76 19.24
C PRO D 269 -33.94 19.87 19.93
N THR D 270 -35.20 20.34 19.96
CA THR D 270 -36.32 19.63 20.59
C THR D 270 -37.35 19.12 19.56
N ASP D 271 -37.05 19.26 18.26
CA ASP D 271 -37.93 18.76 17.17
C ASP D 271 -37.09 18.14 16.05
N PHE D 272 -37.53 16.98 15.55
CA PHE D 272 -36.76 16.19 14.57
C PHE D 272 -37.60 15.70 13.40
N ASN D 273 -36.96 15.44 12.26
CA ASN D 273 -37.65 14.95 11.06
C ASN D 273 -37.35 13.51 10.71
N THR D 274 -36.33 12.94 11.34
CA THR D 274 -35.88 11.59 11.07
C THR D 274 -35.32 10.97 12.34
N THR D 275 -35.58 9.68 12.55
CA THR D 275 -34.95 8.92 13.64
C THR D 275 -34.62 7.51 13.13
N ILE D 276 -33.56 6.93 13.68
CA ILE D 276 -33.17 5.58 13.37
C ILE D 276 -32.72 4.90 14.65
N THR D 277 -33.11 3.64 14.83
CA THR D 277 -32.70 2.90 16.03
C THR D 277 -31.82 1.72 15.60
N PHE D 278 -30.57 1.75 16.05
CA PHE D 278 -29.54 0.81 15.63
C PHE D 278 -29.12 -0.11 16.77
N ASN D 279 -28.66 -1.32 16.45
CA ASN D 279 -27.84 -2.05 17.40
C ASN D 279 -26.48 -1.32 17.55
N VAL D 280 -26.06 -1.12 18.80
CA VAL D 280 -24.91 -0.30 19.10
C VAL D 280 -23.63 -0.93 18.59
N VAL D 281 -23.44 -2.21 18.90
CA VAL D 281 -22.25 -2.93 18.48
C VAL D 281 -22.20 -2.87 16.98
N ASN D 282 -23.25 -3.30 16.31
CA ASN D 282 -23.26 -3.28 14.86
C ASN D 282 -22.96 -1.92 14.28
N LEU D 283 -23.62 -0.86 14.76
CA LEU D 283 -23.33 0.46 14.22
C LEU D 283 -21.87 0.89 14.47
N ARG D 284 -21.36 0.65 15.67
CA ARG D 284 -19.96 0.97 15.95
C ARG D 284 -19.03 0.23 14.97
N GLN D 285 -19.33 -1.01 14.67
CA GLN D 285 -18.49 -1.80 13.78
C GLN D 285 -18.62 -1.34 12.34
N SER D 286 -19.78 -0.79 12.00
CA SER D 286 -19.96 -0.17 10.69
C SER D 286 -19.11 1.08 10.61
N GLU D 288 -16.49 1.90 12.19
CA GLU D 288 -15.05 1.62 12.19
C GLU D 288 -14.55 1.23 10.81
N ARG D 289 -15.32 0.48 10.05
CA ARG D 289 -14.97 0.28 8.64
C ARG D 289 -14.88 1.62 7.90
N ALA D 290 -15.93 2.40 8.02
CA ALA D 290 -15.99 3.70 7.37
C ALA D 290 -14.77 4.58 7.73
N ARG D 291 -14.40 4.58 9.01
CA ARG D 291 -13.24 5.36 9.43
C ARG D 291 -11.90 4.86 8.88
N LEU D 292 -11.74 3.57 8.64
CA LEU D 292 -10.50 3.11 8.01
C LEU D 292 -10.24 3.85 6.70
N LEU D 293 -11.27 3.97 5.88
CA LEU D 293 -11.13 4.59 4.58
C LEU D 293 -11.20 6.09 4.64
N SER D 294 -12.02 6.62 5.55
CA SER D 294 -12.19 8.05 5.65
C SER D 294 -10.95 8.70 6.27
N SER D 295 -10.17 7.94 7.03
CA SER D 295 -8.96 8.49 7.65
C SER D 295 -7.86 8.72 6.63
N ALA D 296 -8.09 8.32 5.37
CA ALA D 296 -7.17 8.60 4.27
C ALA D 296 -7.08 10.10 3.93
N THR D 297 -8.22 10.77 3.82
CA THR D 297 -8.27 12.24 3.77
C THR D 297 -8.22 12.79 5.20
N GLN D 298 -7.54 13.93 5.41
CA GLN D 298 -7.54 14.62 6.71
C GLN D 298 -8.93 15.25 7.01
N ASN D 299 -9.66 15.56 5.94
CA ASN D 299 -11.06 16.05 6.04
C ASN D 299 -12.11 14.92 6.10
N GLY D 300 -11.72 13.75 6.59
CA GLY D 300 -12.43 12.51 6.36
C GLY D 300 -13.75 12.32 7.08
N THR D 301 -14.83 12.35 6.31
CA THR D 301 -16.16 12.13 6.82
C THR D 301 -16.73 10.84 6.30
N VAL D 302 -17.79 10.39 6.97
CA VAL D 302 -18.66 9.35 6.45
C VAL D 302 -19.99 9.96 6.02
N LYS D 303 -20.53 9.45 4.92
CA LYS D 303 -21.83 9.84 4.41
C LYS D 303 -22.82 8.76 4.79
N LEU D 304 -23.87 9.16 5.51
CA LEU D 304 -24.98 8.27 5.80
C LEU D 304 -26.11 8.61 4.84
N GLU D 305 -26.64 7.60 4.16
CA GLU D 305 -27.72 7.78 3.20
C GLU D 305 -28.98 7.08 3.72
N ILE D 306 -30.05 7.83 3.97
CA ILE D 306 -31.29 7.25 4.46
C ILE D 306 -32.38 7.41 3.40
N LYS D 307 -32.73 6.32 2.72
CA LYS D 307 -33.64 6.37 1.58
C LYS D 307 -34.76 5.31 1.63
N ASP D 308 -35.99 5.78 1.84
CA ASP D 308 -37.17 4.91 2.02
C ASP D 308 -36.93 3.83 3.10
N GLY D 309 -36.29 4.23 4.19
CA GLY D 309 -36.03 3.33 5.33
C GLY D 309 -34.70 2.57 5.29
N VAL D 310 -34.00 2.67 4.16
CA VAL D 310 -32.73 1.98 3.97
C VAL D 310 -31.61 2.91 4.39
N VAL D 311 -30.75 2.43 5.26
CA VAL D 311 -29.63 3.21 5.74
C VAL D 311 -28.40 2.59 5.17
N SER D 312 -27.54 3.40 4.57
CA SER D 312 -26.27 2.90 4.09
C SER D 312 -25.19 3.94 4.30
N ALA D 313 -23.97 3.47 4.60
CA ALA D 313 -22.84 4.35 4.83
C ALA D 313 -21.93 4.36 3.62
N HIS D 314 -21.32 5.52 3.35
CA HIS D 314 -20.54 5.71 2.13
C HIS D 314 -19.30 6.55 2.36
N VAL D 315 -18.14 6.01 1.96
CA VAL D 315 -16.90 6.75 1.99
C VAL D 315 -16.23 6.64 0.64
N HIS D 316 -15.60 7.72 0.19
CA HIS D 316 -14.82 7.67 -1.04
C HIS D 316 -13.50 8.39 -0.87
N SER D 317 -12.40 7.63 -0.86
CA SER D 317 -11.06 8.22 -0.84
C SER D 317 -10.43 8.01 -2.20
N PRO D 318 -10.25 9.11 -2.96
CA PRO D 318 -9.69 8.98 -4.31
C PRO D 318 -8.36 8.23 -4.31
N GLU D 319 -8.19 7.34 -5.30
CA GLU D 319 -6.99 6.47 -5.42
C GLU D 319 -6.60 5.69 -4.13
N VAL D 320 -7.56 5.46 -3.23
CA VAL D 320 -7.37 4.56 -2.10
C VAL D 320 -8.42 3.47 -2.09
N GLY D 321 -9.69 3.84 -2.14
CA GLY D 321 -10.78 2.89 -2.23
C GLY D 321 -12.09 3.51 -1.80
N LYS D 322 -13.13 2.71 -1.68
CA LYS D 322 -14.41 3.21 -1.17
C LYS D 322 -15.18 2.16 -0.35
N VAL D 323 -16.04 2.65 0.53
CA VAL D 323 -16.92 1.81 1.29
C VAL D 323 -18.34 2.10 0.84
N ASN D 324 -19.08 1.03 0.54
CA ASN D 324 -20.55 1.13 0.43
C ASN D 324 -21.13 0.00 1.24
N GLU D 325 -21.88 0.37 2.28
CA GLU D 325 -22.37 -0.60 3.24
C GLU D 325 -23.80 -0.28 3.64
N GLU D 326 -24.70 -1.24 3.42
CA GLU D 326 -26.04 -1.18 3.97
C GLU D 326 -25.93 -1.56 5.43
N ILE D 327 -26.70 -0.91 6.31
CA ILE D 327 -26.58 -1.10 7.75
C ILE D 327 -27.91 -1.49 8.37
N ASP D 328 -27.94 -2.68 8.98
CA ASP D 328 -29.14 -3.21 9.61
C ASP D 328 -29.70 -2.28 10.68
N THR D 329 -31.01 -2.37 10.90
CA THR D 329 -31.69 -1.36 11.69
C THR D 329 -32.91 -1.94 12.42
N ASP D 330 -33.16 -1.44 13.63
CA ASP D 330 -34.36 -1.84 14.39
C ASP D 330 -35.57 -1.01 13.99
N GLN D 331 -35.37 0.22 13.54
CA GLN D 331 -36.47 1.12 13.21
C GLN D 331 -35.99 2.41 12.54
N VAL D 332 -36.67 2.79 11.46
CA VAL D 332 -36.44 4.06 10.78
C VAL D 332 -37.75 4.85 10.70
N THR D 333 -37.67 6.17 10.89
CA THR D 333 -38.87 6.99 11.00
C THR D 333 -38.63 8.33 10.33
N GLY D 334 -39.67 8.92 9.77
CA GLY D 334 -39.58 10.25 9.22
C GLY D 334 -39.01 10.28 7.81
N GLU D 335 -38.37 11.40 7.48
CA GLU D 335 -38.02 11.69 6.09
C GLU D 335 -36.66 11.15 5.69
N ASP D 336 -36.42 11.12 4.39
CA ASP D 336 -35.10 10.74 3.85
C ASP D 336 -34.09 11.77 4.29
N LEU D 337 -32.82 11.39 4.23
CA LEU D 337 -31.76 12.28 4.63
C LEU D 337 -30.43 11.73 4.19
N THR D 338 -29.61 12.59 3.59
CA THR D 338 -28.20 12.31 3.40
C THR D 338 -27.45 13.29 4.26
N ILE D 339 -26.60 12.76 5.13
CA ILE D 339 -25.85 13.59 6.07
C ILE D 339 -24.44 13.02 6.23
N SER D 340 -23.47 13.89 6.45
CA SER D 340 -22.06 13.51 6.56
C SER D 340 -21.48 14.03 7.87
N PHE D 341 -20.58 13.25 8.47
CA PHE D 341 -20.03 13.59 9.77
C PHE D 341 -18.73 12.85 10.01
N ASN D 342 -18.00 13.30 11.04
CA ASN D 342 -16.78 12.64 11.46
C ASN D 342 -17.13 11.33 12.16
N PRO D 343 -16.75 10.19 11.58
CA PRO D 343 -17.15 8.91 12.16
C PRO D 343 -16.57 8.66 13.58
N THR D 344 -15.39 9.23 13.86
CA THR D 344 -14.80 9.16 15.18
C THR D 344 -15.74 9.69 16.25
N TYR D 345 -16.47 10.75 15.94
CA TYR D 345 -17.45 11.30 16.88
C TYR D 345 -18.58 10.32 17.15
N LEU D 346 -19.04 9.65 16.11
CA LEU D 346 -20.09 8.67 16.29
C LEU D 346 -19.58 7.51 17.12
N ILE D 347 -18.37 7.06 16.85
CA ILE D 347 -17.83 5.97 17.62
C ILE D 347 -17.67 6.32 19.12
N ASP D 348 -17.08 7.48 19.44
CA ASP D 348 -16.92 7.88 20.85
C ASP D 348 -18.28 7.98 21.56
N SER D 349 -19.31 8.44 20.84
CA SER D 349 -20.66 8.49 21.41
C SER D 349 -21.19 7.13 21.76
N LEU D 350 -20.90 6.16 20.89
CA LEU D 350 -21.40 4.79 21.05
C LEU D 350 -20.68 4.04 22.16
N LYS D 351 -19.36 4.21 22.26
CA LYS D 351 -18.56 3.58 23.29
C LYS D 351 -18.96 4.04 24.69
N ALA D 352 -19.52 5.23 24.80
CA ALA D 352 -19.99 5.76 26.07
C ALA D 352 -21.33 5.17 26.46
N LEU D 353 -22.03 4.55 25.53
CA LEU D 353 -23.32 3.92 25.85
C LEU D 353 -23.14 2.55 26.50
N ASN D 354 -24.07 2.19 27.40
CA ASN D 354 -24.13 0.85 28.01
C ASN D 354 -25.33 0.04 27.53
N SER D 355 -26.14 0.63 26.66
CA SER D 355 -27.35 -0.01 26.18
C SER D 355 -27.09 -0.80 24.90
N GLU D 356 -27.90 -1.83 24.66
CA GLU D 356 -27.82 -2.63 23.45
C GLU D 356 -28.28 -1.84 22.22
N LYS D 357 -29.09 -0.80 22.41
CA LYS D 357 -29.60 -0.07 21.28
C LYS D 357 -29.46 1.44 21.48
N VAL D 358 -29.43 2.14 20.35
CA VAL D 358 -29.27 3.59 20.33
C VAL D 358 -30.27 4.20 19.35
N THR D 359 -30.81 5.36 19.71
CA THR D 359 -31.72 6.08 18.87
C THR D 359 -31.12 7.43 18.51
N ILE D 360 -31.05 7.68 17.20
CA ILE D 360 -30.41 8.86 16.64
C ILE D 360 -31.44 9.70 15.90
N SER D 361 -31.49 11.00 16.18
CA SER D 361 -32.54 11.87 15.68
C SER D 361 -31.96 13.07 14.93
N PHE D 362 -32.45 13.29 13.70
CA PHE D 362 -31.92 14.31 12.80
C PHE D 362 -32.95 15.36 12.47
N ILE D 363 -32.52 16.59 12.22
CA ILE D 363 -33.39 17.65 11.70
C ILE D 363 -33.10 17.88 10.21
N SER D 364 -31.82 18.03 9.87
CA SER D 364 -31.39 18.29 8.50
C SER D 364 -29.93 17.87 8.30
N ALA D 365 -29.45 17.92 7.07
CA ALA D 365 -28.08 17.54 6.79
C ALA D 365 -27.04 18.52 7.35
N VAL D 366 -27.48 19.70 7.79
CA VAL D 366 -26.56 20.76 8.21
C VAL D 366 -26.68 21.18 9.68
N ARG D 367 -27.60 20.57 10.43
CA ARG D 367 -27.75 20.85 11.86
C ARG D 367 -27.35 19.63 12.69
N PRO D 368 -26.96 19.85 13.96
CA PRO D 368 -26.55 18.77 14.83
C PRO D 368 -27.61 17.71 15.03
N PHE D 369 -27.21 16.49 15.33
CA PHE D 369 -28.14 15.41 15.61
C PHE D 369 -27.83 14.74 16.96
N THR D 370 -28.84 14.11 17.56
CA THR D 370 -28.76 13.63 18.94
C THR D 370 -28.70 12.11 19.00
N LEU D 371 -28.11 11.61 20.09
CA LEU D 371 -27.98 10.17 20.35
C LEU D 371 -28.37 9.94 21.77
N VAL D 372 -29.25 8.99 21.99
CA VAL D 372 -29.64 8.61 23.34
C VAL D 372 -29.66 7.11 23.40
N PRO D 373 -29.45 6.57 24.59
CA PRO D 373 -29.65 5.17 24.77
C PRO D 373 -31.13 4.90 24.63
N ALA D 374 -31.51 3.90 23.84
CA ALA D 374 -32.91 3.61 23.56
C ALA D 374 -33.54 2.80 24.68
N ASP D 375 -34.82 3.07 24.92
CA ASP D 375 -35.61 2.33 25.91
C ASP D 375 -34.94 2.29 27.29
N THR D 376 -34.57 3.47 27.81
CA THR D 376 -34.07 3.60 29.19
C THR D 376 -34.58 4.89 29.85
N ASP D 377 -34.61 4.87 31.19
CA ASP D 377 -34.96 6.05 32.00
C ASP D 377 -33.78 7.05 32.15
N GLU D 378 -32.69 6.86 31.39
CA GLU D 378 -31.42 7.57 31.65
C GLU D 378 -31.34 8.87 30.88
N ASP D 379 -31.13 9.98 31.57
CA ASP D 379 -31.10 11.29 30.91
C ASP D 379 -29.68 11.63 30.50
N PHE D 380 -29.25 10.91 29.47
CA PHE D 380 -27.90 10.93 28.98
C PHE D 380 -28.00 11.11 27.50
N GLN D 382 -26.33 12.93 23.66
CA GLN D 382 -25.18 13.45 22.96
C GLN D 382 -25.63 14.20 21.71
N LEU D 383 -24.69 14.90 21.10
CA LEU D 383 -24.95 15.81 19.99
C LEU D 383 -23.72 15.75 19.10
N ILE D 384 -23.93 15.62 17.80
CA ILE D 384 -22.86 15.67 16.83
C ILE D 384 -23.21 16.65 15.69
N THR D 385 -22.27 17.53 15.36
CA THR D 385 -22.44 18.49 14.29
C THR D 385 -21.93 17.87 13.00
N PRO D 386 -22.79 17.77 11.97
CA PRO D 386 -22.37 17.21 10.68
C PRO D 386 -21.54 18.20 9.89
N VAL D 387 -21.13 17.81 8.68
CA VAL D 387 -20.30 18.65 7.81
C VAL D 387 -20.98 18.84 6.45
N ARG D 388 -21.02 20.08 5.96
CA ARG D 388 -21.69 20.39 4.68
C ARG D 388 -21.30 19.45 3.53
#